data_8YLU
#
_entry.id   8YLU
#
loop_
_entity.id
_entity.type
_entity.pdbx_description
1 polymer 'DNA topoisomerase medium subunit'
2 polymer 'DNA topoisomerase (ATP-hydrolyzing)'
3 polymer "DNA(5'-D(P*TP*GP*TP*GP*TP*GP*TP*AP*TP*AP*TP*AP*TP*AP*CP*AP*CP*AP*TP*AP*TP*AP))"
4 polymer "DNA (5'-D(P*TP*AP*TP*AP*TP*GP*TP*GP*TP*AP*TP*AP*TP*AP*TP*AP*CP*AP*CP*AP*CP*A)-3')"
5 non-polymer 'MAGNESIUM ION'
#
loop_
_entity_poly.entity_id
_entity_poly.type
_entity_poly.pdbx_seq_one_letter_code
_entity_poly.pdbx_strand_id
1 'polypeptide(L)'
;MQLNNRDLKSIIDNEALAYAMYTVENRAIPNMIDGFKPVQRFVIARALDLARGNKDKFHKLASIAGGVADLGYHHGENSA
QDAGALMANTWNNNFPLLDGQGNFGSRTVQKAAASRYIFARVSKNFYNVYKDTEYAPVHQDKEHIPPAFYLPIIPTVLLN
GVSGIATGYATYILPHSVSSVKKAVLQALQGKKVTKPKVEFPEFRGEVVEIDGQYEIRGTYKFTSRTQMHITEIPYKYDR
ETYVSKILDPLENKGFITWDDACGEHGFGFKVKFRKEYSLSDNEEERHAKIMKDFGLIERRSQNITVINEKGKLQVYDNV
VDLIKDFVEVRKTYVQKRIDNKIKETESAFRLAFAKAHFIKKVISGEIVVQGKTRKELTEELSKIDMYSSYVDKLVGMNI
FHMTSDEAKKLAEEAKAKKEENEYWKTTDVVTEYTKDLEEIKHHHHHHHHHH
;
A,B
2 'polypeptide(L)'
;MIKNEIKILSDIEHIKKRSGMYIGSSANEMHERFLFGKWESVQYVPGLVKLIDEIIDNSVDEGIRTKFKFANKINVTIKN
NQVTVEDNGRGIPQAMVKTPTGEEIPGPVAAWTIPKAGGNFGDDKERVTGGMNGVGSSLTNIFSVMFVGETGDGQNNIVV
RCSNGMENKSWETIPGKWKGTRVTFIPDFMSFETNELSQVYLDITLDRLQTLAVVYPDIQFTFNGKKVQGNFKKYARQYD
EHAIVQEQENCSIAVGRSPDGFRQLTYVNNIHTKNGGHHIDCVMDDICEDLIPQIKRKFKIDVTKARVKECLTIVMFVRD
MKNMRFDSQTKERLTSPFGEIRSHIQLDAKKISRAILNNEAILMPIIEAALARKLAAEKAAETKAAKKASKAKVHKHIKA
NLCGKDADTTLFLTEGDSAIGYLIDVRDKELHGGYPLRGKVLNSWGMSYADMLKNKELFDICAITGLVLGEKAENLNYHN
IAIMTDADHDGLGSIYPSLLGFFSNWPELFEQGRIRFVKTPVIIAHVGKKQEWFYTVAEYESAKDALPKHSIRYIKGLGS
LEKSEYREMIQNPVYDVVKLPENWKELFEMLMGDNADLRKEWMSQHHHHHH
;
C,D
3 'polydeoxyribonucleotide'
;(DT)(DG)(DT)(DG)(DT)(DG)(DT)(DA)(DT)(DA)(DT)(DA)(DT)(DA)(DC)(DA)(DC)(DA)(DT)(DA)
(DT)(DA)
;
E
4 'polydeoxyribonucleotide'
;(DT)(DA)(DT)(DA)(DT)(DG)(DT)(DG)(DT)(DA)(DT)(DA)(DT)(DA)(DT)(DA)(DC)(DA)(DC)(DA)
(DC)(DA)
;
F
#
# COMPACT_ATOMS: atom_id res chain seq x y z
N MET A 1 -25.58 11.50 27.98
CA MET A 1 -24.26 11.71 28.57
C MET A 1 -24.12 10.95 29.88
N GLN A 2 -23.11 10.09 29.95
CA GLN A 2 -22.84 9.28 31.14
C GLN A 2 -21.53 9.71 31.76
N LEU A 3 -21.53 9.82 33.10
CA LEU A 3 -20.35 10.21 33.86
C LEU A 3 -20.07 9.13 34.90
N ASN A 4 -19.05 8.31 34.66
CA ASN A 4 -18.68 7.24 35.57
C ASN A 4 -17.27 7.47 36.08
N ASN A 5 -17.09 7.38 37.40
CA ASN A 5 -15.78 7.51 37.99
C ASN A 5 -14.92 6.29 37.66
N ARG A 6 -13.65 6.54 37.33
CA ARG A 6 -12.73 5.46 36.96
C ARG A 6 -11.39 5.76 37.61
N ASP A 7 -11.03 4.99 38.64
CA ASP A 7 -9.77 5.19 39.32
C ASP A 7 -8.61 4.82 38.40
N LEU A 8 -7.46 5.48 38.62
CA LEU A 8 -6.29 5.23 37.78
C LEU A 8 -5.78 3.80 37.94
N LYS A 9 -6.02 3.18 39.09
CA LYS A 9 -5.59 1.80 39.30
C LYS A 9 -6.26 0.86 38.31
N SER A 10 -7.57 1.04 38.08
CA SER A 10 -8.27 0.20 37.11
C SER A 10 -7.72 0.40 35.71
N ILE A 11 -7.46 1.65 35.32
CA ILE A 11 -6.92 1.93 33.99
C ILE A 11 -5.58 1.25 33.82
N ILE A 12 -4.69 1.40 34.80
CA ILE A 12 -3.35 0.83 34.70
C ILE A 12 -3.40 -0.70 34.72
N ASP A 13 -4.31 -1.27 35.51
CA ASP A 13 -4.38 -2.71 35.62
C ASP A 13 -5.13 -3.39 34.49
N ASN A 14 -5.89 -2.63 33.68
CA ASN A 14 -6.59 -3.23 32.55
C ASN A 14 -6.01 -2.79 31.22
N GLU A 15 -6.05 -1.49 30.90
CA GLU A 15 -5.69 -1.05 29.56
C GLU A 15 -4.18 -1.04 29.37
N ALA A 16 -3.44 -0.51 30.34
CA ALA A 16 -1.99 -0.49 30.24
C ALA A 16 -1.42 -1.91 30.25
N LEU A 17 -1.98 -2.78 31.11
CA LEU A 17 -1.53 -4.16 31.15
C LEU A 17 -1.83 -4.88 29.85
N ALA A 18 -3.01 -4.63 29.26
CA ALA A 18 -3.34 -5.23 27.98
C ALA A 18 -2.37 -4.78 26.90
N TYR A 19 -2.02 -3.49 26.88
CA TYR A 19 -1.08 -3.01 25.87
C TYR A 19 0.30 -3.61 26.08
N ALA A 20 0.76 -3.72 27.32
CA ALA A 20 2.09 -4.28 27.57
C ALA A 20 2.15 -5.75 27.16
N MET A 21 1.14 -6.53 27.56
CA MET A 21 1.13 -7.93 27.17
C MET A 21 0.95 -8.10 25.67
N TYR A 22 0.23 -7.18 25.02
CA TYR A 22 0.14 -7.22 23.57
C TYR A 22 1.48 -6.94 22.91
N THR A 23 2.21 -5.95 23.40
CA THR A 23 3.53 -5.67 22.84
C THR A 23 4.47 -6.85 23.03
N VAL A 24 4.32 -7.59 24.14
CA VAL A 24 5.17 -8.76 24.36
C VAL A 24 4.76 -9.90 23.44
N GLU A 25 3.51 -10.35 23.54
CA GLU A 25 3.07 -11.59 22.91
C GLU A 25 2.62 -11.43 21.46
N ASN A 26 2.52 -10.21 20.94
CA ASN A 26 1.99 -10.02 19.60
C ASN A 26 2.70 -8.95 18.78
N ARG A 27 3.76 -8.33 19.28
CA ARG A 27 4.46 -7.32 18.49
C ARG A 27 5.93 -7.64 18.25
N ALA A 28 6.70 -7.91 19.31
CA ALA A 28 8.16 -7.85 19.23
C ALA A 28 8.90 -9.12 19.58
N ILE A 29 8.27 -10.05 20.30
CA ILE A 29 8.93 -11.30 20.70
C ILE A 29 8.56 -12.37 19.68
N PRO A 30 9.52 -12.95 18.97
CA PRO A 30 9.19 -13.92 17.92
C PRO A 30 8.73 -15.26 18.50
N ASN A 31 7.96 -15.97 17.70
CA ASN A 31 7.56 -17.32 18.06
C ASN A 31 8.75 -18.26 18.02
N MET A 32 8.76 -19.23 18.94
CA MET A 32 9.90 -20.14 19.02
C MET A 32 9.95 -21.11 17.85
N ILE A 33 8.80 -21.52 17.33
CA ILE A 33 8.76 -22.56 16.30
C ILE A 33 9.21 -21.99 14.96
N ASP A 34 8.47 -21.03 14.43
CA ASP A 34 8.74 -20.50 13.10
C ASP A 34 9.61 -19.26 13.11
N GLY A 35 9.82 -18.63 14.26
CA GLY A 35 10.67 -17.46 14.31
C GLY A 35 10.08 -16.22 13.70
N PHE A 36 8.75 -16.12 13.63
CA PHE A 36 8.06 -15.00 13.03
C PHE A 36 7.46 -14.11 14.12
N LYS A 37 7.72 -12.81 14.02
CA LYS A 37 6.84 -11.86 14.66
C LYS A 37 5.52 -11.83 13.87
N PRO A 38 4.41 -11.46 14.53
CA PRO A 38 3.12 -11.53 13.83
C PRO A 38 3.06 -10.76 12.52
N VAL A 39 3.75 -9.62 12.43
CA VAL A 39 3.76 -8.86 11.18
C VAL A 39 4.44 -9.66 10.08
N GLN A 40 5.53 -10.36 10.42
CA GLN A 40 6.22 -11.17 9.42
C GLN A 40 5.39 -12.37 9.02
N ARG A 41 4.65 -12.96 9.97
CA ARG A 41 3.72 -14.02 9.63
C ARG A 41 2.66 -13.54 8.66
N PHE A 42 2.11 -12.35 8.90
CA PHE A 42 1.11 -11.79 7.98
C PHE A 42 1.71 -11.55 6.61
N VAL A 43 2.93 -10.99 6.56
CA VAL A 43 3.56 -10.69 5.28
C VAL A 43 3.80 -11.97 4.48
N ILE A 44 4.30 -13.01 5.14
CA ILE A 44 4.59 -14.25 4.42
C ILE A 44 3.31 -14.99 4.04
N ALA A 45 2.27 -14.92 4.86
CA ALA A 45 0.98 -15.51 4.47
C ALA A 45 0.42 -14.81 3.24
N ARG A 46 0.49 -13.48 3.21
CA ARG A 46 0.02 -12.74 2.03
C ARG A 46 0.87 -13.07 0.81
N ALA A 47 2.18 -13.21 0.99
CA ALA A 47 3.04 -13.55 -0.14
C ALA A 47 2.73 -14.96 -0.67
N LEU A 48 2.44 -15.90 0.23
CA LEU A 48 2.02 -17.24 -0.20
C LEU A 48 0.71 -17.17 -0.98
N ASP A 49 -0.26 -16.40 -0.49
CA ASP A 49 -1.52 -16.25 -1.21
C ASP A 49 -1.29 -15.64 -2.59
N LEU A 50 -0.39 -14.67 -2.68
CA LEU A 50 -0.07 -14.06 -3.97
C LEU A 50 0.60 -15.05 -4.91
N ALA A 51 1.50 -15.88 -4.38
CA ALA A 51 2.25 -16.84 -5.18
C ALA A 51 1.52 -18.17 -5.35
N ARG A 52 0.25 -18.24 -4.92
CA ARG A 52 -0.55 -19.44 -5.13
C ARG A 52 -0.54 -19.87 -6.60
N GLY A 53 -0.82 -18.93 -7.50
CA GLY A 53 -0.88 -19.25 -8.92
C GLY A 53 0.47 -19.54 -9.53
N ASN A 54 1.32 -18.54 -9.63
CA ASN A 54 2.67 -18.67 -10.17
C ASN A 54 3.67 -18.44 -9.04
N LYS A 55 4.51 -19.43 -8.78
CA LYS A 55 5.43 -19.37 -7.65
C LYS A 55 6.69 -18.56 -7.95
N ASP A 56 6.97 -18.26 -9.22
CA ASP A 56 8.16 -17.51 -9.60
C ASP A 56 7.85 -16.05 -9.90
N LYS A 57 6.60 -15.61 -9.67
CA LYS A 57 6.22 -14.25 -9.95
C LYS A 57 6.67 -13.33 -8.83
N PHE A 58 7.27 -12.20 -9.18
CA PHE A 58 7.67 -11.19 -8.22
C PHE A 58 6.55 -10.18 -8.05
N HIS A 59 6.15 -9.93 -6.81
CA HIS A 59 5.08 -9.02 -6.48
C HIS A 59 5.62 -7.82 -5.73
N LYS A 60 5.12 -6.63 -6.08
CA LYS A 60 5.60 -5.41 -5.45
C LYS A 60 5.30 -5.43 -3.96
N LEU A 61 6.24 -4.89 -3.17
CA LEU A 61 6.08 -4.92 -1.72
C LEU A 61 4.87 -4.13 -1.27
N ALA A 62 4.49 -3.09 -2.02
CA ALA A 62 3.23 -2.40 -1.74
C ALA A 62 2.05 -3.33 -1.91
N SER A 63 2.08 -4.18 -2.94
CA SER A 63 1.00 -5.14 -3.17
C SER A 63 0.93 -6.16 -2.04
N ILE A 64 2.08 -6.61 -1.54
CA ILE A 64 2.09 -7.55 -0.43
C ILE A 64 1.58 -6.90 0.85
N ALA A 65 1.98 -5.66 1.10
CA ALA A 65 1.59 -4.99 2.33
C ALA A 65 0.13 -4.55 2.31
N GLY A 66 -0.43 -4.31 1.13
CA GLY A 66 -1.81 -3.85 1.07
C GLY A 66 -2.80 -4.89 1.56
N GLY A 67 -2.58 -6.15 1.20
CA GLY A 67 -3.53 -7.20 1.52
C GLY A 67 -3.42 -7.83 2.89
N VAL A 68 -2.44 -7.44 3.70
CA VAL A 68 -2.31 -8.04 5.02
C VAL A 68 -3.42 -7.60 5.96
N ALA A 69 -4.03 -6.44 5.70
CA ALA A 69 -5.12 -5.97 6.55
C ALA A 69 -6.34 -6.89 6.48
N ASP A 70 -6.54 -7.56 5.34
CA ASP A 70 -7.64 -8.50 5.20
C ASP A 70 -7.35 -9.83 5.86
N LEU A 71 -6.09 -10.12 6.19
CA LEU A 71 -5.70 -11.35 6.87
C LEU A 71 -5.79 -11.24 8.38
N GLY A 72 -6.10 -10.07 8.91
CA GLY A 72 -6.14 -9.85 10.34
C GLY A 72 -5.13 -8.85 10.87
N TYR A 73 -4.35 -8.19 10.03
CA TYR A 73 -3.43 -7.16 10.49
C TYR A 73 -4.22 -5.92 10.90
N HIS A 74 -3.89 -5.37 12.07
CA HIS A 74 -4.65 -4.28 12.65
C HIS A 74 -3.85 -3.00 12.76
N HIS A 75 -2.74 -2.89 12.02
CA HIS A 75 -1.88 -1.72 12.13
C HIS A 75 -1.64 -1.08 10.78
N GLY A 76 -0.75 -0.09 10.72
CA GLY A 76 -0.46 0.56 9.46
C GLY A 76 0.29 -0.36 8.51
N GLU A 77 0.13 -0.10 7.22
CA GLU A 77 0.76 -0.93 6.20
C GLU A 77 2.23 -0.59 6.00
N ASN A 78 2.68 0.58 6.48
CA ASN A 78 4.11 0.90 6.40
C ASN A 78 4.94 0.01 7.31
N SER A 79 4.39 -0.38 8.46
CA SER A 79 5.07 -1.35 9.32
C SER A 79 5.24 -2.68 8.60
N ALA A 80 4.20 -3.14 7.90
CA ALA A 80 4.30 -4.37 7.12
C ALA A 80 5.29 -4.23 5.99
N GLN A 81 5.31 -3.08 5.33
CA GLN A 81 6.28 -2.84 4.25
C GLN A 81 7.71 -2.92 4.78
N ASP A 82 7.97 -2.27 5.93
CA ASP A 82 9.32 -2.27 6.49
C ASP A 82 9.71 -3.65 7.01
N ALA A 83 8.77 -4.39 7.59
CA ALA A 83 9.07 -5.74 8.02
C ALA A 83 9.37 -6.65 6.82
N GLY A 84 8.62 -6.49 5.73
CA GLY A 84 8.87 -7.29 4.55
C GLY A 84 10.20 -6.98 3.89
N ALA A 85 10.57 -5.70 3.84
CA ALA A 85 11.84 -5.31 3.24
C ALA A 85 13.02 -5.81 4.05
N LEU A 86 12.83 -6.08 5.34
CA LEU A 86 13.88 -6.62 6.19
C LEU A 86 13.96 -8.14 6.16
N MET A 87 13.03 -8.80 5.47
CA MET A 87 13.02 -10.25 5.36
C MET A 87 13.50 -10.76 4.01
N ALA A 88 13.71 -9.89 3.04
CA ALA A 88 14.01 -10.28 1.67
C ALA A 88 15.38 -9.78 1.22
N ASN A 89 16.37 -9.91 2.09
CA ASN A 89 17.74 -9.51 1.78
C ASN A 89 18.70 -10.59 2.24
N THR A 90 19.87 -10.65 1.58
CA THR A 90 20.88 -11.65 1.87
C THR A 90 22.03 -11.11 2.71
N TRP A 91 21.99 -9.84 3.10
CA TRP A 91 23.01 -9.27 3.96
C TRP A 91 22.64 -9.27 5.42
N ASN A 92 21.35 -9.39 5.74
CA ASN A 92 20.88 -9.38 7.12
C ASN A 92 20.32 -10.72 7.57
N ASN A 93 20.10 -11.65 6.64
CA ASN A 93 19.54 -12.96 6.94
C ASN A 93 20.48 -14.03 6.42
N ASN A 94 20.75 -15.04 7.26
CA ASN A 94 21.47 -16.21 6.79
C ASN A 94 20.57 -17.12 5.97
N PHE A 95 19.28 -17.15 6.29
CA PHE A 95 18.31 -18.00 5.62
C PHE A 95 17.11 -17.15 5.23
N PRO A 96 17.23 -16.37 4.16
CA PRO A 96 16.11 -15.52 3.75
C PRO A 96 14.88 -16.35 3.40
N LEU A 97 13.71 -15.84 3.79
CA LEU A 97 12.45 -16.49 3.49
C LEU A 97 11.67 -15.76 2.40
N LEU A 98 12.25 -14.74 1.80
CA LEU A 98 11.70 -14.08 0.62
C LEU A 98 12.84 -13.72 -0.31
N ASP A 99 12.65 -13.96 -1.60
CA ASP A 99 13.51 -13.34 -2.61
C ASP A 99 13.04 -11.94 -2.89
N GLY A 100 14.00 -11.04 -3.07
CA GLY A 100 13.72 -9.65 -3.39
C GLY A 100 14.23 -9.31 -4.77
N GLN A 101 13.58 -8.33 -5.40
CA GLN A 101 13.99 -7.84 -6.71
C GLN A 101 14.06 -6.32 -6.62
N GLY A 102 15.27 -5.78 -6.74
CA GLY A 102 15.52 -4.36 -6.60
C GLY A 102 16.59 -4.13 -5.56
N ASN A 103 16.58 -2.92 -4.99
CA ASN A 103 17.55 -2.51 -3.98
C ASN A 103 16.94 -2.75 -2.61
N PHE A 104 17.33 -3.84 -1.96
CA PHE A 104 16.87 -4.18 -0.62
C PHE A 104 17.89 -3.83 0.45
N GLY A 105 18.91 -3.05 0.11
CA GLY A 105 19.96 -2.68 1.03
C GLY A 105 21.16 -3.60 0.94
N SER A 106 22.25 -3.15 1.56
CA SER A 106 23.49 -3.91 1.63
C SER A 106 24.10 -3.71 3.00
N ARG A 107 25.27 -4.31 3.23
CA ARG A 107 25.95 -4.13 4.49
C ARG A 107 26.50 -2.72 4.65
N THR A 108 26.72 -2.00 3.54
CA THR A 108 27.20 -0.62 3.62
C THR A 108 26.04 0.34 3.86
N VAL A 109 25.01 0.26 3.03
CA VAL A 109 23.77 1.01 3.24
C VAL A 109 22.73 -0.02 3.69
N GLN A 110 22.46 -0.06 4.98
CA GLN A 110 21.49 -1.00 5.54
C GLN A 110 20.08 -0.43 5.50
N LYS A 111 19.67 0.02 4.32
CA LYS A 111 18.39 0.69 4.12
C LYS A 111 17.85 0.30 2.76
N ALA A 112 16.72 -0.41 2.74
CA ALA A 112 16.10 -0.80 1.50
C ALA A 112 15.49 0.41 0.80
N ALA A 113 15.29 0.28 -0.51
CA ALA A 113 14.63 1.33 -1.26
C ALA A 113 13.16 1.41 -0.87
N ALA A 114 12.50 2.46 -1.37
CA ALA A 114 11.08 2.61 -1.11
C ALA A 114 10.30 1.46 -1.72
N SER A 115 9.20 1.10 -1.08
CA SER A 115 8.43 -0.08 -1.49
C SER A 115 7.79 0.08 -2.86
N ARG A 116 7.77 1.30 -3.42
CA ARG A 116 7.28 1.51 -4.78
C ARG A 116 8.26 0.99 -5.83
N TYR A 117 9.47 0.61 -5.43
CA TYR A 117 10.50 0.16 -6.36
C TYR A 117 10.73 -1.34 -6.34
N ILE A 118 10.64 -1.97 -5.18
CA ILE A 118 11.16 -3.31 -4.96
C ILE A 118 10.02 -4.31 -4.92
N PHE A 119 10.31 -5.53 -5.38
CA PHE A 119 9.37 -6.62 -5.42
C PHE A 119 9.86 -7.75 -4.53
N ALA A 120 8.95 -8.66 -4.18
CA ALA A 120 9.32 -9.78 -3.33
C ALA A 120 8.47 -11.00 -3.68
N ARG A 121 8.98 -12.17 -3.32
CA ARG A 121 8.25 -13.43 -3.47
C ARG A 121 8.73 -14.40 -2.41
N VAL A 122 7.91 -15.43 -2.15
CA VAL A 122 8.28 -16.44 -1.18
C VAL A 122 9.50 -17.21 -1.68
N SER A 123 10.47 -17.42 -0.79
CA SER A 123 11.74 -17.98 -1.20
C SER A 123 11.67 -19.50 -1.30
N LYS A 124 12.63 -20.07 -2.04
CA LYS A 124 12.78 -21.52 -2.09
C LYS A 124 13.20 -22.10 -0.74
N ASN A 125 13.84 -21.28 0.11
CA ASN A 125 14.12 -21.72 1.47
C ASN A 125 12.84 -22.00 2.24
N PHE A 126 11.84 -21.14 2.06
CA PHE A 126 10.56 -21.34 2.74
C PHE A 126 9.90 -22.64 2.29
N TYR A 127 9.93 -22.93 1.00
CA TYR A 127 9.33 -24.17 0.52
C TYR A 127 10.15 -25.39 0.90
N ASN A 128 11.47 -25.22 1.05
CA ASN A 128 12.33 -26.34 1.41
C ASN A 128 12.22 -26.70 2.88
N VAL A 129 12.02 -25.72 3.76
CA VAL A 129 12.05 -25.96 5.19
C VAL A 129 10.63 -26.00 5.79
N TYR A 130 9.77 -25.07 5.42
CA TYR A 130 8.45 -24.97 6.04
C TYR A 130 7.53 -26.02 5.41
N LYS A 131 7.30 -27.10 6.13
CA LYS A 131 6.44 -28.19 5.70
C LYS A 131 5.16 -28.21 6.52
N ASP A 132 4.19 -28.99 6.03
CA ASP A 132 2.93 -29.24 6.75
C ASP A 132 2.21 -27.93 7.09
N THR A 133 2.10 -27.05 6.11
CA THR A 133 1.34 -25.82 6.31
C THR A 133 -0.13 -26.11 6.52
N GLU A 134 -0.65 -27.14 5.85
CA GLU A 134 -2.06 -27.50 5.99
C GLU A 134 -2.39 -28.02 7.39
N TYR A 135 -1.39 -28.48 8.15
CA TYR A 135 -1.60 -29.00 9.48
C TYR A 135 -1.18 -28.02 10.56
N ALA A 136 -0.90 -26.78 10.20
CA ALA A 136 -0.52 -25.77 11.18
C ALA A 136 -1.70 -25.46 12.11
N PRO A 137 -1.42 -25.03 13.35
CA PRO A 137 -2.52 -24.77 14.29
C PRO A 137 -3.40 -23.63 13.82
N VAL A 138 -4.66 -23.70 14.21
CA VAL A 138 -5.66 -22.69 13.86
C VAL A 138 -5.68 -21.63 14.95
N HIS A 139 -5.51 -20.37 14.56
CA HIS A 139 -5.54 -19.27 15.53
C HIS A 139 -6.91 -19.16 16.17
N GLN A 140 -6.92 -18.83 17.46
CA GLN A 140 -8.17 -18.69 18.19
C GLN A 140 -9.00 -17.51 17.71
N ASP A 141 -8.39 -16.58 16.96
CA ASP A 141 -9.10 -15.44 16.41
C ASP A 141 -9.65 -15.83 15.05
N LYS A 142 -10.98 -15.73 14.90
CA LYS A 142 -11.62 -16.08 13.64
C LYS A 142 -11.16 -15.18 12.50
N GLU A 143 -10.76 -13.95 12.81
CA GLU A 143 -10.29 -13.00 11.81
C GLU A 143 -8.81 -13.12 11.51
N HIS A 144 -8.11 -14.03 12.19
CA HIS A 144 -6.69 -14.28 11.94
C HIS A 144 -6.59 -15.33 10.84
N ILE A 145 -6.47 -14.87 9.59
CA ILE A 145 -6.43 -15.79 8.46
C ILE A 145 -5.20 -16.70 8.49
N PRO A 146 -3.98 -16.20 8.69
CA PRO A 146 -2.83 -17.11 8.77
C PRO A 146 -2.90 -17.98 10.01
N PRO A 147 -2.19 -19.10 10.04
CA PRO A 147 -2.26 -19.98 11.21
C PRO A 147 -1.63 -19.34 12.43
N ALA A 148 -1.77 -20.01 13.57
CA ALA A 148 -1.16 -19.53 14.80
C ALA A 148 0.35 -19.45 14.65
N PHE A 149 0.96 -20.47 14.06
CA PHE A 149 2.36 -20.42 13.67
C PHE A 149 2.61 -21.48 12.60
N TYR A 150 3.60 -21.22 11.76
CA TYR A 150 3.99 -22.18 10.73
C TYR A 150 4.77 -23.33 11.36
N LEU A 151 5.14 -24.31 10.54
CA LEU A 151 5.77 -25.54 11.01
C LEU A 151 7.04 -25.83 10.21
N PRO A 152 8.12 -25.11 10.48
CA PRO A 152 9.40 -25.44 9.85
C PRO A 152 10.01 -26.69 10.48
N ILE A 153 11.01 -27.24 9.80
CA ILE A 153 11.70 -28.43 10.28
C ILE A 153 12.96 -28.10 11.07
N ILE A 154 13.50 -26.88 10.94
CA ILE A 154 14.63 -26.44 11.74
C ILE A 154 14.26 -25.10 12.38
N PRO A 155 14.83 -24.73 13.53
CA PRO A 155 14.47 -23.45 14.14
C PRO A 155 14.98 -22.27 13.35
N THR A 156 14.07 -21.55 12.68
CA THR A 156 14.46 -20.38 11.91
C THR A 156 14.78 -19.18 12.79
N VAL A 157 14.30 -19.17 14.03
CA VAL A 157 14.56 -18.05 14.93
C VAL A 157 16.05 -17.89 15.19
N LEU A 158 16.81 -18.98 15.08
CA LEU A 158 18.25 -18.95 15.29
C LEU A 158 19.02 -18.61 14.02
N LEU A 159 18.35 -18.55 12.86
CA LEU A 159 19.09 -18.47 11.60
C LEU A 159 19.39 -17.04 11.20
N ASN A 160 18.41 -16.15 11.28
CA ASN A 160 18.57 -14.80 10.76
C ASN A 160 18.89 -13.76 11.83
N GLY A 161 18.68 -14.08 13.10
CA GLY A 161 18.96 -13.14 14.17
C GLY A 161 17.79 -12.22 14.45
N VAL A 162 17.36 -12.16 15.71
CA VAL A 162 16.18 -11.41 16.11
C VAL A 162 16.59 -10.36 17.13
N SER A 163 15.99 -9.18 17.02
CA SER A 163 16.19 -8.10 18.00
C SER A 163 14.85 -7.40 18.17
N GLY A 164 14.22 -7.58 19.33
CA GLY A 164 12.93 -6.96 19.56
C GLY A 164 12.81 -6.35 20.94
N ILE A 165 12.09 -5.22 21.04
CA ILE A 165 11.89 -4.53 22.31
C ILE A 165 10.39 -4.44 22.56
N ALA A 166 9.97 -4.88 23.74
CA ALA A 166 8.59 -4.79 24.19
C ALA A 166 8.56 -3.97 25.48
N THR A 167 7.38 -3.87 26.07
CA THR A 167 7.22 -3.18 27.35
C THR A 167 7.52 -4.17 28.47
N GLY A 168 8.67 -4.00 29.12
CA GLY A 168 9.08 -4.86 30.20
C GLY A 168 9.97 -6.01 29.80
N TYR A 169 10.02 -6.38 28.52
CA TYR A 169 10.82 -7.50 28.06
C TYR A 169 11.45 -7.15 26.72
N ALA A 170 12.59 -7.77 26.44
CA ALA A 170 13.26 -7.61 25.16
C ALA A 170 14.00 -8.90 24.83
N THR A 171 14.21 -9.12 23.54
CA THR A 171 14.86 -10.33 23.05
C THR A 171 15.97 -9.96 22.09
N TYR A 172 17.08 -10.70 22.18
CA TYR A 172 18.20 -10.54 21.25
C TYR A 172 18.83 -11.90 21.04
N ILE A 173 18.68 -12.44 19.83
CA ILE A 173 19.26 -13.72 19.44
C ILE A 173 20.16 -13.47 18.23
N LEU A 174 21.40 -13.94 18.30
CA LEU A 174 22.34 -13.78 17.22
C LEU A 174 22.09 -14.81 16.11
N PRO A 175 22.41 -14.49 14.87
CA PRO A 175 22.24 -15.46 13.79
C PRO A 175 23.20 -16.63 13.93
N HIS A 176 22.77 -17.79 13.45
CA HIS A 176 23.56 -19.00 13.51
C HIS A 176 23.66 -19.63 12.12
N SER A 177 24.71 -20.43 11.92
CA SER A 177 24.91 -21.11 10.66
C SER A 177 23.82 -22.15 10.43
N VAL A 178 23.36 -22.25 9.19
CA VAL A 178 22.27 -23.17 8.86
C VAL A 178 22.72 -24.62 9.02
N SER A 179 23.95 -24.91 8.60
CA SER A 179 24.46 -26.29 8.68
C SER A 179 24.55 -26.76 10.12
N SER A 180 25.06 -25.90 11.01
CA SER A 180 25.18 -26.27 12.42
C SER A 180 23.81 -26.48 13.06
N VAL A 181 22.84 -25.63 12.72
CA VAL A 181 21.49 -25.78 13.27
C VAL A 181 20.87 -27.08 12.78
N LYS A 182 21.04 -27.40 11.49
CA LYS A 182 20.50 -28.65 10.95
C LYS A 182 21.16 -29.85 11.61
N LYS A 183 22.48 -29.80 11.80
CA LYS A 183 23.18 -30.90 12.46
C LYS A 183 22.72 -31.08 13.91
N ALA A 184 22.52 -29.97 14.62
CA ALA A 184 22.05 -30.04 15.99
C ALA A 184 20.63 -30.59 16.07
N VAL A 185 19.77 -30.20 15.11
CA VAL A 185 18.42 -30.74 15.07
C VAL A 185 18.44 -32.24 14.82
N LEU A 186 19.31 -32.69 13.89
CA LEU A 186 19.44 -34.11 13.64
C LEU A 186 19.91 -34.85 14.89
N GLN A 187 20.89 -34.29 15.60
CA GLN A 187 21.40 -34.92 16.80
C GLN A 187 20.32 -35.00 17.88
N ALA A 188 19.55 -33.93 18.06
CA ALA A 188 18.48 -33.94 19.05
C ALA A 188 17.39 -34.94 18.68
N LEU A 189 17.04 -35.01 17.40
CA LEU A 189 16.00 -35.94 16.96
C LEU A 189 16.44 -37.39 17.13
N GLN A 190 17.70 -37.69 16.83
CA GLN A 190 18.21 -39.05 17.01
C GLN A 190 18.45 -39.40 18.46
N GLY A 191 18.37 -38.45 19.38
CA GLY A 191 18.63 -38.72 20.78
C GLY A 191 20.10 -38.82 21.09
N LYS A 192 20.84 -37.77 20.77
CA LYS A 192 22.29 -37.75 20.97
C LYS A 192 22.71 -36.54 21.80
N LYS A 193 24.02 -36.32 21.91
CA LYS A 193 24.55 -35.12 22.55
C LYS A 193 24.52 -33.98 21.53
N VAL A 194 23.69 -32.98 21.79
CA VAL A 194 23.50 -31.89 20.83
C VAL A 194 24.69 -30.94 20.91
N THR A 195 25.35 -30.74 19.77
CA THR A 195 26.47 -29.82 19.69
C THR A 195 25.94 -28.40 19.46
N LYS A 196 26.49 -27.44 20.21
CA LYS A 196 26.00 -26.08 20.13
C LYS A 196 26.22 -25.52 18.73
N PRO A 197 25.21 -24.90 18.12
CA PRO A 197 25.38 -24.35 16.78
C PRO A 197 26.37 -23.19 16.77
N LYS A 198 27.04 -23.03 15.64
CA LYS A 198 27.98 -21.94 15.46
C LYS A 198 27.25 -20.66 15.06
N VAL A 199 27.75 -19.53 15.56
CA VAL A 199 27.20 -18.22 15.23
C VAL A 199 27.88 -17.73 13.96
N GLU A 200 27.09 -17.41 12.94
CA GLU A 200 27.60 -16.94 11.67
C GLU A 200 26.83 -15.70 11.24
N PHE A 201 27.56 -14.69 10.79
CA PHE A 201 26.95 -13.47 10.29
C PHE A 201 27.04 -13.43 8.78
N PRO A 202 25.93 -13.14 8.09
CA PRO A 202 25.96 -13.12 6.62
C PRO A 202 26.90 -12.03 6.10
N GLU A 203 27.59 -12.36 5.00
CA GLU A 203 28.50 -11.43 4.33
C GLU A 203 29.58 -10.90 5.26
N PHE A 204 29.98 -11.71 6.25
CA PHE A 204 30.98 -11.32 7.22
C PHE A 204 32.23 -12.17 7.04
N ARG A 205 33.37 -11.52 6.87
CA ARG A 205 34.65 -12.20 6.67
C ARG A 205 35.57 -12.07 7.88
N GLY A 206 35.06 -11.59 9.00
CA GLY A 206 35.82 -11.42 10.21
C GLY A 206 35.78 -12.66 11.08
N GLU A 207 35.92 -12.45 12.39
CA GLU A 207 35.95 -13.55 13.34
C GLU A 207 34.84 -13.37 14.38
N VAL A 208 34.33 -14.49 14.87
CA VAL A 208 33.37 -14.50 15.97
C VAL A 208 33.90 -15.46 17.02
N VAL A 209 34.21 -14.95 18.21
CA VAL A 209 34.81 -15.74 19.28
C VAL A 209 33.88 -15.72 20.48
N GLU A 210 33.60 -16.90 21.03
CA GLU A 210 32.75 -17.01 22.23
C GLU A 210 33.66 -17.00 23.45
N ILE A 211 33.56 -15.94 24.26
CA ILE A 211 34.35 -15.80 25.47
C ILE A 211 33.41 -15.45 26.62
N ASP A 212 33.33 -16.34 27.61
CA ASP A 212 32.55 -16.10 28.83
C ASP A 212 31.10 -15.77 28.52
N GLY A 213 30.54 -16.44 27.52
CA GLY A 213 29.16 -16.18 27.13
C GLY A 213 29.03 -15.05 26.14
N GLN A 214 29.92 -14.06 26.26
CA GLN A 214 29.94 -12.96 25.30
C GLN A 214 30.42 -13.44 23.94
N TYR A 215 30.05 -12.69 22.90
CA TYR A 215 30.51 -12.95 21.55
C TYR A 215 31.30 -11.73 21.09
N GLU A 216 32.56 -11.96 20.71
CA GLU A 216 33.44 -10.93 20.18
C GLU A 216 33.43 -11.03 18.67
N ILE A 217 32.85 -10.02 18.02
CA ILE A 217 32.86 -9.89 16.57
C ILE A 217 34.03 -8.99 16.21
N ARG A 218 35.03 -9.56 15.56
CA ARG A 218 36.30 -8.89 15.29
C ARG A 218 36.45 -8.66 13.80
N GLY A 219 36.78 -7.43 13.43
CA GLY A 219 37.19 -7.12 12.07
C GLY A 219 38.64 -7.52 11.85
N THR A 220 39.11 -7.22 10.64
CA THR A 220 40.45 -7.61 10.23
C THR A 220 41.21 -6.41 9.69
N TYR A 221 42.48 -6.31 10.06
CA TYR A 221 43.38 -5.29 9.52
C TYR A 221 44.72 -5.93 9.22
N LYS A 222 45.44 -5.33 8.28
CA LYS A 222 46.79 -5.76 7.95
C LYS A 222 47.64 -4.53 7.69
N PHE A 223 48.96 -4.72 7.71
CA PHE A 223 49.90 -3.61 7.53
C PHE A 223 50.67 -3.79 6.24
N THR A 224 50.47 -2.87 5.30
CA THR A 224 51.24 -2.88 4.07
C THR A 224 52.64 -2.30 4.28
N SER A 225 52.79 -1.35 5.18
CA SER A 225 54.09 -0.75 5.48
C SER A 225 54.09 -0.32 6.94
N ARG A 226 55.08 0.49 7.31
CA ARG A 226 55.18 0.95 8.69
C ARG A 226 54.04 1.89 9.05
N THR A 227 53.64 2.77 8.12
CA THR A 227 52.63 3.78 8.39
C THR A 227 51.33 3.59 7.63
N GLN A 228 51.23 2.56 6.80
CA GLN A 228 50.01 2.28 6.04
C GLN A 228 49.35 1.01 6.54
N MET A 229 48.03 1.01 6.57
CA MET A 229 47.29 -0.14 7.09
C MET A 229 45.97 -0.27 6.33
N HIS A 230 45.60 -1.50 6.03
CA HIS A 230 44.40 -1.81 5.26
C HIS A 230 43.39 -2.52 6.15
N ILE A 231 42.21 -1.94 6.29
CA ILE A 231 41.11 -2.55 7.03
C ILE A 231 40.30 -3.36 6.03
N THR A 232 40.28 -4.69 6.21
CA THR A 232 39.61 -5.60 5.30
C THR A 232 38.22 -5.99 5.78
N GLU A 233 37.91 -5.81 7.05
CA GLU A 233 36.60 -6.15 7.58
C GLU A 233 36.37 -5.36 8.87
N ILE A 234 35.11 -5.01 9.10
CA ILE A 234 34.71 -4.29 10.31
C ILE A 234 33.58 -5.06 10.96
N PRO A 235 33.35 -4.84 12.26
CA PRO A 235 32.27 -5.56 12.95
C PRO A 235 30.93 -5.34 12.28
N TYR A 236 30.07 -6.37 12.41
CA TYR A 236 28.85 -6.47 11.62
C TYR A 236 27.87 -5.33 11.87
N LYS A 237 27.97 -4.64 13.01
CA LYS A 237 26.97 -3.63 13.36
C LYS A 237 27.14 -2.32 12.60
N TYR A 238 28.24 -2.15 11.88
CA TYR A 238 28.59 -0.85 11.32
C TYR A 238 28.07 -0.69 9.89
N ASP A 239 27.89 0.56 9.50
CA ASP A 239 27.60 0.95 8.13
C ASP A 239 28.82 1.66 7.55
N ARG A 240 28.73 2.04 6.28
CA ARG A 240 29.75 2.93 5.74
C ARG A 240 29.68 4.30 6.41
N GLU A 241 28.48 4.88 6.44
CA GLU A 241 28.30 6.20 7.04
C GLU A 241 28.55 6.16 8.54
N THR A 242 28.03 5.14 9.23
CA THR A 242 28.20 5.05 10.68
C THR A 242 29.66 4.89 11.06
N TYR A 243 30.37 3.98 10.38
CA TYR A 243 31.78 3.79 10.68
C TYR A 243 32.60 5.02 10.34
N VAL A 244 32.28 5.68 9.22
CA VAL A 244 33.02 6.87 8.84
C VAL A 244 32.81 7.98 9.85
N SER A 245 31.56 8.20 10.28
CA SER A 245 31.24 9.31 11.17
C SER A 245 31.65 9.05 12.61
N LYS A 246 31.71 7.79 13.03
CA LYS A 246 31.98 7.49 14.43
C LYS A 246 33.46 7.20 14.70
N ILE A 247 34.14 6.53 13.77
CA ILE A 247 35.54 6.15 13.95
C ILE A 247 36.46 6.93 13.02
N LEU A 248 36.20 6.88 11.71
CA LEU A 248 37.16 7.40 10.75
C LEU A 248 37.18 8.92 10.72
N ASP A 249 36.05 9.57 10.96
CA ASP A 249 36.03 11.03 10.98
C ASP A 249 36.57 11.58 12.30
N PRO A 250 36.20 11.05 13.48
CA PRO A 250 36.84 11.52 14.71
C PRO A 250 38.20 10.87 14.93
N LEU A 251 38.94 10.72 13.83
CA LEU A 251 40.37 10.38 13.86
C LEU A 251 41.17 11.18 12.87
N GLU A 252 40.55 11.85 11.90
CA GLU A 252 41.24 12.71 10.95
C GLU A 252 41.21 14.17 11.39
N ASN A 253 40.10 14.61 12.00
CA ASN A 253 40.07 15.93 12.59
C ASN A 253 40.89 16.02 13.87
N LYS A 254 41.31 14.88 14.42
CA LYS A 254 42.25 14.84 15.52
C LYS A 254 43.70 14.80 15.06
N GLY A 255 43.92 14.79 13.74
CA GLY A 255 45.28 14.78 13.21
C GLY A 255 46.01 13.47 13.35
N PHE A 256 45.29 12.36 13.47
CA PHE A 256 45.90 11.05 13.70
C PHE A 256 46.05 10.23 12.42
N ILE A 257 45.03 10.19 11.57
CA ILE A 257 45.03 9.33 10.39
C ILE A 257 44.58 10.11 9.17
N THR A 258 44.85 9.52 8.00
CA THR A 258 44.29 9.97 6.74
C THR A 258 43.77 8.74 6.01
N TRP A 259 42.46 8.68 5.78
CA TRP A 259 41.82 7.46 5.29
C TRP A 259 41.25 7.65 3.90
N ASP A 260 41.30 6.57 3.12
CA ASP A 260 40.72 6.50 1.79
C ASP A 260 39.82 5.28 1.71
N ASP A 261 38.79 5.37 0.87
CA ASP A 261 37.82 4.29 0.76
C ASP A 261 38.31 3.21 -0.19
N ALA A 262 38.07 1.95 0.19
CA ALA A 262 38.39 0.80 -0.65
C ALA A 262 37.29 -0.25 -0.59
N CYS A 263 36.04 0.18 -0.41
CA CYS A 263 34.92 -0.73 -0.18
C CYS A 263 34.50 -1.38 -1.50
N GLY A 264 35.38 -2.25 -2.01
CA GLY A 264 35.13 -2.91 -3.27
C GLY A 264 34.06 -3.97 -3.21
N GLU A 265 34.09 -4.92 -4.15
CA GLU A 265 33.10 -5.99 -4.18
C GLU A 265 33.25 -6.94 -2.99
N HIS A 266 34.42 -6.97 -2.35
CA HIS A 266 34.61 -7.83 -1.19
C HIS A 266 33.74 -7.39 -0.03
N GLY A 267 33.60 -6.09 0.18
CA GLY A 267 32.78 -5.56 1.26
C GLY A 267 33.35 -4.29 1.83
N PHE A 268 33.57 -4.27 3.15
CA PHE A 268 34.12 -3.09 3.82
C PHE A 268 35.64 -3.12 3.74
N GLY A 269 36.22 -2.01 3.30
CA GLY A 269 37.66 -1.89 3.23
C GLY A 269 38.13 -0.46 3.20
N PHE A 270 39.16 -0.14 3.98
CA PHE A 270 39.68 1.22 4.04
C PHE A 270 41.19 1.18 4.03
N LYS A 271 41.80 2.29 3.62
CA LYS A 271 43.26 2.43 3.60
C LYS A 271 43.62 3.62 4.47
N VAL A 272 44.29 3.37 5.59
CA VAL A 272 44.58 4.37 6.60
C VAL A 272 46.09 4.61 6.62
N LYS A 273 46.49 5.86 6.46
CA LYS A 273 47.88 6.28 6.60
C LYS A 273 48.04 7.01 7.92
N PHE A 274 49.00 6.58 8.72
CA PHE A 274 49.18 7.11 10.06
C PHE A 274 50.13 8.30 10.04
N ARG A 275 49.72 9.39 10.67
CA ARG A 275 50.57 10.57 10.78
C ARG A 275 51.57 10.40 11.91
N LYS A 276 52.55 11.30 11.96
CA LYS A 276 53.60 11.22 12.97
C LYS A 276 53.06 11.46 14.38
N GLU A 277 51.96 12.21 14.50
CA GLU A 277 51.37 12.45 15.81
C GLU A 277 50.89 11.16 16.44
N TYR A 278 50.24 10.30 15.66
CA TYR A 278 49.78 9.01 16.14
C TYR A 278 50.95 8.04 16.15
N SER A 279 51.35 7.59 17.33
CA SER A 279 52.51 6.73 17.50
C SER A 279 52.07 5.34 17.95
N LEU A 280 52.77 4.32 17.45
CA LEU A 280 52.48 2.93 17.78
C LEU A 280 53.63 2.35 18.58
N SER A 281 53.28 1.44 19.50
CA SER A 281 54.28 0.87 20.38
C SER A 281 55.23 -0.08 19.64
N ASP A 282 56.35 -0.38 20.28
CA ASP A 282 57.39 -1.19 19.63
C ASP A 282 56.91 -2.61 19.39
N ASN A 283 56.37 -3.26 20.41
CA ASN A 283 55.93 -4.64 20.27
C ASN A 283 54.63 -4.72 19.48
N GLU A 284 54.31 -5.93 19.04
CA GLU A 284 53.14 -6.12 18.18
C GLU A 284 51.86 -6.31 18.98
N GLU A 285 51.94 -6.81 20.21
CA GLU A 285 50.73 -7.13 20.96
C GLU A 285 50.02 -5.87 21.44
N GLU A 286 50.74 -4.97 22.11
CA GLU A 286 50.13 -3.72 22.55
C GLU A 286 49.73 -2.85 21.38
N ARG A 287 50.53 -2.82 20.32
CA ARG A 287 50.15 -2.07 19.12
C ARG A 287 48.88 -2.62 18.50
N HIS A 288 48.77 -3.96 18.44
CA HIS A 288 47.56 -4.59 17.92
C HIS A 288 46.35 -4.25 18.77
N ALA A 289 46.51 -4.28 20.10
CA ALA A 289 45.40 -3.95 20.98
C ALA A 289 44.97 -2.50 20.79
N LYS A 290 45.93 -1.58 20.72
CA LYS A 290 45.61 -0.17 20.55
C LYS A 290 44.91 0.08 19.21
N ILE A 291 45.39 -0.54 18.14
CA ILE A 291 44.78 -0.35 16.84
C ILE A 291 43.38 -0.94 16.81
N MET A 292 43.21 -2.13 17.36
CA MET A 292 41.93 -2.82 17.28
C MET A 292 40.91 -2.22 18.24
N LYS A 293 41.35 -1.42 19.21
CA LYS A 293 40.45 -0.70 20.10
C LYS A 293 40.12 0.70 19.60
N ASP A 294 41.11 1.42 19.09
CA ASP A 294 40.86 2.79 18.62
C ASP A 294 39.96 2.83 17.41
N PHE A 295 40.06 1.84 16.53
CA PHE A 295 39.30 1.80 15.30
C PHE A 295 37.95 1.10 15.44
N GLY A 296 37.58 0.73 16.66
CA GLY A 296 36.28 0.11 16.87
C GLY A 296 36.11 -1.21 16.15
N LEU A 297 37.15 -2.03 16.12
CA LEU A 297 37.13 -3.28 15.40
C LEU A 297 36.68 -4.46 16.24
N ILE A 298 36.25 -4.23 17.48
CA ILE A 298 35.71 -5.26 18.34
C ILE A 298 34.30 -4.87 18.73
N GLU A 299 33.35 -5.78 18.53
CA GLU A 299 31.99 -5.60 18.98
C GLU A 299 31.63 -6.73 19.94
N ARG A 300 31.18 -6.38 21.13
CA ARG A 300 30.83 -7.38 22.14
C ARG A 300 29.31 -7.48 22.22
N ARG A 301 28.79 -8.70 22.09
CA ARG A 301 27.36 -8.93 22.08
C ARG A 301 27.00 -10.04 23.05
N SER A 302 25.90 -9.85 23.75
CA SER A 302 25.32 -10.88 24.61
C SER A 302 24.02 -11.36 24.00
N GLN A 303 23.59 -12.56 24.42
CA GLN A 303 22.39 -13.18 23.90
C GLN A 303 21.30 -13.17 24.96
N ASN A 304 20.14 -12.66 24.59
CA ASN A 304 18.95 -12.66 25.43
C ASN A 304 17.90 -13.46 24.67
N ILE A 305 17.90 -14.78 24.87
CA ILE A 305 17.05 -15.66 24.10
C ILE A 305 15.67 -15.72 24.73
N THR A 306 14.81 -14.77 24.36
CA THR A 306 13.45 -14.67 24.85
C THR A 306 12.50 -14.88 23.68
N VAL A 307 11.66 -15.91 23.78
CA VAL A 307 10.79 -16.29 22.67
C VAL A 307 9.40 -16.64 23.21
N ILE A 308 8.43 -16.58 22.30
CA ILE A 308 7.07 -17.02 22.61
C ILE A 308 6.95 -18.47 22.19
N ASN A 309 6.68 -19.35 23.15
CA ASN A 309 6.68 -20.78 22.88
C ASN A 309 5.38 -21.18 22.19
N GLU A 310 5.18 -22.49 22.01
CA GLU A 310 4.01 -22.98 21.28
C GLU A 310 2.72 -22.76 22.04
N LYS A 311 2.78 -22.47 23.33
CA LYS A 311 1.60 -22.20 24.13
C LYS A 311 1.25 -20.72 24.19
N GLY A 312 1.98 -19.87 23.47
CA GLY A 312 1.68 -18.46 23.40
C GLY A 312 2.24 -17.62 24.54
N LYS A 313 2.93 -18.23 25.49
CA LYS A 313 3.49 -17.49 26.62
C LYS A 313 4.98 -17.28 26.44
N LEU A 314 5.52 -16.37 27.25
CA LEU A 314 6.92 -16.00 27.15
C LEU A 314 7.82 -17.07 27.77
N GLN A 315 9.03 -17.17 27.25
CA GLN A 315 9.99 -18.15 27.76
C GLN A 315 11.39 -17.66 27.47
N VAL A 316 12.27 -17.74 28.49
CA VAL A 316 13.66 -17.33 28.38
C VAL A 316 14.53 -18.57 28.45
N TYR A 317 15.43 -18.73 27.50
CA TYR A 317 16.31 -19.89 27.42
C TYR A 317 17.74 -19.49 27.78
N ASP A 318 18.39 -20.33 28.58
CA ASP A 318 19.77 -20.05 28.98
C ASP A 318 20.72 -20.06 27.79
N ASN A 319 20.53 -21.02 26.88
CA ASN A 319 21.38 -21.14 25.71
C ASN A 319 20.52 -21.51 24.51
N VAL A 320 21.18 -21.93 23.43
CA VAL A 320 20.48 -22.28 22.21
C VAL A 320 20.17 -23.78 22.13
N VAL A 321 20.96 -24.62 22.79
CA VAL A 321 20.76 -26.06 22.72
C VAL A 321 19.41 -26.45 23.31
N ASP A 322 19.05 -25.85 24.45
CA ASP A 322 17.76 -26.14 25.06
C ASP A 322 16.62 -25.70 24.16
N LEU A 323 16.76 -24.55 23.50
CA LEU A 323 15.75 -24.10 22.55
C LEU A 323 15.59 -25.10 21.40
N ILE A 324 16.71 -25.61 20.89
CA ILE A 324 16.64 -26.59 19.80
C ILE A 324 15.96 -27.86 20.25
N LYS A 325 16.28 -28.33 21.46
CA LYS A 325 15.65 -29.54 21.97
C LYS A 325 14.15 -29.35 22.13
N ASP A 326 13.72 -28.21 22.68
CA ASP A 326 12.31 -27.94 22.83
C ASP A 326 11.62 -27.86 21.47
N PHE A 327 12.25 -27.21 20.50
CA PHE A 327 11.67 -27.11 19.16
C PHE A 327 11.50 -28.48 18.53
N VAL A 328 12.51 -29.35 18.67
CA VAL A 328 12.42 -30.68 18.08
C VAL A 328 11.31 -31.48 18.75
N GLU A 329 11.21 -31.38 20.08
CA GLU A 329 10.17 -32.11 20.79
C GLU A 329 8.78 -31.64 20.37
N VAL A 330 8.61 -30.34 20.13
CA VAL A 330 7.31 -29.84 19.68
C VAL A 330 7.03 -30.28 18.25
N ARG A 331 8.05 -30.22 17.38
CA ARG A 331 7.85 -30.47 15.96
C ARG A 331 7.59 -31.95 15.68
N LYS A 332 8.11 -32.85 16.51
CA LYS A 332 7.83 -34.27 16.30
C LYS A 332 6.34 -34.57 16.46
N THR A 333 5.67 -33.87 17.38
CA THR A 333 4.23 -34.06 17.54
C THR A 333 3.47 -33.66 16.30
N TYR A 334 3.88 -32.56 15.65
CA TYR A 334 3.19 -32.15 14.42
C TYR A 334 3.52 -33.06 13.26
N VAL A 335 4.72 -33.67 13.25
CA VAL A 335 5.01 -34.70 12.25
C VAL A 335 4.09 -35.89 12.45
N GLN A 336 3.86 -36.29 13.71
CA GLN A 336 2.92 -37.37 13.97
C GLN A 336 1.50 -37.00 13.55
N LYS A 337 1.11 -35.76 13.78
CA LYS A 337 -0.20 -35.29 13.34
C LYS A 337 -0.33 -35.36 11.82
N ARG A 338 0.73 -34.96 11.11
CA ARG A 338 0.74 -35.09 9.66
C ARG A 338 0.57 -36.55 9.24
N ILE A 339 1.27 -37.46 9.91
CA ILE A 339 1.18 -38.87 9.55
C ILE A 339 -0.24 -39.39 9.74
N ASP A 340 -0.85 -39.06 10.88
CA ASP A 340 -2.21 -39.53 11.15
C ASP A 340 -3.21 -38.95 10.15
N ASN A 341 -3.11 -37.65 9.89
CA ASN A 341 -4.03 -37.02 8.96
C ASN A 341 -3.88 -37.58 7.56
N LYS A 342 -2.64 -37.83 7.12
CA LYS A 342 -2.42 -38.40 5.80
C LYS A 342 -2.93 -39.83 5.72
N ILE A 343 -2.82 -40.60 6.80
CA ILE A 343 -3.41 -41.93 6.82
C ILE A 343 -4.92 -41.85 6.58
N LYS A 344 -5.59 -40.97 7.33
CA LYS A 344 -7.03 -40.83 7.19
C LYS A 344 -7.41 -40.35 5.79
N GLU A 345 -6.69 -39.37 5.27
CA GLU A 345 -7.01 -38.81 3.96
C GLU A 345 -6.78 -39.82 2.85
N THR A 346 -5.70 -40.58 2.92
CA THR A 346 -5.46 -41.62 1.92
C THR A 346 -6.52 -42.71 2.00
N GLU A 347 -6.95 -43.07 3.21
CA GLU A 347 -8.03 -44.06 3.32
C GLU A 347 -9.31 -43.55 2.66
N SER A 348 -9.66 -42.29 2.93
CA SER A 348 -10.87 -41.73 2.33
C SER A 348 -10.77 -41.66 0.81
N ALA A 349 -9.61 -41.25 0.30
CA ALA A 349 -9.43 -41.15 -1.14
C ALA A 349 -9.49 -42.52 -1.81
N PHE A 350 -8.90 -43.53 -1.18
CA PHE A 350 -8.98 -44.89 -1.73
C PHE A 350 -10.42 -45.39 -1.72
N ARG A 351 -11.16 -45.11 -0.64
CA ARG A 351 -12.56 -45.53 -0.59
C ARG A 351 -13.35 -44.89 -1.72
N LEU A 352 -13.16 -43.59 -1.94
CA LEU A 352 -13.88 -42.91 -3.02
C LEU A 352 -13.50 -43.46 -4.38
N ALA A 353 -12.19 -43.68 -4.62
CA ALA A 353 -11.75 -44.18 -5.91
C ALA A 353 -12.30 -45.57 -6.18
N PHE A 354 -12.27 -46.45 -5.18
CA PHE A 354 -12.79 -47.80 -5.36
C PHE A 354 -14.30 -47.77 -5.60
N ALA A 355 -15.02 -46.91 -4.90
CA ALA A 355 -16.45 -46.80 -5.12
C ALA A 355 -16.75 -46.33 -6.54
N LYS A 356 -16.00 -45.34 -7.03
CA LYS A 356 -16.21 -44.86 -8.40
C LYS A 356 -15.90 -45.95 -9.42
N ALA A 357 -14.82 -46.71 -9.18
CA ALA A 357 -14.47 -47.80 -10.11
C ALA A 357 -15.55 -48.87 -10.13
N HIS A 358 -16.08 -49.23 -8.96
CA HIS A 358 -17.17 -50.22 -8.92
C HIS A 358 -18.42 -49.69 -9.60
N PHE A 359 -18.73 -48.41 -9.41
CA PHE A 359 -19.89 -47.81 -10.08
C PHE A 359 -19.73 -47.88 -11.60
N ILE A 360 -18.54 -47.57 -12.10
CA ILE A 360 -18.29 -47.64 -13.54
C ILE A 360 -18.43 -49.08 -14.03
N LYS A 361 -17.82 -50.03 -13.33
CA LYS A 361 -17.88 -51.42 -13.75
C LYS A 361 -19.31 -51.95 -13.73
N LYS A 362 -20.14 -51.43 -12.83
CA LYS A 362 -21.56 -51.79 -12.84
C LYS A 362 -22.34 -51.08 -13.94
N VAL A 363 -21.92 -49.87 -14.33
CA VAL A 363 -22.64 -49.13 -15.36
C VAL A 363 -22.42 -49.76 -16.74
N ILE A 364 -21.15 -50.02 -17.10
CA ILE A 364 -20.88 -50.59 -18.42
C ILE A 364 -21.40 -52.01 -18.51
N SER A 365 -21.10 -52.85 -17.51
CA SER A 365 -21.51 -54.25 -17.51
C SER A 365 -22.21 -54.53 -16.18
N GLY A 366 -23.51 -54.28 -16.15
CA GLY A 366 -24.28 -54.53 -14.94
C GLY A 366 -25.69 -54.01 -15.11
N GLU A 367 -26.45 -54.14 -14.01
CA GLU A 367 -27.86 -53.77 -14.03
C GLU A 367 -28.06 -52.27 -14.12
N ILE A 368 -27.10 -51.47 -13.65
CA ILE A 368 -27.25 -50.03 -13.65
C ILE A 368 -27.02 -49.50 -15.05
N VAL A 369 -28.02 -48.80 -15.60
CA VAL A 369 -27.95 -48.27 -16.95
C VAL A 369 -27.95 -46.75 -16.99
N VAL A 370 -28.53 -46.07 -16.00
CA VAL A 370 -28.68 -44.62 -15.98
C VAL A 370 -29.42 -44.16 -17.23
N GLN A 371 -30.51 -44.87 -17.56
CA GLN A 371 -31.36 -44.50 -18.67
C GLN A 371 -32.80 -44.78 -18.32
N GLY A 372 -33.70 -43.92 -18.78
CA GLY A 372 -35.12 -44.09 -18.50
C GLY A 372 -35.46 -43.95 -17.04
N LYS A 373 -34.93 -42.92 -16.38
CA LYS A 373 -35.21 -42.66 -14.98
C LYS A 373 -35.10 -41.16 -14.73
N THR A 374 -35.10 -40.78 -13.47
CA THR A 374 -34.93 -39.39 -13.05
C THR A 374 -33.61 -39.24 -12.31
N ARG A 375 -33.37 -38.04 -11.77
CA ARG A 375 -32.16 -37.80 -11.01
C ARG A 375 -32.34 -38.12 -9.53
N LYS A 376 -33.46 -37.68 -8.94
CA LYS A 376 -33.70 -37.92 -7.52
C LYS A 376 -33.89 -39.40 -7.23
N GLU A 377 -34.65 -40.10 -8.08
CA GLU A 377 -34.84 -41.53 -7.87
C GLU A 377 -33.57 -42.32 -8.13
N LEU A 378 -32.74 -41.89 -9.09
CA LEU A 378 -31.43 -42.51 -9.26
C LEU A 378 -30.57 -42.31 -8.04
N THR A 379 -30.61 -41.11 -7.45
CA THR A 379 -29.85 -40.85 -6.24
C THR A 379 -30.31 -41.73 -5.09
N GLU A 380 -31.64 -41.91 -4.95
CA GLU A 380 -32.14 -42.80 -3.90
C GLU A 380 -31.72 -44.25 -4.15
N GLU A 381 -31.80 -44.70 -5.40
CA GLU A 381 -31.40 -46.07 -5.74
C GLU A 381 -29.92 -46.30 -5.44
N LEU A 382 -29.08 -45.31 -5.74
CA LEU A 382 -27.67 -45.41 -5.37
C LEU A 382 -27.48 -45.39 -3.87
N SER A 383 -28.25 -44.58 -3.15
CA SER A 383 -28.17 -44.54 -1.69
C SER A 383 -28.59 -45.85 -1.05
N LYS A 384 -29.38 -46.65 -1.75
CA LYS A 384 -29.69 -47.99 -1.27
C LYS A 384 -28.40 -48.80 -1.05
N ILE A 385 -27.50 -48.77 -2.02
CA ILE A 385 -26.28 -49.58 -1.94
C ILE A 385 -25.37 -49.03 -0.86
N ASP A 386 -24.90 -49.92 0.03
CA ASP A 386 -24.00 -49.49 1.10
C ASP A 386 -22.67 -49.02 0.56
N MET A 387 -22.11 -49.72 -0.42
CA MET A 387 -20.83 -49.31 -0.98
C MET A 387 -20.92 -47.96 -1.66
N TYR A 388 -22.01 -47.72 -2.40
CA TYR A 388 -22.21 -46.44 -3.06
C TYR A 388 -22.77 -45.37 -2.13
N SER A 389 -23.13 -45.73 -0.90
CA SER A 389 -23.62 -44.75 0.05
C SER A 389 -22.52 -43.75 0.42
N SER A 390 -22.94 -42.52 0.71
CA SER A 390 -22.07 -41.43 1.11
C SER A 390 -21.27 -40.90 -0.07
N TYR A 391 -21.36 -41.58 -1.23
CA TYR A 391 -20.82 -41.10 -2.50
C TYR A 391 -21.94 -41.25 -3.53
N VAL A 392 -22.84 -40.27 -3.58
CA VAL A 392 -23.90 -40.28 -4.57
C VAL A 392 -23.82 -39.01 -5.39
N ASP A 393 -23.30 -37.95 -4.78
CA ASP A 393 -23.11 -36.69 -5.49
C ASP A 393 -21.81 -36.67 -6.27
N LYS A 394 -20.89 -37.59 -6.01
CA LYS A 394 -19.66 -37.72 -6.77
C LYS A 394 -19.68 -38.87 -7.75
N LEU A 395 -20.64 -39.78 -7.62
CA LEU A 395 -20.74 -40.91 -8.55
C LEU A 395 -21.54 -40.53 -9.80
N VAL A 396 -22.62 -39.78 -9.64
CA VAL A 396 -23.38 -39.30 -10.80
C VAL A 396 -22.79 -38.02 -11.39
N GLY A 397 -21.80 -37.43 -10.74
CA GLY A 397 -21.18 -36.23 -11.23
C GLY A 397 -19.96 -36.52 -12.08
N MET A 398 -19.85 -37.76 -12.56
CA MET A 398 -18.72 -38.16 -13.38
C MET A 398 -19.05 -38.02 -14.86
N ASN A 399 -18.02 -37.73 -15.66
CA ASN A 399 -18.21 -37.42 -17.06
C ASN A 399 -18.58 -38.67 -17.86
N ILE A 400 -19.00 -38.44 -19.11
CA ILE A 400 -19.41 -39.54 -19.97
C ILE A 400 -18.22 -40.42 -20.33
N PHE A 401 -17.06 -39.81 -20.62
CA PHE A 401 -15.92 -40.58 -21.07
C PHE A 401 -15.40 -41.54 -20.01
N HIS A 402 -15.82 -41.40 -18.76
CA HIS A 402 -15.47 -42.38 -17.74
C HIS A 402 -16.08 -43.75 -18.00
N MET A 403 -17.04 -43.84 -18.91
CA MET A 403 -17.61 -45.13 -19.30
C MET A 403 -16.88 -45.76 -20.48
N THR A 404 -15.81 -45.13 -20.96
CA THR A 404 -15.02 -45.68 -22.06
C THR A 404 -13.98 -46.66 -21.52
N SER A 405 -13.38 -47.41 -22.46
CA SER A 405 -12.41 -48.43 -22.07
C SER A 405 -11.13 -47.81 -21.51
N ASP A 406 -10.66 -46.73 -22.13
CA ASP A 406 -9.41 -46.11 -21.69
C ASP A 406 -9.54 -45.42 -20.35
N GLU A 407 -10.76 -45.12 -19.91
CA GLU A 407 -10.96 -44.41 -18.65
C GLU A 407 -11.63 -45.26 -17.56
N ALA A 408 -12.16 -46.43 -17.91
CA ALA A 408 -12.68 -47.33 -16.89
C ALA A 408 -11.55 -48.03 -16.14
N LYS A 409 -10.45 -48.34 -16.84
CA LYS A 409 -9.31 -48.97 -16.19
C LYS A 409 -8.52 -47.99 -15.33
N LYS A 410 -8.47 -46.72 -15.75
CA LYS A 410 -7.72 -45.72 -14.99
C LYS A 410 -8.28 -45.54 -13.59
N LEU A 411 -9.61 -45.66 -13.43
CA LEU A 411 -10.19 -45.52 -12.10
C LEU A 411 -9.74 -46.65 -11.17
N ALA A 412 -9.73 -47.89 -11.67
CA ALA A 412 -9.27 -49.01 -10.86
C ALA A 412 -7.78 -48.87 -10.54
N GLU A 413 -6.98 -48.44 -11.51
CA GLU A 413 -5.55 -48.27 -11.25
C GLU A 413 -5.30 -47.16 -10.24
N GLU A 414 -6.11 -46.09 -10.30
CA GLU A 414 -5.99 -45.02 -9.31
C GLU A 414 -6.39 -45.50 -7.92
N ALA A 415 -7.43 -46.35 -7.85
CA ALA A 415 -7.80 -46.92 -6.56
C ALA A 415 -6.68 -47.77 -6.00
N LYS A 416 -6.03 -48.58 -6.85
CA LYS A 416 -4.91 -49.39 -6.40
C LYS A 416 -3.74 -48.51 -5.94
N ALA A 417 -3.46 -47.44 -6.69
CA ALA A 417 -2.37 -46.54 -6.30
C ALA A 417 -2.66 -45.86 -4.97
N LYS A 418 -3.90 -45.44 -4.74
CA LYS A 418 -4.23 -44.82 -3.47
C LYS A 418 -4.19 -45.83 -2.33
N LYS A 419 -4.57 -47.08 -2.59
CA LYS A 419 -4.42 -48.11 -1.56
C LYS A 419 -2.96 -48.33 -1.21
N GLU A 420 -2.08 -48.34 -2.21
CA GLU A 420 -0.66 -48.51 -1.92
C GLU A 420 -0.10 -47.31 -1.18
N GLU A 421 -0.58 -46.10 -1.49
CA GLU A 421 -0.17 -44.92 -0.74
C GLU A 421 -0.61 -45.00 0.71
N ASN A 422 -1.85 -45.43 0.94
CA ASN A 422 -2.34 -45.59 2.31
C ASN A 422 -1.53 -46.65 3.06
N GLU A 423 -1.16 -47.74 2.38
CA GLU A 423 -0.31 -48.74 3.00
C GLU A 423 1.06 -48.17 3.35
N TYR A 424 1.62 -47.32 2.46
CA TYR A 424 2.91 -46.70 2.76
C TYR A 424 2.81 -45.78 3.97
N TRP A 425 1.73 -45.00 4.07
CA TRP A 425 1.60 -44.08 5.20
C TRP A 425 1.27 -44.79 6.51
N LYS A 426 0.93 -46.07 6.48
CA LYS A 426 0.58 -46.80 7.68
C LYS A 426 1.76 -47.55 8.30
N THR A 427 2.96 -47.43 7.71
CA THR A 427 4.14 -48.12 8.22
C THR A 427 5.24 -47.19 8.70
N THR A 428 5.24 -45.92 8.29
CA THR A 428 6.30 -45.01 8.69
C THR A 428 6.09 -44.51 10.12
N ASP A 429 7.14 -43.94 10.68
CA ASP A 429 7.12 -43.35 12.01
C ASP A 429 7.58 -41.90 11.93
N VAL A 430 7.55 -41.22 13.07
CA VAL A 430 7.91 -39.80 13.12
C VAL A 430 9.38 -39.61 12.77
N VAL A 431 10.25 -40.48 13.29
CA VAL A 431 11.69 -40.30 13.13
C VAL A 431 12.09 -40.39 11.66
N THR A 432 11.56 -41.38 10.95
CA THR A 432 11.93 -41.55 9.55
C THR A 432 11.45 -40.38 8.70
N GLU A 433 10.21 -39.93 8.92
CA GLU A 433 9.68 -38.81 8.16
C GLU A 433 10.47 -37.53 8.42
N TYR A 434 10.79 -37.27 9.70
CA TYR A 434 11.58 -36.09 10.03
C TYR A 434 12.98 -36.18 9.45
N THR A 435 13.58 -37.38 9.47
CA THR A 435 14.90 -37.56 8.89
C THR A 435 14.89 -37.32 7.39
N LYS A 436 13.84 -37.80 6.70
CA LYS A 436 13.72 -37.51 5.27
C LYS A 436 13.58 -36.02 5.02
N ASP A 437 12.75 -35.34 5.82
CA ASP A 437 12.57 -33.91 5.66
C ASP A 437 13.90 -33.17 5.84
N LEU A 438 14.68 -33.56 6.84
CA LEU A 438 16.00 -32.97 7.04
C LEU A 438 16.91 -33.28 5.87
N GLU A 439 16.83 -34.49 5.33
CA GLU A 439 17.65 -34.87 4.19
C GLU A 439 17.30 -34.06 2.95
N GLU A 440 16.08 -33.54 2.88
CA GLU A 440 15.71 -32.68 1.75
C GLU A 440 16.58 -31.43 1.70
N ILE A 441 16.89 -30.85 2.86
CA ILE A 441 17.72 -29.65 2.93
C ILE A 441 19.10 -29.91 2.34
N MET B 1 33.74 3.22 -23.45
CA MET B 1 32.75 3.68 -22.47
C MET B 1 31.59 4.36 -23.17
N GLN B 2 31.60 4.34 -24.51
CA GLN B 2 30.50 4.79 -25.34
C GLN B 2 30.14 6.26 -25.05
N LEU B 3 31.09 7.14 -25.35
CA LEU B 3 30.87 8.59 -25.24
C LEU B 3 30.25 9.07 -26.55
N ASN B 4 28.92 9.15 -26.56
CA ASN B 4 28.18 9.61 -27.74
C ASN B 4 27.61 10.99 -27.48
N ASN B 5 27.91 11.94 -28.37
CA ASN B 5 27.38 13.28 -28.26
C ASN B 5 25.88 13.29 -28.51
N ARG B 6 25.19 14.22 -27.85
CA ARG B 6 23.74 14.31 -27.97
C ARG B 6 23.34 15.77 -27.86
N ASP B 7 22.78 16.32 -28.93
CA ASP B 7 22.36 17.72 -28.92
C ASP B 7 21.16 17.91 -27.99
N LEU B 8 21.00 19.14 -27.49
CA LEU B 8 19.87 19.44 -26.64
C LEU B 8 18.56 19.47 -27.42
N LYS B 9 18.61 19.84 -28.70
CA LYS B 9 17.39 19.89 -29.50
C LYS B 9 16.74 18.52 -29.61
N SER B 10 17.55 17.47 -29.84
CA SER B 10 17.01 16.12 -29.89
C SER B 10 16.46 15.68 -28.53
N ILE B 11 17.14 16.04 -27.45
CA ILE B 11 16.65 15.72 -26.11
C ILE B 11 15.27 16.33 -25.90
N ILE B 12 15.12 17.62 -26.22
CA ILE B 12 13.84 18.29 -26.03
C ILE B 12 12.77 17.70 -26.93
N ASP B 13 13.09 17.44 -28.19
CA ASP B 13 12.11 16.95 -29.14
C ASP B 13 11.78 15.48 -28.95
N ASN B 14 12.54 14.73 -28.15
CA ASN B 14 12.20 13.34 -27.91
C ASN B 14 11.72 13.09 -26.49
N GLU B 15 12.55 13.34 -25.47
CA GLU B 15 12.17 12.94 -24.11
C GLU B 15 11.29 13.97 -23.43
N ALA B 16 11.61 15.26 -23.56
CA ALA B 16 10.73 16.30 -23.03
C ALA B 16 9.37 16.26 -23.71
N LEU B 17 9.36 16.07 -25.03
CA LEU B 17 8.08 15.99 -25.75
C LEU B 17 7.29 14.75 -25.34
N ALA B 18 7.98 13.62 -25.16
CA ALA B 18 7.29 12.41 -24.71
C ALA B 18 6.69 12.62 -23.33
N TYR B 19 7.43 13.26 -22.42
CA TYR B 19 6.90 13.50 -21.09
C TYR B 19 5.71 14.46 -21.11
N ALA B 20 5.79 15.53 -21.91
CA ALA B 20 4.70 16.48 -21.98
C ALA B 20 3.45 15.84 -22.55
N MET B 21 3.60 15.07 -23.63
CA MET B 21 2.45 14.40 -24.22
C MET B 21 1.91 13.32 -23.29
N TYR B 22 2.78 12.67 -22.51
CA TYR B 22 2.32 11.70 -21.53
C TYR B 22 1.53 12.37 -20.42
N THR B 23 1.97 13.54 -19.97
CA THR B 23 1.20 14.27 -18.96
C THR B 23 -0.17 14.67 -19.50
N VAL B 24 -0.22 15.08 -20.77
CA VAL B 24 -1.49 15.49 -21.35
C VAL B 24 -2.42 14.29 -21.51
N GLU B 25 -1.93 13.20 -22.11
CA GLU B 25 -2.79 12.12 -22.56
C GLU B 25 -2.89 10.94 -21.59
N ASN B 26 -2.12 10.94 -20.51
CA ASN B 26 -2.11 9.79 -19.61
C ASN B 26 -2.05 10.17 -18.14
N ARG B 27 -2.06 11.44 -17.79
CA ARG B 27 -2.02 11.78 -16.37
C ARG B 27 -3.11 12.74 -15.92
N ALA B 28 -3.41 13.76 -16.70
CA ALA B 28 -4.17 14.92 -16.20
C ALA B 28 -5.50 15.12 -16.90
N ILE B 29 -5.54 15.05 -18.22
CA ILE B 29 -6.77 15.32 -18.95
C ILE B 29 -7.65 14.07 -18.91
N PRO B 30 -8.91 14.19 -18.54
CA PRO B 30 -9.78 13.01 -18.47
C PRO B 30 -10.22 12.54 -19.85
N ASN B 31 -10.61 11.27 -19.90
CA ASN B 31 -11.17 10.70 -21.11
C ASN B 31 -12.60 11.18 -21.28
N MET B 32 -13.00 11.43 -22.54
CA MET B 32 -14.33 11.94 -22.82
C MET B 32 -15.42 10.93 -22.48
N ILE B 33 -15.16 9.64 -22.69
CA ILE B 33 -16.22 8.64 -22.63
C ILE B 33 -16.49 8.22 -21.19
N ASP B 34 -15.51 7.59 -20.54
CA ASP B 34 -15.73 7.13 -19.18
C ASP B 34 -15.47 8.20 -18.13
N GLY B 35 -14.91 9.35 -18.52
CA GLY B 35 -14.65 10.41 -17.57
C GLY B 35 -13.65 10.03 -16.50
N PHE B 36 -12.60 9.30 -16.88
CA PHE B 36 -11.59 8.84 -15.95
C PHE B 36 -10.22 9.36 -16.37
N LYS B 37 -9.46 9.83 -15.40
CA LYS B 37 -8.03 9.88 -15.61
C LYS B 37 -7.46 8.48 -15.47
N PRO B 38 -6.31 8.20 -16.10
CA PRO B 38 -5.79 6.83 -16.07
C PRO B 38 -5.61 6.25 -14.67
N VAL B 39 -5.18 7.07 -13.71
CA VAL B 39 -5.06 6.58 -12.33
C VAL B 39 -6.43 6.17 -11.79
N GLN B 40 -7.46 6.98 -12.09
CA GLN B 40 -8.80 6.64 -11.65
C GLN B 40 -9.29 5.37 -12.34
N ARG B 41 -8.92 5.17 -13.60
CA ARG B 41 -9.28 3.94 -14.30
C ARG B 41 -8.62 2.73 -13.66
N PHE B 42 -7.34 2.85 -13.29
CA PHE B 42 -6.67 1.75 -12.61
C PHE B 42 -7.30 1.45 -11.26
N VAL B 43 -7.66 2.49 -10.51
CA VAL B 43 -8.32 2.29 -9.23
C VAL B 43 -9.65 1.59 -9.41
N ILE B 44 -10.42 2.01 -10.41
CA ILE B 44 -11.72 1.38 -10.67
C ILE B 44 -11.54 -0.07 -11.09
N ALA B 45 -10.57 -0.35 -11.95
CA ALA B 45 -10.33 -1.73 -12.38
C ALA B 45 -9.94 -2.62 -11.22
N ARG B 46 -9.04 -2.12 -10.34
CA ARG B 46 -8.65 -2.91 -9.19
C ARG B 46 -9.82 -3.13 -8.24
N ALA B 47 -10.65 -2.12 -8.03
CA ALA B 47 -11.81 -2.27 -7.15
C ALA B 47 -12.82 -3.26 -7.74
N LEU B 48 -12.96 -3.27 -9.07
CA LEU B 48 -13.82 -4.25 -9.71
C LEU B 48 -13.26 -5.65 -9.56
N ASP B 49 -11.93 -5.79 -9.68
CA ASP B 49 -11.31 -7.10 -9.46
C ASP B 49 -11.53 -7.58 -8.04
N LEU B 50 -11.43 -6.68 -7.07
CA LEU B 50 -11.67 -7.05 -5.67
C LEU B 50 -13.13 -7.33 -5.39
N ALA B 51 -14.05 -6.84 -6.22
CA ALA B 51 -15.47 -6.99 -5.98
C ALA B 51 -16.04 -8.30 -6.49
N ARG B 52 -15.24 -9.12 -7.18
CA ARG B 52 -15.73 -10.39 -7.69
C ARG B 52 -16.03 -11.33 -6.53
N GLY B 53 -17.25 -11.84 -6.48
CA GLY B 53 -17.69 -12.73 -5.44
C GLY B 53 -18.36 -12.05 -4.26
N ASN B 54 -18.13 -10.75 -4.08
CA ASN B 54 -18.79 -9.99 -3.02
C ASN B 54 -18.80 -8.52 -3.45
N LYS B 55 -19.95 -8.07 -3.94
CA LYS B 55 -20.07 -6.69 -4.41
C LYS B 55 -20.16 -5.69 -3.27
N ASP B 56 -20.55 -6.12 -2.07
CA ASP B 56 -20.78 -5.23 -0.95
C ASP B 56 -19.63 -5.19 0.04
N LYS B 57 -18.56 -5.94 -0.19
CA LYS B 57 -17.43 -5.94 0.72
C LYS B 57 -16.63 -4.66 0.56
N PHE B 58 -16.17 -4.11 1.68
CA PHE B 58 -15.36 -2.89 1.70
C PHE B 58 -13.89 -3.26 1.78
N HIS B 59 -13.08 -2.64 0.94
CA HIS B 59 -11.66 -2.93 0.85
C HIS B 59 -10.85 -1.69 1.22
N LYS B 60 -9.79 -1.89 1.98
CA LYS B 60 -8.95 -0.78 2.41
C LYS B 60 -8.34 -0.06 1.21
N LEU B 61 -8.20 1.26 1.33
CA LEU B 61 -7.57 2.02 0.26
C LEU B 61 -6.15 1.54 -0.01
N ALA B 62 -5.46 1.06 1.03
CA ALA B 62 -4.16 0.43 0.81
C ALA B 62 -4.30 -0.83 -0.03
N SER B 63 -5.33 -1.64 0.24
CA SER B 63 -5.55 -2.85 -0.55
C SER B 63 -5.83 -2.52 -2.01
N ILE B 64 -6.65 -1.49 -2.26
CA ILE B 64 -6.96 -1.10 -3.63
C ILE B 64 -5.71 -0.56 -4.32
N ALA B 65 -4.95 0.30 -3.65
CA ALA B 65 -3.81 0.93 -4.29
C ALA B 65 -2.63 -0.03 -4.45
N GLY B 66 -2.56 -1.10 -3.66
CA GLY B 66 -1.42 -2.00 -3.76
C GLY B 66 -1.37 -2.75 -5.07
N GLY B 67 -2.52 -3.24 -5.54
CA GLY B 67 -2.56 -4.08 -6.72
C GLY B 67 -2.67 -3.36 -8.04
N VAL B 68 -2.70 -2.03 -8.06
CA VAL B 68 -2.81 -1.32 -9.34
C VAL B 68 -1.54 -1.43 -10.16
N ALA B 69 -0.39 -1.66 -9.53
CA ALA B 69 0.85 -1.82 -10.28
C ALA B 69 0.84 -3.09 -11.12
N ASP B 70 0.14 -4.13 -10.66
CA ASP B 70 0.00 -5.35 -11.44
C ASP B 70 -0.87 -5.12 -12.67
N LEU B 71 -1.79 -4.16 -12.60
CA LEU B 71 -2.66 -3.85 -13.73
C LEU B 71 -1.99 -2.98 -14.78
N GLY B 72 -0.80 -2.46 -14.50
CA GLY B 72 -0.09 -1.65 -15.47
C GLY B 72 0.14 -0.22 -15.03
N TYR B 73 0.04 0.03 -13.72
CA TYR B 73 0.31 1.35 -13.18
C TYR B 73 1.81 1.50 -12.93
N HIS B 74 2.38 2.58 -13.44
CA HIS B 74 3.83 2.77 -13.45
C HIS B 74 4.29 3.86 -12.50
N HIS B 75 3.50 4.18 -11.48
CA HIS B 75 3.80 5.28 -10.58
C HIS B 75 3.65 4.83 -9.14
N GLY B 76 4.02 5.72 -8.22
CA GLY B 76 3.93 5.40 -6.82
C GLY B 76 2.49 5.24 -6.37
N GLU B 77 2.28 4.36 -5.40
CA GLU B 77 0.94 4.02 -4.95
C GLU B 77 0.28 5.15 -4.16
N ASN B 78 1.05 6.15 -3.73
CA ASN B 78 0.46 7.26 -2.98
C ASN B 78 -0.50 8.06 -3.84
N SER B 79 -0.16 8.26 -5.11
CA SER B 79 -1.07 8.96 -6.01
C SER B 79 -2.37 8.18 -6.19
N ALA B 80 -2.28 6.86 -6.29
CA ALA B 80 -3.47 6.03 -6.39
C ALA B 80 -4.31 6.12 -5.12
N GLN B 81 -3.65 6.14 -3.96
CA GLN B 81 -4.38 6.31 -2.70
C GLN B 81 -5.13 7.63 -2.67
N ASP B 82 -4.45 8.72 -3.08
CA ASP B 82 -5.09 10.03 -3.08
C ASP B 82 -6.26 10.08 -4.05
N ALA B 83 -6.09 9.54 -5.26
CA ALA B 83 -7.17 9.53 -6.23
C ALA B 83 -8.36 8.70 -5.73
N GLY B 84 -8.09 7.54 -5.14
CA GLY B 84 -9.17 6.73 -4.61
C GLY B 84 -9.92 7.43 -3.48
N ALA B 85 -9.19 8.13 -2.62
CA ALA B 85 -9.83 8.89 -1.57
C ALA B 85 -10.70 10.00 -2.14
N LEU B 86 -10.21 10.68 -3.19
CA LEU B 86 -10.99 11.75 -3.80
C LEU B 86 -12.21 11.23 -4.53
N MET B 87 -12.18 9.98 -5.01
CA MET B 87 -13.28 9.45 -5.79
C MET B 87 -14.45 8.93 -4.96
N ALA B 88 -14.31 8.85 -3.64
CA ALA B 88 -15.32 8.26 -2.77
C ALA B 88 -15.82 9.26 -1.73
N ASN B 89 -15.79 10.54 -2.07
CA ASN B 89 -16.13 11.57 -1.07
C ASN B 89 -17.59 11.93 -0.99
N THR B 90 -18.29 11.88 -2.12
CA THR B 90 -19.69 12.27 -2.15
C THR B 90 -19.83 13.77 -1.92
N TRP B 91 -19.15 14.31 -0.91
CA TRP B 91 -19.22 15.75 -0.74
C TRP B 91 -18.56 16.51 -1.89
N ASN B 92 -17.76 15.81 -2.70
CA ASN B 92 -17.06 16.39 -3.83
C ASN B 92 -17.57 15.88 -5.17
N ASN B 93 -18.35 14.79 -5.17
CA ASN B 93 -18.84 14.17 -6.38
C ASN B 93 -20.37 14.18 -6.37
N ASN B 94 -20.96 14.58 -7.49
CA ASN B 94 -22.42 14.44 -7.65
C ASN B 94 -22.79 12.98 -7.88
N PHE B 95 -21.93 12.22 -8.54
CA PHE B 95 -22.16 10.82 -8.87
C PHE B 95 -20.95 10.02 -8.40
N PRO B 96 -20.90 9.67 -7.11
CA PRO B 96 -19.74 8.93 -6.60
C PRO B 96 -19.68 7.53 -7.19
N LEU B 97 -18.58 7.23 -7.86
CA LEU B 97 -18.36 5.91 -8.42
C LEU B 97 -17.69 4.95 -7.45
N LEU B 98 -17.27 5.43 -6.29
CA LEU B 98 -16.74 4.59 -5.23
C LEU B 98 -17.50 4.91 -3.94
N ASP B 99 -17.96 3.86 -3.26
CA ASP B 99 -18.56 4.00 -1.95
C ASP B 99 -17.45 3.95 -0.91
N GLY B 100 -17.52 4.84 0.08
CA GLY B 100 -16.47 4.99 1.07
C GLY B 100 -16.95 4.61 2.45
N GLN B 101 -16.03 4.10 3.26
CA GLN B 101 -16.27 3.78 4.67
C GLN B 101 -15.19 4.46 5.49
N GLY B 102 -15.61 5.27 6.45
CA GLY B 102 -14.70 6.03 7.27
C GLY B 102 -14.79 7.52 6.98
N ASN B 103 -13.73 8.22 7.36
CA ASN B 103 -13.66 9.68 7.20
C ASN B 103 -13.00 9.99 5.86
N PHE B 104 -13.82 10.36 4.88
CA PHE B 104 -13.31 10.79 3.58
C PHE B 104 -13.35 12.30 3.41
N GLY B 105 -13.61 13.03 4.49
CA GLY B 105 -13.64 14.48 4.46
C GLY B 105 -15.06 15.02 4.40
N SER B 106 -15.15 16.34 4.54
CA SER B 106 -16.40 17.05 4.41
C SER B 106 -16.11 18.40 3.78
N ARG B 107 -17.15 19.21 3.61
CA ARG B 107 -16.95 20.55 3.06
C ARG B 107 -16.13 21.42 4.02
N THR B 108 -16.36 21.26 5.32
CA THR B 108 -15.61 22.04 6.30
C THR B 108 -14.13 21.64 6.33
N VAL B 109 -13.85 20.34 6.28
CA VAL B 109 -12.47 19.83 6.25
C VAL B 109 -12.35 18.99 4.99
N GLN B 110 -11.85 19.60 3.92
CA GLN B 110 -11.76 18.94 2.61
C GLN B 110 -10.48 18.10 2.51
N LYS B 111 -10.37 17.15 3.43
CA LYS B 111 -9.21 16.25 3.45
C LYS B 111 -9.64 14.92 4.05
N ALA B 112 -9.45 13.84 3.31
CA ALA B 112 -9.78 12.52 3.79
C ALA B 112 -8.78 12.07 4.84
N ALA B 113 -9.20 11.12 5.67
CA ALA B 113 -8.29 10.50 6.61
C ALA B 113 -7.21 9.71 5.87
N ALA B 114 -6.21 9.26 6.63
CA ALA B 114 -5.16 8.46 6.02
C ALA B 114 -5.73 7.13 5.52
N SER B 115 -5.07 6.59 4.50
CA SER B 115 -5.53 5.38 3.84
C SER B 115 -5.48 4.14 4.73
N ARG B 116 -4.82 4.24 5.88
CA ARG B 116 -4.76 3.16 6.85
C ARG B 116 -6.04 3.03 7.66
N TYR B 117 -6.97 3.97 7.51
CA TYR B 117 -8.26 3.89 8.19
C TYR B 117 -9.44 3.66 7.26
N ILE B 118 -9.42 4.14 6.03
CA ILE B 118 -10.60 4.27 5.20
C ILE B 118 -10.70 3.11 4.22
N PHE B 119 -11.94 2.67 3.96
CA PHE B 119 -12.23 1.57 3.06
C PHE B 119 -13.01 2.10 1.86
N ALA B 120 -12.96 1.35 0.76
CA ALA B 120 -13.73 1.73 -0.41
C ALA B 120 -14.20 0.48 -1.15
N ARG B 121 -15.29 0.65 -1.91
CA ARG B 121 -15.83 -0.39 -2.76
C ARG B 121 -16.44 0.28 -3.97
N VAL B 122 -16.86 -0.52 -4.94
CA VAL B 122 -17.49 0.03 -6.14
C VAL B 122 -18.92 0.42 -5.81
N SER B 123 -19.28 1.67 -6.13
CA SER B 123 -20.60 2.17 -5.84
C SER B 123 -21.65 1.55 -6.77
N LYS B 124 -22.91 1.65 -6.35
CA LYS B 124 -24.00 1.18 -7.21
C LYS B 124 -24.21 2.08 -8.42
N ASN B 125 -23.71 3.32 -8.37
CA ASN B 125 -23.78 4.20 -9.54
C ASN B 125 -22.97 3.63 -10.70
N PHE B 126 -21.78 3.10 -10.40
CA PHE B 126 -20.96 2.47 -11.43
C PHE B 126 -21.68 1.28 -12.05
N TYR B 127 -22.26 0.42 -11.22
CA TYR B 127 -23.03 -0.70 -11.75
C TYR B 127 -24.28 -0.24 -12.48
N ASN B 128 -24.75 0.97 -12.22
CA ASN B 128 -25.96 1.45 -12.85
C ASN B 128 -25.71 2.05 -14.22
N VAL B 129 -24.66 2.86 -14.38
CA VAL B 129 -24.45 3.57 -15.62
C VAL B 129 -23.33 2.99 -16.48
N TYR B 130 -22.39 2.24 -15.91
CA TYR B 130 -21.30 1.65 -16.69
C TYR B 130 -21.72 0.27 -17.15
N LYS B 131 -22.04 0.15 -18.44
CA LYS B 131 -22.49 -1.10 -19.04
C LYS B 131 -21.51 -1.52 -20.13
N ASP B 132 -21.64 -2.79 -20.53
CA ASP B 132 -20.85 -3.36 -21.63
C ASP B 132 -19.35 -3.23 -21.37
N THR B 133 -18.92 -3.80 -20.25
CA THR B 133 -17.49 -3.81 -19.93
C THR B 133 -16.72 -4.81 -20.78
N GLU B 134 -17.37 -5.88 -21.20
CA GLU B 134 -16.70 -6.90 -22.00
C GLU B 134 -16.44 -6.44 -23.43
N TYR B 135 -17.16 -5.42 -23.90
CA TYR B 135 -16.97 -4.87 -25.24
C TYR B 135 -16.17 -3.58 -25.22
N ALA B 136 -15.58 -3.23 -24.08
CA ALA B 136 -14.75 -2.05 -23.99
C ALA B 136 -13.48 -2.23 -24.83
N PRO B 137 -12.94 -1.14 -25.38
CA PRO B 137 -11.77 -1.26 -26.24
C PRO B 137 -10.56 -1.80 -25.48
N VAL B 138 -9.70 -2.50 -26.21
CA VAL B 138 -8.50 -3.10 -25.64
C VAL B 138 -7.33 -2.13 -25.85
N HIS B 139 -6.63 -1.82 -24.76
CA HIS B 139 -5.48 -0.93 -24.83
C HIS B 139 -4.37 -1.57 -25.66
N GLN B 140 -3.63 -0.73 -26.38
CA GLN B 140 -2.58 -1.21 -27.25
C GLN B 140 -1.39 -1.81 -26.49
N ASP B 141 -1.33 -1.62 -25.19
CA ASP B 141 -0.29 -2.21 -24.35
C ASP B 141 -0.82 -3.49 -23.71
N LYS B 142 -0.08 -4.58 -23.88
CA LYS B 142 -0.51 -5.85 -23.30
C LYS B 142 -0.49 -5.81 -21.78
N GLU B 143 0.34 -4.95 -21.19
CA GLU B 143 0.42 -4.84 -19.74
C GLU B 143 -0.65 -3.94 -19.14
N HIS B 144 -1.45 -3.26 -19.98
CA HIS B 144 -2.53 -2.41 -19.53
C HIS B 144 -3.78 -3.28 -19.40
N ILE B 145 -3.94 -3.90 -18.23
CA ILE B 145 -5.06 -4.83 -18.02
C ILE B 145 -6.41 -4.15 -18.15
N PRO B 146 -6.66 -2.98 -17.54
CA PRO B 146 -7.95 -2.31 -17.75
C PRO B 146 -8.10 -1.86 -19.19
N PRO B 147 -9.34 -1.69 -19.66
CA PRO B 147 -9.55 -1.34 -21.07
C PRO B 147 -9.04 0.06 -21.41
N ALA B 148 -9.10 0.43 -22.69
CA ALA B 148 -8.72 1.78 -23.09
C ALA B 148 -9.62 2.80 -22.41
N PHE B 149 -10.92 2.53 -22.36
CA PHE B 149 -11.84 3.29 -21.54
C PHE B 149 -13.08 2.45 -21.29
N TYR B 150 -13.78 2.74 -20.22
CA TYR B 150 -15.03 2.07 -19.91
C TYR B 150 -16.17 2.72 -20.70
N LEU B 151 -17.37 2.15 -20.58
CA LEU B 151 -18.51 2.54 -21.41
C LEU B 151 -19.70 2.88 -20.53
N PRO B 152 -19.76 4.10 -20.01
CA PRO B 152 -20.97 4.55 -19.33
C PRO B 152 -22.04 4.98 -20.32
N ILE B 153 -23.27 5.05 -19.83
CA ILE B 153 -24.38 5.47 -20.68
C ILE B 153 -24.62 6.98 -20.63
N ILE B 154 -24.06 7.68 -19.65
CA ILE B 154 -24.13 9.13 -19.57
C ILE B 154 -22.72 9.65 -19.36
N PRO B 155 -22.40 10.87 -19.77
CA PRO B 155 -21.02 11.36 -19.60
C PRO B 155 -20.70 11.64 -18.14
N THR B 156 -19.91 10.77 -17.52
CA THR B 156 -19.52 10.96 -16.14
C THR B 156 -18.45 12.03 -15.97
N VAL B 157 -17.81 12.44 -17.08
CA VAL B 157 -16.88 13.56 -17.03
C VAL B 157 -17.56 14.87 -16.71
N LEU B 158 -18.88 14.95 -16.87
CA LEU B 158 -19.64 16.16 -16.62
C LEU B 158 -20.31 16.18 -15.25
N LEU B 159 -20.20 15.11 -14.47
CA LEU B 159 -21.00 14.96 -13.27
C LEU B 159 -20.27 15.38 -12.00
N ASN B 160 -19.04 14.94 -11.81
CA ASN B 160 -18.34 15.15 -10.55
C ASN B 160 -17.42 16.35 -10.54
N GLY B 161 -17.18 16.98 -11.68
CA GLY B 161 -16.28 18.12 -11.73
C GLY B 161 -14.85 17.67 -11.87
N VAL B 162 -14.15 18.19 -12.89
CA VAL B 162 -12.80 17.74 -13.21
C VAL B 162 -11.87 18.95 -13.22
N SER B 163 -10.73 18.82 -12.54
CA SER B 163 -9.67 19.82 -12.59
C SER B 163 -8.34 19.11 -12.80
N GLY B 164 -7.58 19.55 -13.80
CA GLY B 164 -6.32 18.90 -14.08
C GLY B 164 -5.34 19.81 -14.78
N ILE B 165 -4.07 19.74 -14.39
CA ILE B 165 -3.02 20.56 -14.97
C ILE B 165 -2.00 19.62 -15.61
N ALA B 166 -1.74 19.84 -16.89
CA ALA B 166 -0.70 19.14 -17.63
C ALA B 166 0.33 20.17 -18.12
N THR B 167 1.27 19.71 -18.94
CA THR B 167 2.24 20.60 -19.56
C THR B 167 1.62 21.16 -20.83
N GLY B 168 1.34 22.47 -20.83
CA GLY B 168 0.79 23.14 -21.98
C GLY B 168 -0.73 23.20 -22.01
N TYR B 169 -1.41 22.22 -21.41
CA TYR B 169 -2.86 22.15 -21.43
C TYR B 169 -3.38 21.90 -20.02
N ALA B 170 -4.58 22.43 -19.77
CA ALA B 170 -5.25 22.23 -18.49
C ALA B 170 -6.75 22.12 -18.74
N THR B 171 -7.43 21.43 -17.83
CA THR B 171 -8.87 21.20 -17.93
C THR B 171 -9.56 21.63 -16.64
N TYR B 172 -10.71 22.26 -16.78
CA TYR B 172 -11.56 22.59 -15.63
C TYR B 172 -13.01 22.56 -16.08
N ILE B 173 -13.74 21.54 -15.63
CA ILE B 173 -15.15 21.38 -15.92
C ILE B 173 -15.91 21.35 -14.60
N LEU B 174 -16.93 22.20 -14.50
CA LEU B 174 -17.74 22.26 -13.29
C LEU B 174 -18.65 21.04 -13.21
N PRO B 175 -19.03 20.62 -12.00
CA PRO B 175 -20.02 19.54 -11.88
C PRO B 175 -21.38 19.97 -12.39
N HIS B 176 -22.10 19.00 -12.94
CA HIS B 176 -23.43 19.24 -13.50
C HIS B 176 -24.44 18.30 -12.87
N SER B 177 -25.69 18.70 -12.89
CA SER B 177 -26.77 17.88 -12.34
C SER B 177 -26.91 16.59 -13.13
N VAL B 178 -27.02 15.47 -12.41
CA VAL B 178 -27.09 14.17 -13.07
C VAL B 178 -28.37 14.05 -13.88
N SER B 179 -29.50 14.51 -13.33
CA SER B 179 -30.77 14.38 -14.03
C SER B 179 -30.78 15.21 -15.31
N SER B 180 -30.23 16.43 -15.26
CA SER B 180 -30.18 17.25 -16.46
C SER B 180 -29.27 16.64 -17.51
N VAL B 181 -28.15 16.06 -17.11
CA VAL B 181 -27.26 15.39 -18.05
C VAL B 181 -27.96 14.20 -18.69
N LYS B 182 -28.68 13.42 -17.90
CA LYS B 182 -29.42 12.28 -18.44
C LYS B 182 -30.49 12.73 -19.43
N LYS B 183 -31.21 13.80 -19.09
CA LYS B 183 -32.23 14.31 -20.00
C LYS B 183 -31.61 14.81 -21.30
N ALA B 184 -30.48 15.50 -21.22
CA ALA B 184 -29.81 15.97 -22.42
C ALA B 184 -29.32 14.80 -23.27
N VAL B 185 -28.80 13.75 -22.63
CA VAL B 185 -28.36 12.57 -23.36
C VAL B 185 -29.53 11.91 -24.07
N LEU B 186 -30.67 11.79 -23.39
CA LEU B 186 -31.85 11.21 -24.03
C LEU B 186 -32.30 12.06 -25.21
N GLN B 187 -32.29 13.39 -25.05
CA GLN B 187 -32.69 14.26 -26.14
C GLN B 187 -31.75 14.13 -27.34
N ALA B 188 -30.45 14.07 -27.08
CA ALA B 188 -29.49 13.90 -28.18
C ALA B 188 -29.64 12.56 -28.86
N LEU B 189 -29.88 11.49 -28.08
CA LEU B 189 -30.06 10.17 -28.65
C LEU B 189 -31.32 10.10 -29.50
N GLN B 190 -32.39 10.75 -29.06
CA GLN B 190 -33.63 10.76 -29.81
C GLN B 190 -33.64 11.77 -30.94
N GLY B 191 -32.59 12.58 -31.08
CA GLY B 191 -32.48 13.52 -32.18
C GLY B 191 -33.15 14.85 -31.99
N LYS B 192 -33.68 15.13 -30.80
CA LYS B 192 -34.33 16.40 -30.54
C LYS B 192 -33.29 17.47 -30.22
N LYS B 193 -33.75 18.70 -29.99
CA LYS B 193 -32.87 19.77 -29.58
C LYS B 193 -32.44 19.56 -28.14
N VAL B 194 -31.14 19.70 -27.87
CA VAL B 194 -30.57 19.38 -26.58
C VAL B 194 -30.52 20.64 -25.73
N THR B 195 -31.00 20.52 -24.49
CA THR B 195 -30.97 21.62 -23.54
C THR B 195 -29.71 21.56 -22.69
N LYS B 196 -29.20 22.73 -22.32
CA LYS B 196 -27.95 22.79 -21.57
C LYS B 196 -28.13 22.23 -20.17
N PRO B 197 -27.30 21.27 -19.75
CA PRO B 197 -27.40 20.77 -18.38
C PRO B 197 -27.09 21.86 -17.36
N LYS B 198 -27.76 21.77 -16.21
CA LYS B 198 -27.56 22.74 -15.14
C LYS B 198 -26.33 22.37 -14.31
N VAL B 199 -25.55 23.39 -13.95
CA VAL B 199 -24.39 23.18 -13.08
C VAL B 199 -24.89 23.09 -11.63
N GLU B 200 -24.53 22.01 -10.95
CA GLU B 200 -24.94 21.79 -9.58
C GLU B 200 -23.75 21.28 -8.77
N PHE B 201 -23.54 21.88 -7.60
CA PHE B 201 -22.46 21.47 -6.71
C PHE B 201 -23.01 20.57 -5.60
N PRO B 202 -22.22 19.60 -5.16
CA PRO B 202 -22.71 18.67 -4.12
C PRO B 202 -22.81 19.36 -2.77
N GLU B 203 -23.96 19.17 -2.11
CA GLU B 203 -24.20 19.69 -0.77
C GLU B 203 -24.01 21.20 -0.69
N PHE B 204 -24.45 21.90 -1.73
CA PHE B 204 -24.37 23.35 -1.80
C PHE B 204 -25.77 23.93 -1.81
N ARG B 205 -26.04 24.84 -0.86
CA ARG B 205 -27.35 25.45 -0.72
C ARG B 205 -27.37 26.91 -1.20
N GLY B 206 -26.32 27.33 -1.90
CA GLY B 206 -26.24 28.67 -2.43
C GLY B 206 -26.93 28.78 -3.77
N GLU B 207 -26.44 29.70 -4.61
CA GLU B 207 -27.06 29.97 -5.90
C GLU B 207 -26.01 29.97 -6.99
N VAL B 208 -26.31 29.32 -8.11
CA VAL B 208 -25.41 29.27 -9.26
C VAL B 208 -26.08 30.00 -10.42
N VAL B 209 -25.38 30.96 -11.01
CA VAL B 209 -25.94 31.84 -12.03
C VAL B 209 -25.01 31.85 -13.24
N GLU B 210 -25.58 31.70 -14.43
CA GLU B 210 -24.83 31.74 -15.68
C GLU B 210 -24.91 33.14 -16.28
N ILE B 211 -23.75 33.71 -16.63
CA ILE B 211 -23.71 35.02 -17.27
C ILE B 211 -22.48 35.10 -18.18
N ASP B 212 -22.72 35.33 -19.48
CA ASP B 212 -21.71 35.40 -20.53
C ASP B 212 -20.62 34.34 -20.36
N GLY B 213 -21.05 33.08 -20.24
CA GLY B 213 -20.11 31.98 -20.17
C GLY B 213 -19.32 31.90 -18.89
N GLN B 214 -19.78 32.55 -17.82
CA GLN B 214 -19.12 32.55 -16.53
C GLN B 214 -20.14 32.22 -15.46
N TYR B 215 -19.74 31.39 -14.49
CA TYR B 215 -20.65 30.93 -13.46
C TYR B 215 -20.35 31.65 -12.14
N GLU B 216 -21.41 32.19 -11.53
CA GLU B 216 -21.33 32.85 -10.25
C GLU B 216 -21.90 31.92 -9.18
N ILE B 217 -21.10 31.62 -8.18
CA ILE B 217 -21.48 30.78 -7.05
C ILE B 217 -21.63 31.71 -5.86
N ARG B 218 -22.86 31.85 -5.36
CA ARG B 218 -23.20 32.85 -4.37
C ARG B 218 -23.62 32.18 -3.07
N GLY B 219 -23.01 32.62 -1.97
CA GLY B 219 -23.47 32.27 -0.64
C GLY B 219 -24.62 33.16 -0.21
N THR B 220 -25.13 32.89 0.98
CA THR B 220 -26.32 33.56 1.48
C THR B 220 -26.09 34.06 2.90
N TYR B 221 -26.63 35.24 3.19
CA TYR B 221 -26.63 35.81 4.53
C TYR B 221 -28.02 36.32 4.85
N LYS B 222 -28.35 36.35 6.14
CA LYS B 222 -29.65 36.80 6.61
C LYS B 222 -29.46 37.68 7.83
N PHE B 223 -30.05 38.87 7.81
CA PHE B 223 -29.90 39.79 8.93
C PHE B 223 -30.97 39.49 9.99
N THR B 224 -30.52 39.08 11.17
CA THR B 224 -31.41 38.82 12.30
C THR B 224 -31.62 40.05 13.17
N SER B 225 -30.96 41.15 12.88
CA SER B 225 -31.09 42.39 13.64
C SER B 225 -30.53 43.52 12.79
N ARG B 226 -30.41 44.70 13.38
CA ARG B 226 -29.78 45.83 12.71
C ARG B 226 -28.26 45.75 12.70
N THR B 227 -27.69 44.86 13.51
CA THR B 227 -26.23 44.78 13.63
C THR B 227 -25.71 43.35 13.56
N GLN B 228 -26.52 42.34 13.85
CA GLN B 228 -26.09 40.94 13.82
C GLN B 228 -26.64 40.25 12.59
N MET B 229 -25.78 39.51 11.89
CA MET B 229 -26.18 38.77 10.70
C MET B 229 -25.71 37.32 10.82
N HIS B 230 -26.34 36.45 10.04
CA HIS B 230 -26.05 35.03 10.03
C HIS B 230 -25.66 34.63 8.60
N ILE B 231 -24.45 34.14 8.43
CA ILE B 231 -23.98 33.64 7.15
C ILE B 231 -24.37 32.16 7.08
N THR B 232 -25.32 31.85 6.19
CA THR B 232 -25.86 30.51 6.11
C THR B 232 -25.15 29.63 5.09
N GLU B 233 -24.49 30.23 4.11
CA GLU B 233 -23.79 29.46 3.08
C GLU B 233 -22.68 30.33 2.50
N ILE B 234 -21.56 29.70 2.16
CA ILE B 234 -20.44 30.37 1.52
C ILE B 234 -20.07 29.60 0.27
N PRO B 235 -19.42 30.27 -0.70
CA PRO B 235 -19.08 29.59 -1.97
C PRO B 235 -18.34 28.27 -1.79
N TYR B 236 -18.42 27.42 -2.82
CA TYR B 236 -17.94 26.04 -2.73
C TYR B 236 -16.42 25.93 -2.65
N LYS B 237 -15.69 27.00 -2.94
CA LYS B 237 -14.23 26.93 -2.93
C LYS B 237 -13.63 26.98 -1.53
N TYR B 238 -14.45 27.22 -0.51
CA TYR B 238 -13.96 27.45 0.84
C TYR B 238 -14.15 26.21 1.70
N ASP B 239 -13.17 25.93 2.56
CA ASP B 239 -13.35 25.12 3.75
C ASP B 239 -13.33 26.04 4.97
N ARG B 240 -13.54 25.46 6.14
CA ARG B 240 -13.64 26.27 7.35
C ARG B 240 -12.35 27.02 7.63
N GLU B 241 -11.21 26.35 7.49
CA GLU B 241 -9.93 26.96 7.81
C GLU B 241 -9.64 28.14 6.88
N THR B 242 -9.86 27.96 5.57
CA THR B 242 -9.55 29.03 4.63
C THR B 242 -10.47 30.23 4.82
N TYR B 243 -11.77 29.98 5.02
CA TYR B 243 -12.69 31.09 5.23
C TYR B 243 -12.38 31.82 6.52
N VAL B 244 -12.05 31.09 7.58
CA VAL B 244 -11.73 31.72 8.86
C VAL B 244 -10.46 32.56 8.73
N SER B 245 -9.42 32.01 8.10
CA SER B 245 -8.12 32.67 8.05
C SER B 245 -8.00 33.70 6.95
N LYS B 246 -8.94 33.75 6.01
CA LYS B 246 -8.85 34.68 4.90
C LYS B 246 -9.96 35.74 4.88
N ILE B 247 -11.07 35.52 5.57
CA ILE B 247 -12.19 36.45 5.54
C ILE B 247 -12.56 36.87 6.96
N LEU B 248 -12.86 35.89 7.82
CA LEU B 248 -13.42 36.20 9.13
C LEU B 248 -12.39 36.81 10.08
N ASP B 249 -11.19 36.23 10.12
CA ASP B 249 -10.17 36.69 11.07
C ASP B 249 -9.53 38.00 10.64
N PRO B 250 -9.24 38.23 9.35
CA PRO B 250 -8.77 39.56 8.96
C PRO B 250 -9.75 40.66 9.27
N LEU B 251 -11.05 40.39 9.19
CA LEU B 251 -12.05 41.38 9.59
C LEU B 251 -12.15 41.50 11.11
N GLU B 252 -12.02 40.39 11.82
CA GLU B 252 -12.10 40.43 13.28
C GLU B 252 -10.96 41.23 13.88
N ASN B 253 -9.74 41.02 13.40
CA ASN B 253 -8.60 41.81 13.85
C ASN B 253 -8.46 43.16 13.17
N LYS B 254 -9.58 43.86 13.00
CA LYS B 254 -9.60 45.21 12.46
C LYS B 254 -10.63 46.08 13.16
N GLY B 255 -11.30 45.58 14.19
CA GLY B 255 -12.37 46.31 14.84
C GLY B 255 -13.67 46.33 14.07
N PHE B 256 -13.82 45.47 13.06
CA PHE B 256 -15.03 45.48 12.23
C PHE B 256 -16.10 44.52 12.76
N ILE B 257 -15.75 43.25 12.93
CA ILE B 257 -16.72 42.22 13.27
C ILE B 257 -16.22 41.38 14.43
N THR B 258 -17.16 40.70 15.07
CA THR B 258 -16.88 39.59 15.98
C THR B 258 -17.73 38.41 15.55
N TRP B 259 -17.11 37.27 15.32
CA TRP B 259 -17.79 36.14 14.70
C TRP B 259 -17.78 34.94 15.62
N ASP B 260 -18.86 34.16 15.55
CA ASP B 260 -19.01 32.91 16.27
C ASP B 260 -19.41 31.81 15.30
N ASP B 261 -19.01 30.58 15.62
CA ASP B 261 -19.31 29.44 14.77
C ASP B 261 -20.74 28.98 15.04
N ALA B 262 -21.59 29.06 14.03
CA ALA B 262 -22.98 28.61 14.13
C ALA B 262 -23.26 27.42 13.23
N CYS B 263 -22.24 26.64 12.88
CA CYS B 263 -22.39 25.52 11.98
C CYS B 263 -23.22 24.42 12.65
N GLY B 264 -23.49 23.37 11.88
CA GLY B 264 -24.32 22.27 12.34
C GLY B 264 -24.46 21.17 11.31
N GLU B 265 -25.70 20.72 11.09
CA GLU B 265 -25.93 19.71 10.05
C GLU B 265 -25.50 20.23 8.68
N HIS B 266 -25.76 21.50 8.40
CA HIS B 266 -25.30 22.16 7.20
C HIS B 266 -24.12 23.06 7.55
N GLY B 267 -22.99 22.82 6.92
CA GLY B 267 -21.77 23.49 7.31
C GLY B 267 -21.74 24.94 6.86
N PHE B 268 -20.69 25.64 7.34
CA PHE B 268 -20.45 27.05 7.00
C PHE B 268 -21.61 27.94 7.44
N GLY B 269 -21.98 27.84 8.71
CA GLY B 269 -22.89 28.77 9.33
C GLY B 269 -22.14 29.59 10.36
N PHE B 270 -22.17 30.91 10.19
CA PHE B 270 -21.47 31.83 11.08
C PHE B 270 -22.43 32.89 11.59
N LYS B 271 -22.11 33.45 12.75
CA LYS B 271 -22.87 34.56 13.33
C LYS B 271 -21.91 35.73 13.48
N VAL B 272 -22.14 36.79 12.70
CA VAL B 272 -21.24 37.94 12.66
C VAL B 272 -21.96 39.13 13.30
N LYS B 273 -21.38 39.68 14.35
CA LYS B 273 -21.88 40.88 15.00
C LYS B 273 -20.95 42.03 14.62
N PHE B 274 -21.50 43.03 13.92
CA PHE B 274 -20.71 44.16 13.48
C PHE B 274 -20.44 45.11 14.64
N ARG B 275 -19.35 45.84 14.53
CA ARG B 275 -18.96 46.81 15.55
C ARG B 275 -19.40 48.21 15.12
N LYS B 276 -19.11 49.19 15.98
CA LYS B 276 -19.58 50.55 15.74
C LYS B 276 -18.90 51.17 14.53
N GLU B 277 -17.61 50.88 14.31
CA GLU B 277 -16.86 51.54 13.26
C GLU B 277 -17.05 50.91 11.88
N TYR B 278 -17.81 49.81 11.78
CA TYR B 278 -18.16 49.25 10.48
C TYR B 278 -19.50 49.83 10.06
N SER B 279 -19.48 50.73 9.09
CA SER B 279 -20.67 51.48 8.68
C SER B 279 -21.45 50.69 7.66
N LEU B 280 -22.64 50.22 8.05
CA LEU B 280 -23.54 49.55 7.13
C LEU B 280 -24.45 50.60 6.50
N SER B 281 -24.26 50.83 5.19
CA SER B 281 -25.02 51.87 4.50
C SER B 281 -26.50 51.53 4.50
N ASP B 282 -27.33 52.59 4.59
CA ASP B 282 -28.77 52.41 4.64
C ASP B 282 -29.33 51.90 3.32
N ASN B 283 -28.64 52.10 2.21
CA ASN B 283 -29.11 51.59 0.92
C ASN B 283 -29.06 50.07 0.92
N GLU B 284 -30.20 49.45 0.61
CA GLU B 284 -30.27 47.99 0.63
C GLU B 284 -29.35 47.38 -0.43
N GLU B 285 -29.34 47.95 -1.64
CA GLU B 285 -28.48 47.44 -2.69
C GLU B 285 -27.01 47.60 -2.33
N GLU B 286 -26.63 48.77 -1.82
CA GLU B 286 -25.24 49.00 -1.43
C GLU B 286 -24.84 48.11 -0.27
N ARG B 287 -25.74 47.93 0.71
CA ARG B 287 -25.45 47.04 1.83
C ARG B 287 -25.22 45.61 1.34
N HIS B 288 -26.08 45.14 0.45
CA HIS B 288 -25.94 43.78 -0.09
C HIS B 288 -24.62 43.63 -0.86
N ALA B 289 -24.30 44.61 -1.70
CA ALA B 289 -23.06 44.54 -2.47
C ALA B 289 -21.84 44.55 -1.55
N LYS B 290 -21.85 45.41 -0.53
CA LYS B 290 -20.73 45.48 0.40
C LYS B 290 -20.57 44.19 1.18
N ILE B 291 -21.67 43.58 1.60
CA ILE B 291 -21.57 42.33 2.35
C ILE B 291 -21.09 41.20 1.45
N MET B 292 -21.52 41.18 0.20
CA MET B 292 -20.99 40.20 -0.75
C MET B 292 -19.49 40.39 -0.96
N LYS B 293 -19.04 41.62 -1.15
CA LYS B 293 -17.64 41.84 -1.51
C LYS B 293 -16.71 41.64 -0.31
N ASP B 294 -17.10 42.15 0.86
CA ASP B 294 -16.21 42.12 2.01
C ASP B 294 -16.08 40.71 2.59
N PHE B 295 -17.14 39.93 2.56
CA PHE B 295 -17.13 38.59 3.15
C PHE B 295 -16.81 37.50 2.15
N GLY B 296 -16.46 37.86 0.92
CA GLY B 296 -16.07 36.86 -0.07
C GLY B 296 -17.15 35.84 -0.37
N LEU B 297 -18.39 36.29 -0.48
CA LEU B 297 -19.53 35.38 -0.64
C LEU B 297 -19.85 35.10 -2.10
N ILE B 298 -19.05 35.58 -3.03
CA ILE B 298 -19.26 35.34 -4.46
C ILE B 298 -17.98 34.76 -5.04
N GLU B 299 -18.09 33.58 -5.64
CA GLU B 299 -17.01 32.94 -6.37
C GLU B 299 -17.34 32.97 -7.86
N ARG B 300 -16.35 33.26 -8.70
CA ARG B 300 -16.56 33.34 -10.13
C ARG B 300 -15.68 32.29 -10.81
N ARG B 301 -16.30 31.41 -11.59
CA ARG B 301 -15.60 30.33 -12.25
C ARG B 301 -15.92 30.34 -13.74
N SER B 302 -15.02 29.74 -14.51
CA SER B 302 -15.23 29.54 -15.93
C SER B 302 -14.69 28.17 -16.30
N GLN B 303 -15.34 27.52 -17.25
CA GLN B 303 -14.96 26.17 -17.66
C GLN B 303 -13.92 26.22 -18.76
N ASN B 304 -13.07 25.19 -18.80
CA ASN B 304 -12.13 24.95 -19.88
C ASN B 304 -12.26 23.47 -20.21
N ILE B 305 -13.18 23.15 -21.13
CA ILE B 305 -13.51 21.76 -21.41
C ILE B 305 -12.46 21.15 -22.34
N THR B 306 -11.46 20.50 -21.75
CA THR B 306 -10.44 19.78 -22.49
C THR B 306 -10.53 18.31 -22.11
N VAL B 307 -10.65 17.44 -23.11
CA VAL B 307 -10.86 16.01 -22.88
C VAL B 307 -10.01 15.21 -23.86
N ILE B 308 -9.98 13.90 -23.63
CA ILE B 308 -9.35 12.94 -24.52
C ILE B 308 -10.47 12.12 -25.15
N ASN B 309 -10.58 12.17 -26.47
CA ASN B 309 -11.66 11.50 -27.17
C ASN B 309 -11.36 10.02 -27.33
N GLU B 310 -12.21 9.30 -28.07
CA GLU B 310 -12.05 7.87 -28.23
C GLU B 310 -10.83 7.51 -29.07
N LYS B 311 -10.33 8.43 -29.88
CA LYS B 311 -9.15 8.19 -30.68
C LYS B 311 -7.85 8.45 -29.92
N GLY B 312 -7.94 8.88 -28.66
CA GLY B 312 -6.77 9.15 -27.86
C GLY B 312 -6.20 10.55 -28.00
N LYS B 313 -6.73 11.35 -28.91
CA LYS B 313 -6.21 12.70 -29.12
C LYS B 313 -6.81 13.66 -28.08
N LEU B 314 -6.40 14.92 -28.17
CA LEU B 314 -6.90 15.96 -27.28
C LEU B 314 -7.93 16.81 -28.01
N GLN B 315 -9.06 17.06 -27.37
CA GLN B 315 -10.13 17.85 -27.94
C GLN B 315 -10.59 18.91 -26.95
N VAL B 316 -10.76 20.13 -27.46
CA VAL B 316 -11.24 21.26 -26.66
C VAL B 316 -12.64 21.61 -27.15
N TYR B 317 -13.61 21.55 -26.25
CA TYR B 317 -14.98 21.91 -26.55
C TYR B 317 -15.31 23.27 -25.96
N ASP B 318 -16.13 24.03 -26.67
CA ASP B 318 -16.61 25.31 -26.19
C ASP B 318 -17.97 25.21 -25.49
N ASN B 319 -18.51 24.01 -25.34
CA ASN B 319 -19.84 23.84 -24.77
C ASN B 319 -19.96 22.43 -24.21
N VAL B 320 -20.97 22.25 -23.37
CA VAL B 320 -21.25 20.93 -22.81
C VAL B 320 -22.22 20.15 -23.69
N VAL B 321 -23.11 20.84 -24.39
CA VAL B 321 -24.04 20.17 -25.31
C VAL B 321 -23.29 19.49 -26.43
N ASP B 322 -22.25 20.13 -26.95
CA ASP B 322 -21.43 19.50 -27.99
C ASP B 322 -20.78 18.22 -27.48
N LEU B 323 -20.27 18.26 -26.25
CA LEU B 323 -19.66 17.07 -25.65
C LEU B 323 -20.69 15.96 -25.51
N ILE B 324 -21.91 16.31 -25.08
CA ILE B 324 -22.95 15.29 -24.91
C ILE B 324 -23.32 14.67 -26.26
N LYS B 325 -23.43 15.49 -27.30
CA LYS B 325 -23.76 14.97 -28.62
C LYS B 325 -22.66 14.04 -29.14
N ASP B 326 -21.39 14.44 -28.97
CA ASP B 326 -20.29 13.58 -29.40
C ASP B 326 -20.26 12.28 -28.60
N PHE B 327 -20.51 12.36 -27.29
CA PHE B 327 -20.53 11.16 -26.47
C PHE B 327 -21.63 10.20 -26.92
N VAL B 328 -22.82 10.74 -27.22
CA VAL B 328 -23.92 9.88 -27.66
C VAL B 328 -23.58 9.24 -29.01
N GLU B 329 -23.00 10.02 -29.92
CA GLU B 329 -22.63 9.47 -31.22
C GLU B 329 -21.61 8.33 -31.07
N VAL B 330 -20.66 8.49 -30.16
CA VAL B 330 -19.67 7.44 -29.95
C VAL B 330 -20.31 6.22 -29.27
N ARG B 331 -21.19 6.44 -28.29
CA ARG B 331 -21.73 5.34 -27.51
C ARG B 331 -22.74 4.52 -28.31
N LYS B 332 -23.38 5.12 -29.32
CA LYS B 332 -24.29 4.36 -30.16
C LYS B 332 -23.55 3.24 -30.89
N THR B 333 -22.32 3.51 -31.33
CA THR B 333 -21.52 2.49 -32.00
C THR B 333 -21.23 1.31 -31.08
N TYR B 334 -20.94 1.59 -29.81
CA TYR B 334 -20.66 0.50 -28.88
C TYR B 334 -21.94 -0.26 -28.50
N VAL B 335 -23.08 0.42 -28.49
CA VAL B 335 -24.34 -0.31 -28.33
C VAL B 335 -24.55 -1.26 -29.51
N GLN B 336 -24.27 -0.80 -30.72
CA GLN B 336 -24.38 -1.67 -31.89
C GLN B 336 -23.41 -2.85 -31.80
N LYS B 337 -22.19 -2.59 -31.33
CA LYS B 337 -21.21 -3.66 -31.15
C LYS B 337 -21.71 -4.69 -30.13
N ARG B 338 -22.29 -4.22 -29.03
CA ARG B 338 -22.86 -5.13 -28.05
C ARG B 338 -23.97 -5.98 -28.67
N ILE B 339 -24.83 -5.36 -29.47
CA ILE B 339 -25.92 -6.12 -30.10
C ILE B 339 -25.37 -7.20 -31.01
N ASP B 340 -24.39 -6.85 -31.85
CA ASP B 340 -23.82 -7.82 -32.77
C ASP B 340 -23.14 -8.97 -32.03
N ASN B 341 -22.35 -8.64 -31.00
CA ASN B 341 -21.64 -9.67 -30.25
C ASN B 341 -22.63 -10.58 -29.51
N LYS B 342 -23.70 -10.00 -28.97
CA LYS B 342 -24.72 -10.82 -28.30
C LYS B 342 -25.39 -11.76 -29.29
N ILE B 343 -25.68 -11.27 -30.50
CA ILE B 343 -26.28 -12.14 -31.52
C ILE B 343 -25.35 -13.32 -31.79
N LYS B 344 -24.07 -13.05 -32.03
CA LYS B 344 -23.12 -14.11 -32.35
C LYS B 344 -23.00 -15.10 -31.19
N GLU B 345 -22.79 -14.59 -29.98
CA GLU B 345 -22.55 -15.46 -28.84
C GLU B 345 -23.77 -16.31 -28.51
N THR B 346 -24.97 -15.73 -28.62
CA THR B 346 -26.16 -16.50 -28.29
C THR B 346 -26.49 -17.51 -29.39
N GLU B 347 -26.19 -17.21 -30.65
CA GLU B 347 -26.32 -18.23 -31.68
C GLU B 347 -25.40 -19.40 -31.42
N SER B 348 -24.15 -19.12 -31.06
CA SER B 348 -23.21 -20.19 -30.74
C SER B 348 -23.67 -21.00 -29.53
N ALA B 349 -24.18 -20.31 -28.51
CA ALA B 349 -24.67 -21.00 -27.31
C ALA B 349 -25.86 -21.89 -27.64
N PHE B 350 -26.78 -21.41 -28.46
CA PHE B 350 -27.93 -22.24 -28.85
C PHE B 350 -27.48 -23.45 -29.64
N ARG B 351 -26.52 -23.27 -30.55
CA ARG B 351 -26.02 -24.41 -31.32
C ARG B 351 -25.40 -25.46 -30.41
N LEU B 352 -24.58 -25.02 -29.45
CA LEU B 352 -23.95 -25.95 -28.52
C LEU B 352 -25.00 -26.67 -27.67
N ALA B 353 -25.99 -25.93 -27.17
CA ALA B 353 -27.01 -26.53 -26.33
C ALA B 353 -27.85 -27.54 -27.11
N PHE B 354 -28.19 -27.22 -28.36
CA PHE B 354 -28.95 -28.15 -29.19
C PHE B 354 -28.12 -29.41 -29.47
N ALA B 355 -26.83 -29.24 -29.76
CA ALA B 355 -25.99 -30.41 -30.01
C ALA B 355 -25.93 -31.30 -28.77
N LYS B 356 -25.76 -30.72 -27.58
CA LYS B 356 -25.72 -31.52 -26.37
C LYS B 356 -27.06 -32.21 -26.11
N ALA B 357 -28.16 -31.49 -26.31
CA ALA B 357 -29.49 -32.05 -26.04
C ALA B 357 -29.80 -33.20 -26.98
N HIS B 358 -29.41 -33.08 -28.26
CA HIS B 358 -29.66 -34.19 -29.18
C HIS B 358 -28.69 -35.34 -28.97
N PHE B 359 -27.44 -35.06 -28.56
CA PHE B 359 -26.52 -36.13 -28.26
C PHE B 359 -27.03 -36.98 -27.09
N ILE B 360 -27.61 -36.32 -26.08
CA ILE B 360 -28.10 -37.07 -24.92
C ILE B 360 -29.26 -37.98 -25.31
N LYS B 361 -30.18 -37.49 -26.13
CA LYS B 361 -31.27 -38.34 -26.59
C LYS B 361 -30.76 -39.48 -27.46
N LYS B 362 -29.64 -39.29 -28.15
CA LYS B 362 -29.05 -40.32 -28.98
C LYS B 362 -28.15 -41.27 -28.20
N VAL B 363 -27.93 -41.01 -26.91
CA VAL B 363 -27.25 -41.97 -26.04
C VAL B 363 -28.24 -42.89 -25.35
N ILE B 364 -29.42 -42.36 -25.00
CA ILE B 364 -30.46 -43.16 -24.37
C ILE B 364 -31.09 -44.05 -25.44
N SER B 365 -30.68 -45.32 -25.48
CA SER B 365 -31.14 -46.29 -26.48
C SER B 365 -31.01 -45.71 -27.89
N GLY B 366 -29.77 -45.40 -28.26
CA GLY B 366 -29.49 -44.79 -29.55
C GLY B 366 -28.32 -45.46 -30.24
N GLU B 367 -27.99 -44.92 -31.41
CA GLU B 367 -26.90 -45.48 -32.21
C GLU B 367 -25.54 -45.29 -31.53
N ILE B 368 -25.40 -44.23 -30.74
CA ILE B 368 -24.17 -43.97 -30.02
C ILE B 368 -24.29 -44.61 -28.63
N VAL B 369 -23.53 -45.67 -28.40
CA VAL B 369 -23.45 -46.31 -27.09
C VAL B 369 -22.03 -46.13 -26.59
N VAL B 370 -21.88 -45.44 -25.45
CA VAL B 370 -20.56 -45.03 -24.98
C VAL B 370 -19.74 -46.24 -24.55
N GLN B 371 -20.37 -47.19 -23.87
CA GLN B 371 -19.64 -48.29 -23.27
C GLN B 371 -19.02 -49.20 -24.33
N GLY B 372 -17.92 -49.85 -23.94
CA GLY B 372 -17.29 -50.86 -24.77
C GLY B 372 -16.37 -50.36 -25.86
N LYS B 373 -16.03 -49.08 -25.85
CA LYS B 373 -15.08 -48.55 -26.84
C LYS B 373 -14.13 -47.58 -26.14
N THR B 374 -13.04 -47.27 -26.83
CA THR B 374 -11.96 -46.45 -26.30
C THR B 374 -12.29 -44.96 -26.41
N ARG B 375 -11.38 -44.14 -25.89
CA ARG B 375 -11.56 -42.70 -25.93
C ARG B 375 -11.49 -42.16 -27.36
N LYS B 376 -10.48 -42.61 -28.11
CA LYS B 376 -10.36 -42.17 -29.50
C LYS B 376 -11.55 -42.61 -30.35
N GLU B 377 -12.16 -43.75 -30.01
CA GLU B 377 -13.34 -44.19 -30.75
C GLU B 377 -14.44 -43.14 -30.71
N LEU B 378 -14.81 -42.69 -29.51
CA LEU B 378 -15.80 -41.63 -29.39
C LEU B 378 -15.30 -40.33 -30.00
N THR B 379 -14.10 -39.89 -29.61
CA THR B 379 -13.64 -38.57 -30.01
C THR B 379 -13.36 -38.46 -31.51
N GLU B 380 -13.36 -39.58 -32.24
CA GLU B 380 -13.24 -39.53 -33.69
C GLU B 380 -14.55 -39.84 -34.40
N GLU B 381 -15.32 -40.81 -33.91
CA GLU B 381 -16.60 -41.12 -34.53
C GLU B 381 -17.57 -39.95 -34.40
N LEU B 382 -17.63 -39.32 -33.22
CA LEU B 382 -18.46 -38.14 -33.07
C LEU B 382 -17.91 -36.96 -33.86
N SER B 383 -16.58 -36.84 -33.96
CA SER B 383 -16.00 -35.79 -34.79
C SER B 383 -16.36 -35.96 -36.25
N LYS B 384 -16.59 -37.21 -36.69
CA LYS B 384 -17.08 -37.45 -38.04
C LYS B 384 -18.44 -36.80 -38.25
N ILE B 385 -19.33 -36.89 -37.27
CA ILE B 385 -20.68 -36.33 -37.41
C ILE B 385 -20.57 -34.81 -37.56
N ASP B 386 -21.32 -34.28 -38.53
CA ASP B 386 -21.27 -32.84 -38.79
C ASP B 386 -21.76 -32.03 -37.60
N MET B 387 -22.83 -32.49 -36.94
CA MET B 387 -23.46 -31.70 -35.89
C MET B 387 -22.55 -31.57 -34.67
N TYR B 388 -21.76 -32.60 -34.38
CA TYR B 388 -20.79 -32.56 -33.29
C TYR B 388 -19.36 -32.31 -33.78
N SER B 389 -19.19 -31.60 -34.90
CA SER B 389 -17.87 -31.44 -35.50
C SER B 389 -16.92 -30.69 -34.57
N SER B 390 -17.40 -29.64 -33.91
CA SER B 390 -16.56 -28.82 -33.05
C SER B 390 -17.03 -28.82 -31.60
N TYR B 391 -17.85 -29.78 -31.20
CA TYR B 391 -18.40 -29.82 -29.85
C TYR B 391 -18.21 -31.16 -29.16
N VAL B 392 -17.39 -32.06 -29.73
CA VAL B 392 -17.28 -33.41 -29.20
C VAL B 392 -16.63 -33.41 -27.83
N ASP B 393 -15.64 -32.52 -27.62
CA ASP B 393 -14.95 -32.47 -26.33
C ASP B 393 -15.90 -32.11 -25.21
N LYS B 394 -16.78 -31.13 -25.43
CA LYS B 394 -17.79 -30.79 -24.44
C LYS B 394 -18.93 -31.80 -24.40
N LEU B 395 -19.14 -32.54 -25.49
CA LEU B 395 -20.18 -33.56 -25.50
C LEU B 395 -19.81 -34.74 -24.60
N VAL B 396 -18.57 -35.23 -24.72
CA VAL B 396 -18.15 -36.35 -23.88
C VAL B 396 -17.82 -35.92 -22.46
N GLY B 397 -17.57 -34.63 -22.23
CA GLY B 397 -17.28 -34.13 -20.91
C GLY B 397 -18.48 -33.91 -20.02
N MET B 398 -19.69 -34.14 -20.55
CA MET B 398 -20.90 -33.97 -19.76
C MET B 398 -21.04 -35.10 -18.75
N ASN B 399 -21.77 -34.81 -17.68
CA ASN B 399 -21.84 -35.71 -16.54
C ASN B 399 -22.83 -36.85 -16.79
N ILE B 400 -22.73 -37.88 -15.94
CA ILE B 400 -23.60 -39.04 -16.06
C ILE B 400 -25.05 -38.67 -15.76
N PHE B 401 -25.27 -37.73 -14.83
CA PHE B 401 -26.62 -37.32 -14.52
C PHE B 401 -27.31 -36.61 -15.70
N HIS B 402 -26.55 -36.20 -16.72
CA HIS B 402 -27.16 -35.71 -17.94
C HIS B 402 -27.56 -36.88 -18.83
N MET B 403 -28.23 -37.87 -18.27
CA MET B 403 -28.72 -38.99 -19.05
C MET B 403 -30.07 -39.50 -18.57
N THR B 404 -30.66 -38.86 -17.58
CA THR B 404 -32.01 -39.16 -17.13
C THR B 404 -33.00 -38.22 -17.80
N SER B 405 -34.26 -38.64 -17.82
CA SER B 405 -35.29 -37.87 -18.52
C SER B 405 -35.41 -36.46 -17.94
N ASP B 406 -35.33 -36.34 -16.62
CA ASP B 406 -35.46 -35.04 -15.98
C ASP B 406 -34.39 -34.07 -16.44
N GLU B 407 -33.14 -34.54 -16.52
CA GLU B 407 -32.05 -33.71 -16.99
C GLU B 407 -31.89 -33.74 -18.50
N ALA B 408 -32.59 -34.65 -19.20
CA ALA B 408 -32.54 -34.64 -20.66
C ALA B 408 -33.51 -33.61 -21.24
N LYS B 409 -34.68 -33.44 -20.61
CA LYS B 409 -35.62 -32.43 -21.08
C LYS B 409 -35.14 -31.03 -20.72
N LYS B 410 -34.36 -30.89 -19.65
CA LYS B 410 -33.81 -29.59 -19.29
C LYS B 410 -32.84 -29.07 -20.35
N LEU B 411 -32.09 -29.98 -20.98
CA LEU B 411 -31.19 -29.57 -22.06
C LEU B 411 -31.98 -29.02 -23.25
N ALA B 412 -33.06 -29.69 -23.63
CA ALA B 412 -33.90 -29.18 -24.71
C ALA B 412 -34.55 -27.86 -24.34
N GLU B 413 -35.00 -27.72 -23.09
CA GLU B 413 -35.57 -26.46 -22.64
C GLU B 413 -34.54 -25.33 -22.70
N GLU B 414 -33.31 -25.61 -22.28
CA GLU B 414 -32.25 -24.61 -22.37
C GLU B 414 -31.97 -24.23 -23.82
N ALA B 415 -31.96 -25.23 -24.72
CA ALA B 415 -31.76 -24.93 -26.14
C ALA B 415 -32.88 -24.04 -26.69
N LYS B 416 -34.13 -24.35 -26.34
CA LYS B 416 -35.25 -23.55 -26.80
C LYS B 416 -35.19 -22.13 -26.25
N ALA B 417 -34.84 -22.00 -24.97
CA ALA B 417 -34.72 -20.68 -24.36
C ALA B 417 -33.62 -19.87 -25.02
N LYS B 418 -32.48 -20.50 -25.31
CA LYS B 418 -31.40 -19.80 -25.99
C LYS B 418 -31.81 -19.39 -27.40
N LYS B 419 -32.58 -20.25 -28.09
CA LYS B 419 -33.07 -19.89 -29.41
C LYS B 419 -33.99 -18.67 -29.34
N GLU B 420 -34.91 -18.66 -28.37
CA GLU B 420 -35.81 -17.53 -28.23
C GLU B 420 -35.05 -16.25 -27.89
N GLU B 421 -34.06 -16.35 -27.00
CA GLU B 421 -33.27 -15.18 -26.62
C GLU B 421 -32.45 -14.65 -27.80
N ASN B 422 -31.88 -15.55 -28.60
CA ASN B 422 -31.15 -15.13 -29.79
C ASN B 422 -32.07 -14.46 -30.80
N GLU B 423 -33.29 -14.99 -30.94
CA GLU B 423 -34.27 -14.35 -31.83
C GLU B 423 -34.62 -12.96 -31.33
N TYR B 424 -34.74 -12.80 -30.01
CA TYR B 424 -34.98 -11.47 -29.45
C TYR B 424 -33.82 -10.53 -29.76
N TRP B 425 -32.58 -11.01 -29.62
CA TRP B 425 -31.43 -10.17 -29.88
C TRP B 425 -31.26 -9.81 -31.35
N LYS B 426 -31.94 -10.52 -32.26
CA LYS B 426 -31.81 -10.28 -33.69
C LYS B 426 -32.77 -9.23 -34.21
N THR B 427 -33.63 -8.67 -33.36
CA THR B 427 -34.61 -7.68 -33.79
C THR B 427 -34.41 -6.29 -33.21
N THR B 428 -33.72 -6.16 -32.07
CA THR B 428 -33.54 -4.86 -31.45
C THR B 428 -32.56 -4.01 -32.25
N ASP B 429 -32.58 -2.72 -31.96
CA ASP B 429 -31.69 -1.75 -32.58
C ASP B 429 -30.98 -0.95 -31.50
N VAL B 430 -30.14 0.00 -31.94
CA VAL B 430 -29.36 0.79 -31.00
C VAL B 430 -30.25 1.66 -30.14
N VAL B 431 -31.24 2.32 -30.75
CA VAL B 431 -32.08 3.27 -30.03
C VAL B 431 -32.88 2.58 -28.94
N THR B 432 -33.44 1.41 -29.26
CA THR B 432 -34.25 0.70 -28.28
C THR B 432 -33.42 0.28 -27.06
N GLU B 433 -32.24 -0.29 -27.29
CA GLU B 433 -31.39 -0.71 -26.19
C GLU B 433 -30.91 0.49 -25.37
N TYR B 434 -30.54 1.57 -26.05
CA TYR B 434 -30.11 2.78 -25.35
C TYR B 434 -31.22 3.34 -24.48
N THR B 435 -32.44 3.39 -25.01
CA THR B 435 -33.56 3.90 -24.24
C THR B 435 -33.88 2.99 -23.06
N LYS B 436 -33.79 1.68 -23.26
CA LYS B 436 -34.05 0.71 -22.20
C LYS B 436 -33.05 0.86 -21.07
N ASP B 437 -31.77 1.01 -21.41
CA ASP B 437 -30.74 1.12 -20.39
C ASP B 437 -30.68 2.50 -19.75
N LEU B 438 -31.10 3.55 -20.46
CA LEU B 438 -31.15 4.88 -19.87
C LEU B 438 -32.29 4.99 -18.87
N GLU B 439 -33.44 4.39 -19.18
CA GLU B 439 -34.60 4.50 -18.31
C GLU B 439 -34.49 3.65 -17.05
N GLU B 440 -33.47 2.80 -16.94
CA GLU B 440 -33.27 1.97 -15.77
C GLU B 440 -32.48 2.67 -14.67
N ILE B 441 -32.01 3.88 -14.92
CA ILE B 441 -31.26 4.63 -13.91
C ILE B 441 -32.18 5.09 -12.79
N LYS C 393 31.06 20.20 4.81
CA LYS C 393 30.67 18.93 4.22
C LYS C 393 29.17 18.89 3.92
N VAL C 394 28.79 18.04 2.97
CA VAL C 394 27.39 17.83 2.60
C VAL C 394 26.98 16.46 3.13
N HIS C 395 25.79 16.40 3.72
CA HIS C 395 25.40 15.23 4.50
C HIS C 395 25.38 13.96 3.66
N LYS C 396 24.70 13.99 2.52
CA LYS C 396 24.48 12.80 1.71
C LYS C 396 25.45 12.68 0.54
N HIS C 397 26.42 13.59 0.45
CA HIS C 397 27.45 13.49 -0.57
C HIS C 397 28.35 12.29 -0.29
N ILE C 398 28.65 11.51 -1.32
CA ILE C 398 29.53 10.35 -1.22
C ILE C 398 30.79 10.71 -2.00
N LYS C 399 31.85 11.07 -1.28
CA LYS C 399 33.04 11.61 -1.90
C LYS C 399 33.83 10.53 -2.61
N ALA C 400 34.40 10.89 -3.75
CA ALA C 400 35.42 10.07 -4.40
C ALA C 400 36.77 10.31 -3.74
N ASN C 401 37.62 9.28 -3.78
CA ASN C 401 38.92 9.41 -3.11
C ASN C 401 39.80 10.46 -3.76
N LEU C 402 39.66 10.66 -5.08
CA LEU C 402 40.45 11.64 -5.80
C LEU C 402 39.68 12.94 -6.03
N CYS C 403 38.53 13.10 -5.38
CA CYS C 403 37.75 14.33 -5.53
C CYS C 403 38.52 15.51 -4.98
N GLY C 404 38.51 16.60 -5.75
CA GLY C 404 39.24 17.82 -5.40
C GLY C 404 40.63 17.87 -5.99
N LYS C 405 41.27 16.72 -6.17
CA LYS C 405 42.60 16.64 -6.75
C LYS C 405 42.50 16.51 -8.27
N ASP C 406 43.64 16.33 -8.93
CA ASP C 406 43.70 16.29 -10.38
C ASP C 406 43.38 14.88 -10.87
N ALA C 407 42.19 14.71 -11.42
CA ALA C 407 41.73 13.43 -11.97
C ALA C 407 40.52 13.71 -12.85
N ASP C 408 39.89 12.64 -13.32
CA ASP C 408 38.68 12.73 -14.11
C ASP C 408 37.42 12.33 -13.34
N THR C 409 37.43 12.55 -12.02
CA THR C 409 36.35 12.12 -11.15
C THR C 409 35.01 12.66 -11.63
N THR C 410 33.99 11.80 -11.59
CA THR C 410 32.65 12.13 -12.08
C THR C 410 31.67 12.10 -10.92
N LEU C 411 30.81 13.11 -10.87
CA LEU C 411 29.73 13.17 -9.88
C LEU C 411 28.46 12.58 -10.47
N PHE C 412 27.85 11.64 -9.75
CA PHE C 412 26.61 11.02 -10.17
C PHE C 412 25.46 11.69 -9.44
N LEU C 413 24.51 12.23 -10.20
CA LEU C 413 23.38 12.95 -9.65
C LEU C 413 22.12 12.09 -9.81
N THR C 414 21.86 11.26 -8.81
CA THR C 414 20.63 10.49 -8.81
C THR C 414 19.45 11.40 -8.47
N GLU C 415 18.24 10.88 -8.68
CA GLU C 415 17.03 11.64 -8.37
C GLU C 415 16.39 11.19 -7.07
N GLY C 416 17.08 10.40 -6.26
CA GLY C 416 16.54 10.03 -4.96
C GLY C 416 17.57 9.26 -4.16
N ASP C 417 17.24 9.05 -2.88
CA ASP C 417 18.06 8.23 -2.01
C ASP C 417 18.06 6.78 -2.45
N SER C 418 16.91 6.27 -2.89
CA SER C 418 16.78 4.87 -3.27
C SER C 418 17.58 4.51 -4.50
N ALA C 419 17.94 5.49 -5.33
CA ALA C 419 18.67 5.25 -6.57
C ALA C 419 20.17 5.23 -6.39
N ILE C 420 20.66 5.47 -5.17
CA ILE C 420 22.09 5.58 -4.90
C ILE C 420 22.59 4.56 -3.91
N GLY C 421 21.72 3.67 -3.41
CA GLY C 421 22.16 2.69 -2.43
C GLY C 421 23.20 1.73 -2.98
N TYR C 422 23.01 1.28 -4.22
CA TYR C 422 23.95 0.36 -4.83
C TYR C 422 25.13 1.05 -5.50
N LEU C 423 25.12 2.38 -5.57
CA LEU C 423 26.18 3.09 -6.31
C LEU C 423 27.52 2.99 -5.60
N ILE C 424 27.53 3.10 -4.28
CA ILE C 424 28.80 3.11 -3.56
C ILE C 424 29.51 1.76 -3.62
N ASP C 425 28.77 0.68 -3.90
CA ASP C 425 29.37 -0.64 -3.97
C ASP C 425 29.87 -1.00 -5.35
N VAL C 426 29.30 -0.41 -6.40
CA VAL C 426 29.62 -0.77 -7.78
C VAL C 426 30.41 0.31 -8.48
N ARG C 427 30.77 1.39 -7.79
CA ARG C 427 31.48 2.51 -8.38
C ARG C 427 32.98 2.31 -8.28
N ASP C 428 33.72 3.12 -9.03
CA ASP C 428 35.14 3.24 -8.85
C ASP C 428 35.42 4.15 -7.67
N LYS C 429 36.03 3.61 -6.62
CA LYS C 429 36.20 4.37 -5.39
C LYS C 429 37.05 5.61 -5.60
N GLU C 430 38.11 5.49 -6.42
CA GLU C 430 39.01 6.60 -6.64
C GLU C 430 38.41 7.67 -7.54
N LEU C 431 37.42 7.32 -8.37
CA LEU C 431 37.03 8.20 -9.47
C LEU C 431 35.55 8.49 -9.55
N HIS C 432 34.72 8.01 -8.63
CA HIS C 432 33.28 8.19 -8.73
C HIS C 432 32.71 8.70 -7.41
N GLY C 433 31.86 9.72 -7.50
CA GLY C 433 31.12 10.20 -6.37
C GLY C 433 29.66 10.39 -6.73
N GLY C 434 28.82 10.43 -5.70
CA GLY C 434 27.39 10.52 -5.92
C GLY C 434 26.74 11.49 -4.95
N TYR C 435 25.56 11.96 -5.35
CA TYR C 435 24.72 12.81 -4.50
C TYR C 435 23.26 12.68 -4.92
N PRO C 436 22.37 12.29 -4.01
CA PRO C 436 20.96 12.16 -4.35
C PRO C 436 20.27 13.53 -4.42
N LEU C 437 19.53 13.76 -5.49
CA LEU C 437 18.76 14.98 -5.68
C LEU C 437 17.31 14.68 -5.31
N ARG C 438 16.77 15.44 -4.36
CA ARG C 438 15.40 15.17 -3.90
C ARG C 438 14.38 15.70 -4.91
N GLY C 439 13.53 14.80 -5.41
CA GLY C 439 12.36 15.15 -6.18
C GLY C 439 12.67 15.82 -7.50
N LYS C 440 11.72 16.65 -7.93
CA LYS C 440 11.85 17.39 -9.18
C LYS C 440 12.70 18.63 -8.95
N VAL C 441 13.72 18.81 -9.80
CA VAL C 441 14.65 19.91 -9.63
C VAL C 441 13.93 21.24 -9.83
N LEU C 442 14.43 22.27 -9.14
CA LEU C 442 13.82 23.59 -9.22
C LEU C 442 13.87 24.12 -10.65
N ASN C 443 12.75 24.65 -11.12
CA ASN C 443 12.68 25.30 -12.43
C ASN C 443 13.38 26.65 -12.30
N SER C 444 14.64 26.70 -12.70
CA SER C 444 15.50 27.86 -12.49
C SER C 444 15.83 28.57 -13.79
N TRP C 445 14.85 28.74 -14.67
CA TRP C 445 15.04 29.50 -15.89
C TRP C 445 14.53 30.92 -15.67
N GLY C 446 15.42 31.89 -15.86
CA GLY C 446 15.09 33.28 -15.61
C GLY C 446 15.17 33.70 -14.17
N MET C 447 15.46 32.78 -13.25
CA MET C 447 15.58 33.07 -11.84
C MET C 447 16.88 33.80 -11.56
N SER C 448 16.90 34.53 -10.44
CA SER C 448 18.13 35.16 -9.98
C SER C 448 18.99 34.14 -9.24
N TYR C 449 20.28 34.47 -9.12
CA TYR C 449 21.20 33.57 -8.43
C TYR C 449 20.83 33.41 -6.96
N ALA C 450 20.42 34.50 -6.31
CA ALA C 450 19.99 34.43 -4.92
C ALA C 450 18.76 33.54 -4.77
N ASP C 451 17.81 33.67 -5.70
CA ASP C 451 16.65 32.78 -5.70
C ASP C 451 17.05 31.34 -5.96
N MET C 452 18.03 31.13 -6.86
CA MET C 452 18.50 29.79 -7.18
C MET C 452 19.08 29.11 -5.95
N LEU C 453 19.92 29.83 -5.20
CA LEU C 453 20.63 29.27 -4.06
C LEU C 453 19.71 29.01 -2.87
N LYS C 454 18.47 29.49 -2.89
CA LYS C 454 17.54 29.20 -1.81
C LYS C 454 17.03 27.78 -1.86
N ASN C 455 17.26 27.05 -2.95
CA ASN C 455 16.91 25.65 -3.05
C ASN C 455 18.02 24.80 -2.44
N LYS C 456 17.62 23.81 -1.63
CA LYS C 456 18.60 22.94 -0.98
C LYS C 456 19.39 22.14 -2.01
N GLU C 457 18.71 21.61 -3.03
CA GLU C 457 19.38 20.74 -3.99
C GLU C 457 20.37 21.52 -4.85
N LEU C 458 19.95 22.69 -5.36
CA LEU C 458 20.85 23.49 -6.18
C LEU C 458 22.03 24.01 -5.38
N PHE C 459 21.78 24.44 -4.14
CA PHE C 459 22.86 24.89 -3.28
C PHE C 459 23.84 23.76 -2.99
N ASP C 460 23.33 22.55 -2.75
CA ASP C 460 24.21 21.42 -2.49
C ASP C 460 25.00 21.02 -3.75
N ILE C 461 24.38 21.13 -4.92
CA ILE C 461 25.10 20.87 -6.16
C ILE C 461 26.24 21.86 -6.33
N CYS C 462 25.97 23.15 -6.07
CA CYS C 462 27.02 24.15 -6.19
C CYS C 462 28.08 23.98 -5.12
N ALA C 463 27.71 23.46 -3.94
CA ALA C 463 28.68 23.27 -2.86
C ALA C 463 29.59 22.07 -3.11
N ILE C 464 29.02 20.96 -3.59
CA ILE C 464 29.81 19.74 -3.81
C ILE C 464 30.85 19.99 -4.89
N THR C 465 30.44 20.60 -6.00
CA THR C 465 31.37 21.02 -7.02
C THR C 465 31.93 22.40 -6.67
N GLY C 466 32.75 22.95 -7.56
CA GLY C 466 33.32 24.25 -7.32
C GLY C 466 32.59 25.35 -8.07
N LEU C 467 31.37 25.06 -8.50
CA LEU C 467 30.63 25.98 -9.36
C LEU C 467 30.12 27.16 -8.55
N VAL C 468 30.50 28.36 -8.98
CA VAL C 468 29.96 29.60 -8.45
C VAL C 468 28.96 30.14 -9.46
N LEU C 469 27.76 30.47 -8.97
CA LEU C 469 26.64 30.76 -9.87
C LEU C 469 26.87 31.99 -10.74
N GLY C 470 27.79 32.87 -10.36
CA GLY C 470 28.03 34.06 -11.15
C GLY C 470 29.38 34.06 -11.85
N GLU C 471 30.20 33.05 -11.58
CA GLU C 471 31.56 32.99 -12.10
C GLU C 471 31.71 31.81 -13.04
N LYS C 472 32.85 31.76 -13.72
CA LYS C 472 33.16 30.68 -14.65
C LYS C 472 33.42 29.38 -13.89
N ALA C 473 33.47 28.29 -14.64
CA ALA C 473 33.81 26.97 -14.11
C ALA C 473 35.29 26.74 -14.37
N GLU C 474 36.12 26.98 -13.36
CA GLU C 474 37.57 26.92 -13.52
C GLU C 474 38.22 25.85 -12.66
N ASN C 475 37.88 25.78 -11.38
CA ASN C 475 38.49 24.82 -10.46
C ASN C 475 37.36 24.07 -9.76
N LEU C 476 37.04 22.89 -10.26
CA LEU C 476 35.91 22.11 -9.77
C LEU C 476 36.40 20.88 -9.02
N ASN C 477 35.60 20.46 -8.03
CA ASN C 477 35.92 19.25 -7.29
C ASN C 477 35.78 18.01 -8.16
N TYR C 478 34.83 18.01 -9.09
CA TYR C 478 34.58 16.88 -9.98
C TYR C 478 34.76 17.32 -11.42
N HIS C 479 35.47 16.52 -12.20
CA HIS C 479 35.70 16.85 -13.60
C HIS C 479 34.41 16.75 -14.41
N ASN C 480 33.67 15.66 -14.23
CA ASN C 480 32.44 15.42 -14.97
C ASN C 480 31.25 15.40 -14.02
N ILE C 481 30.11 15.87 -14.53
CA ILE C 481 28.84 15.75 -13.83
C ILE C 481 27.98 14.81 -14.67
N ALA C 482 27.68 13.64 -14.13
CA ALA C 482 26.94 12.60 -14.83
C ALA C 482 25.55 12.50 -14.22
N ILE C 483 24.58 13.16 -14.84
CA ILE C 483 23.19 13.03 -14.43
C ILE C 483 22.74 11.62 -14.75
N MET C 484 22.24 10.92 -13.73
CA MET C 484 21.77 9.54 -13.92
C MET C 484 20.48 9.41 -13.13
N THR C 485 19.37 9.69 -13.82
CA THR C 485 18.04 9.68 -13.25
C THR C 485 17.27 8.44 -13.70
N ASP C 486 16.10 8.25 -13.10
CA ASP C 486 15.23 7.16 -13.51
C ASP C 486 14.80 7.36 -14.97
N ALA C 487 14.63 6.26 -15.67
CA ALA C 487 14.41 6.29 -17.12
C ALA C 487 12.95 6.38 -17.51
N ASP C 488 12.03 6.51 -16.55
CA ASP C 488 10.63 6.69 -16.89
C ASP C 488 10.41 8.11 -17.41
N HIS C 489 9.15 8.45 -17.67
CA HIS C 489 8.82 9.72 -18.30
C HIS C 489 9.21 10.90 -17.42
N ASP C 490 8.90 10.82 -16.11
CA ASP C 490 9.17 11.94 -15.22
C ASP C 490 10.67 12.21 -15.10
N GLY C 491 11.45 11.16 -14.86
CA GLY C 491 12.89 11.35 -14.72
C GLY C 491 13.58 11.79 -15.99
N LEU C 492 13.09 11.34 -17.14
CA LEU C 492 13.76 11.57 -18.40
C LEU C 492 13.30 12.83 -19.12
N GLY C 493 12.09 13.31 -18.88
CA GLY C 493 11.57 14.44 -19.61
C GLY C 493 11.25 15.65 -18.74
N SER C 494 11.33 15.50 -17.43
CA SER C 494 11.12 16.61 -16.51
C SER C 494 12.38 16.95 -15.73
N ILE C 495 12.95 15.99 -15.00
CA ILE C 495 14.09 16.27 -14.14
C ILE C 495 15.35 16.49 -14.97
N TYR C 496 15.55 15.68 -16.00
CA TYR C 496 16.76 15.78 -16.82
C TYR C 496 16.86 17.12 -17.57
N PRO C 497 15.85 17.57 -18.31
CA PRO C 497 15.98 18.88 -18.97
C PRO C 497 16.01 20.05 -18.01
N SER C 498 15.34 19.95 -16.87
CA SER C 498 15.43 21.01 -15.87
C SER C 498 16.83 21.08 -15.28
N LEU C 499 17.46 19.93 -15.05
CA LEU C 499 18.85 19.93 -14.59
C LEU C 499 19.77 20.50 -15.67
N LEU C 500 19.50 20.20 -16.93
CA LEU C 500 20.29 20.81 -18.00
C LEU C 500 20.12 22.33 -18.01
N GLY C 501 18.89 22.81 -17.78
CA GLY C 501 18.68 24.24 -17.69
C GLY C 501 19.41 24.86 -16.53
N PHE C 502 19.45 24.17 -15.39
CA PHE C 502 20.21 24.67 -14.25
C PHE C 502 21.71 24.69 -14.52
N PHE C 503 22.21 23.70 -15.25
CA PHE C 503 23.63 23.70 -15.58
C PHE C 503 23.97 24.64 -16.73
N SER C 504 22.97 25.17 -17.41
CA SER C 504 23.20 26.09 -18.53
C SER C 504 23.76 27.45 -18.13
N ASN C 505 23.75 27.81 -16.84
CA ASN C 505 24.43 29.04 -16.44
C ASN C 505 25.95 28.93 -16.54
N TRP C 506 26.49 27.74 -16.81
CA TRP C 506 27.89 27.56 -17.15
C TRP C 506 27.91 26.87 -18.52
N PRO C 507 27.65 27.61 -19.60
CA PRO C 507 27.63 26.97 -20.92
C PRO C 507 29.03 26.75 -21.47
N GLU C 508 29.92 26.25 -20.61
CA GLU C 508 31.24 25.79 -21.02
C GLU C 508 31.52 24.37 -20.55
N LEU C 509 30.81 23.87 -19.54
CA LEU C 509 30.85 22.44 -19.24
C LEU C 509 30.33 21.63 -20.42
N PHE C 510 29.24 22.10 -21.04
CA PHE C 510 28.70 21.41 -22.21
C PHE C 510 29.70 21.42 -23.36
N GLU C 511 30.34 22.57 -23.60
CA GLU C 511 31.29 22.67 -24.70
C GLU C 511 32.49 21.75 -24.48
N GLN C 512 32.96 21.65 -23.23
CA GLN C 512 34.06 20.76 -22.89
C GLN C 512 33.61 19.32 -22.67
N GLY C 513 32.32 19.04 -22.77
CA GLY C 513 31.84 17.68 -22.64
C GLY C 513 31.81 17.15 -21.22
N ARG C 514 31.71 18.02 -20.23
CA ARG C 514 31.72 17.61 -18.84
C ARG C 514 30.34 17.38 -18.27
N ILE C 515 29.28 17.52 -19.07
CA ILE C 515 27.92 17.21 -18.65
C ILE C 515 27.49 15.97 -19.40
N ARG C 516 27.22 14.89 -18.68
CA ARG C 516 26.89 13.61 -19.27
C ARG C 516 25.58 13.10 -18.69
N PHE C 517 24.95 12.20 -19.44
CA PHE C 517 23.77 11.49 -18.98
C PHE C 517 24.04 10.00 -19.05
N VAL C 518 23.81 9.30 -17.93
CA VAL C 518 24.05 7.87 -17.85
C VAL C 518 22.79 7.14 -18.28
N LYS C 519 22.86 6.43 -19.40
CA LYS C 519 21.72 5.68 -19.92
C LYS C 519 21.36 4.54 -18.97
N THR C 520 20.06 4.35 -18.76
CA THR C 520 19.55 3.35 -17.86
C THR C 520 18.35 2.67 -18.50
N PRO C 521 18.28 1.34 -18.45
CA PRO C 521 17.14 0.64 -19.08
C PRO C 521 15.84 0.94 -18.34
N VAL C 522 14.83 1.38 -19.09
CA VAL C 522 13.49 1.48 -18.53
C VAL C 522 12.73 0.17 -18.66
N ILE C 523 13.07 -0.64 -19.66
CA ILE C 523 12.45 -1.94 -19.86
C ILE C 523 13.55 -2.99 -19.91
N ILE C 524 13.34 -4.10 -19.21
CA ILE C 524 14.25 -5.23 -19.25
C ILE C 524 13.43 -6.45 -19.64
N ALA C 525 13.62 -6.92 -20.87
CA ALA C 525 12.83 -8.03 -21.41
C ALA C 525 13.62 -9.33 -21.28
N HIS C 526 12.97 -10.35 -20.71
CA HIS C 526 13.60 -11.66 -20.56
C HIS C 526 13.23 -12.50 -21.78
N VAL C 527 13.92 -12.22 -22.88
CA VAL C 527 13.66 -12.90 -24.14
C VAL C 527 14.41 -14.23 -24.13
N GLY C 528 13.66 -15.32 -24.02
CA GLY C 528 14.25 -16.64 -23.98
C GLY C 528 15.19 -16.82 -22.80
N LYS C 529 16.49 -16.88 -23.09
CA LYS C 529 17.51 -17.02 -22.06
C LYS C 529 18.40 -15.78 -21.94
N LYS C 530 18.00 -14.67 -22.55
CA LYS C 530 18.83 -13.46 -22.54
C LYS C 530 17.98 -12.25 -22.16
N GLN C 531 18.60 -11.32 -21.44
CA GLN C 531 17.95 -10.08 -21.04
C GLN C 531 18.31 -8.98 -22.03
N GLU C 532 17.30 -8.38 -22.63
CA GLU C 532 17.46 -7.24 -23.53
C GLU C 532 17.06 -5.97 -22.80
N TRP C 533 17.80 -4.90 -23.03
CA TRP C 533 17.61 -3.63 -22.32
C TRP C 533 17.11 -2.57 -23.28
N PHE C 534 16.01 -1.92 -22.92
CA PHE C 534 15.44 -0.81 -23.68
C PHE C 534 15.49 0.43 -22.80
N TYR C 535 16.21 1.45 -23.26
CA TYR C 535 16.45 2.64 -22.46
C TYR C 535 15.23 3.56 -22.40
N THR C 536 14.45 3.63 -23.47
CA THR C 536 13.25 4.44 -23.51
C THR C 536 12.05 3.58 -23.85
N VAL C 537 10.87 3.99 -23.38
CA VAL C 537 9.65 3.24 -23.64
C VAL C 537 9.33 3.24 -25.13
N ALA C 538 9.63 4.35 -25.81
CA ALA C 538 9.38 4.43 -27.24
C ALA C 538 10.17 3.38 -28.00
N GLU C 539 11.44 3.17 -27.63
CA GLU C 539 12.25 2.15 -28.29
C GLU C 539 11.65 0.76 -28.09
N TYR C 540 11.20 0.47 -26.87
CA TYR C 540 10.60 -0.84 -26.61
C TYR C 540 9.32 -1.03 -27.42
N GLU C 541 8.46 -0.02 -27.45
CA GLU C 541 7.22 -0.13 -28.21
C GLU C 541 7.50 -0.30 -29.69
N SER C 542 8.51 0.41 -30.22
CA SER C 542 8.87 0.26 -31.61
C SER C 542 9.41 -1.14 -31.91
N ALA C 543 10.18 -1.70 -30.99
CA ALA C 543 10.79 -3.01 -31.19
C ALA C 543 10.01 -4.15 -30.53
N LYS C 544 8.86 -3.87 -29.91
CA LYS C 544 8.14 -4.91 -29.20
C LYS C 544 7.60 -5.98 -30.15
N ASP C 545 7.18 -5.58 -31.34
CA ASP C 545 6.50 -6.50 -32.24
C ASP C 545 7.42 -7.63 -32.69
N ALA C 546 8.66 -7.31 -33.04
CA ALA C 546 9.57 -8.29 -33.64
C ALA C 546 10.44 -8.99 -32.60
N LEU C 547 9.83 -9.49 -31.53
CA LEU C 547 10.46 -10.33 -30.53
C LEU C 547 9.63 -11.56 -30.28
N PRO C 548 10.26 -12.67 -29.88
CA PRO C 548 9.50 -13.86 -29.52
C PRO C 548 8.81 -13.71 -28.17
N LYS C 549 8.20 -14.79 -27.68
CA LYS C 549 7.51 -14.75 -26.40
C LYS C 549 8.47 -14.37 -25.29
N HIS C 550 8.06 -13.41 -24.45
CA HIS C 550 8.92 -12.87 -23.41
C HIS C 550 8.06 -12.22 -22.35
N SER C 551 8.73 -11.84 -21.26
CA SER C 551 8.11 -11.06 -20.19
C SER C 551 8.99 -9.86 -19.90
N ILE C 552 8.38 -8.71 -19.68
CA ILE C 552 9.12 -7.47 -19.48
C ILE C 552 9.11 -7.08 -18.01
N ARG C 553 10.13 -6.35 -17.61
CA ARG C 553 10.24 -5.73 -16.30
C ARG C 553 10.32 -4.23 -16.51
N TYR C 554 9.40 -3.49 -15.91
CA TYR C 554 9.39 -2.04 -15.99
C TYR C 554 10.23 -1.47 -14.86
N ILE C 555 11.20 -0.64 -15.20
CA ILE C 555 12.12 -0.07 -14.23
C ILE C 555 11.56 1.31 -13.86
N LYS C 556 10.75 1.35 -12.79
CA LYS C 556 10.20 2.61 -12.33
C LYS C 556 11.28 3.57 -11.89
N GLY C 557 12.28 3.07 -11.17
CA GLY C 557 13.41 3.87 -10.75
C GLY C 557 14.64 3.00 -10.62
N LEU C 558 15.77 3.65 -10.36
CA LEU C 558 17.03 2.92 -10.25
C LEU C 558 17.06 2.01 -9.03
N GLY C 559 16.13 2.18 -8.08
CA GLY C 559 16.00 1.26 -6.98
C GLY C 559 15.33 -0.05 -7.33
N SER C 560 14.77 -0.16 -8.53
CA SER C 560 14.15 -1.38 -9.00
C SER C 560 15.14 -2.33 -9.66
N LEU C 561 16.35 -1.86 -9.97
CA LEU C 561 17.37 -2.71 -10.58
C LEU C 561 18.07 -3.54 -9.52
N GLU C 562 18.59 -4.69 -9.94
CA GLU C 562 19.39 -5.53 -9.07
C GLU C 562 20.86 -5.13 -9.15
N LYS C 563 21.65 -5.65 -8.21
CA LYS C 563 23.05 -5.25 -8.12
C LYS C 563 23.83 -5.64 -9.37
N SER C 564 23.48 -6.77 -10.00
CA SER C 564 24.15 -7.16 -11.23
C SER C 564 23.92 -6.14 -12.33
N GLU C 565 22.67 -5.72 -12.52
CA GLU C 565 22.36 -4.75 -13.57
C GLU C 565 22.87 -3.37 -13.23
N TYR C 566 22.82 -2.99 -11.95
CA TYR C 566 23.38 -1.71 -11.52
C TYR C 566 24.88 -1.67 -11.78
N ARG C 567 25.58 -2.75 -11.43
CA ARG C 567 27.01 -2.83 -11.71
C ARG C 567 27.30 -2.80 -13.19
N GLU C 568 26.48 -3.50 -13.99
CA GLU C 568 26.68 -3.50 -15.43
C GLU C 568 26.52 -2.10 -16.01
N MET C 569 25.51 -1.36 -15.57
CA MET C 569 25.29 -0.02 -16.10
C MET C 569 26.23 1.02 -15.52
N ILE C 570 26.90 0.73 -14.41
CA ILE C 570 27.86 1.68 -13.85
C ILE C 570 29.27 1.45 -14.41
N GLN C 571 29.77 0.22 -14.36
CA GLN C 571 31.13 -0.04 -14.83
C GLN C 571 31.22 -0.27 -16.33
N ASN C 572 30.09 -0.38 -17.02
CA ASN C 572 30.05 -0.42 -18.48
C ASN C 572 29.06 0.64 -18.94
N PRO C 573 29.42 1.92 -18.82
CA PRO C 573 28.44 2.99 -18.99
C PRO C 573 28.16 3.29 -20.45
N VAL C 574 26.97 3.83 -20.69
CA VAL C 574 26.59 4.45 -21.96
C VAL C 574 26.32 5.91 -21.65
N TYR C 575 27.17 6.79 -22.17
CA TYR C 575 27.13 8.20 -21.82
C TYR C 575 26.60 9.01 -22.99
N ASP C 576 25.63 9.87 -22.71
CA ASP C 576 25.16 10.88 -23.65
C ASP C 576 25.82 12.19 -23.26
N VAL C 577 26.75 12.66 -24.08
CA VAL C 577 27.45 13.92 -23.81
C VAL C 577 26.59 15.06 -24.37
N VAL C 578 25.94 15.81 -23.48
CA VAL C 578 25.03 16.86 -23.90
C VAL C 578 25.83 18.00 -24.54
N LYS C 579 25.37 18.45 -25.71
CA LYS C 579 25.98 19.57 -26.41
C LYS C 579 24.91 20.61 -26.67
N LEU C 580 25.19 21.85 -26.30
CA LEU C 580 24.22 22.92 -26.44
C LEU C 580 24.24 23.46 -27.87
N PRO C 581 23.10 23.50 -28.57
CA PRO C 581 23.08 24.08 -29.92
C PRO C 581 23.25 25.58 -29.88
N GLU C 582 23.31 26.22 -31.06
CA GLU C 582 23.47 27.67 -31.09
C GLU C 582 22.28 28.38 -30.44
N ASN C 583 21.07 27.93 -30.75
CA ASN C 583 19.85 28.49 -30.19
C ASN C 583 19.36 27.71 -28.97
N TRP C 584 20.22 27.47 -27.97
CA TRP C 584 19.77 26.72 -26.81
C TRP C 584 18.88 27.57 -25.91
N LYS C 585 19.08 28.89 -25.93
CA LYS C 585 18.26 29.78 -25.12
C LYS C 585 16.80 29.73 -25.54
N GLU C 586 16.53 29.71 -26.86
CA GLU C 586 15.16 29.63 -27.33
C GLU C 586 14.49 28.33 -26.93
N LEU C 587 15.17 27.19 -27.10
CA LEU C 587 14.63 25.90 -26.71
C LEU C 587 14.41 25.80 -25.21
N PHE C 588 15.26 26.43 -24.40
CA PHE C 588 15.06 26.43 -22.95
C PHE C 588 13.95 27.37 -22.52
N GLU C 589 13.80 28.52 -23.20
CA GLU C 589 12.72 29.43 -22.89
C GLU C 589 11.36 28.83 -23.25
N MET C 590 11.29 28.13 -24.37
CA MET C 590 10.02 27.52 -24.78
C MET C 590 9.58 26.46 -23.77
N LEU C 591 10.47 25.53 -23.43
CA LEU C 591 10.11 24.46 -22.50
C LEU C 591 10.04 24.96 -21.06
N MET C 592 10.93 25.86 -20.68
CA MET C 592 10.98 26.43 -19.34
C MET C 592 10.77 27.93 -19.49
N GLY C 593 9.56 28.41 -19.20
CA GLY C 593 9.27 29.82 -19.37
C GLY C 593 7.89 30.13 -18.82
N ASP C 594 7.57 31.42 -18.82
CA ASP C 594 6.28 31.87 -18.32
C ASP C 594 5.17 31.60 -19.33
N ASN C 595 5.46 31.75 -20.62
CA ASN C 595 4.44 31.61 -21.66
C ASN C 595 4.13 30.14 -21.91
N ALA C 596 2.89 29.75 -21.62
CA ALA C 596 2.45 28.38 -21.86
C ALA C 596 1.93 28.16 -23.27
N ASP C 597 1.73 29.23 -24.05
CA ASP C 597 1.34 29.08 -25.44
C ASP C 597 2.50 28.59 -26.31
N LEU C 598 3.74 28.79 -25.87
CA LEU C 598 4.89 28.29 -26.60
C LEU C 598 5.03 26.78 -26.50
N ARG C 599 4.50 26.17 -25.45
CA ARG C 599 4.48 24.71 -25.33
C ARG C 599 3.34 24.07 -26.10
N LYS C 600 2.34 24.85 -26.53
CA LYS C 600 1.23 24.30 -27.28
C LYS C 600 1.55 24.16 -28.76
N GLU C 601 2.23 25.14 -29.34
CA GLU C 601 2.68 25.01 -30.72
C GLU C 601 3.72 23.89 -30.84
N TRP C 602 4.61 23.79 -29.86
CA TRP C 602 5.63 22.76 -29.89
C TRP C 602 5.03 21.36 -29.75
N MET C 603 4.01 21.23 -28.91
CA MET C 603 3.39 19.92 -28.67
C MET C 603 2.42 19.51 -29.77
N SER C 604 2.07 20.42 -30.66
CA SER C 604 1.15 20.12 -31.76
C SER C 604 1.87 19.89 -33.07
N GLN C 605 3.10 19.41 -33.02
CA GLN C 605 3.86 19.09 -34.22
C GLN C 605 5.00 18.13 -33.91
N LYS D 393 -3.93 31.62 17.98
CA LYS D 393 -2.48 31.50 18.07
C LYS D 393 -2.03 30.07 17.86
N VAL D 394 -2.66 29.14 18.58
CA VAL D 394 -2.30 27.73 18.49
C VAL D 394 -2.87 27.16 17.19
N HIS D 395 -2.00 26.72 16.30
CA HIS D 395 -2.44 26.15 15.05
C HIS D 395 -3.03 24.77 15.27
N LYS D 396 -4.00 24.40 14.42
CA LYS D 396 -4.75 23.15 14.45
C LYS D 396 -5.72 23.05 15.61
N HIS D 397 -5.84 24.09 16.43
CA HIS D 397 -6.74 24.08 17.57
C HIS D 397 -8.05 24.76 17.17
N ILE D 398 -9.13 23.99 17.14
CA ILE D 398 -10.45 24.53 16.86
C ILE D 398 -11.07 25.01 18.17
N LYS D 399 -11.52 26.26 18.18
CA LYS D 399 -11.91 26.93 19.41
C LYS D 399 -13.42 26.84 19.62
N ALA D 400 -13.81 26.70 20.88
CA ALA D 400 -15.20 26.75 21.26
C ALA D 400 -15.64 28.20 21.42
N ASN D 401 -16.92 28.46 21.14
CA ASN D 401 -17.42 29.82 21.19
C ASN D 401 -17.41 30.41 22.59
N LEU D 402 -17.32 29.58 23.62
CA LEU D 402 -17.25 30.04 25.01
C LEU D 402 -15.92 29.63 25.64
N CYS D 403 -14.83 29.75 24.89
CA CYS D 403 -13.50 29.48 25.39
C CYS D 403 -12.97 30.75 26.04
N GLY D 404 -12.76 30.71 27.35
CA GLY D 404 -12.38 31.88 28.11
C GLY D 404 -13.51 32.52 28.88
N LYS D 405 -14.72 31.95 28.80
CA LYS D 405 -15.87 32.45 29.53
C LYS D 405 -16.41 31.37 30.45
N ASP D 406 -17.17 31.78 31.46
CA ASP D 406 -17.72 30.84 32.43
C ASP D 406 -18.74 29.93 31.78
N ALA D 407 -18.35 28.69 31.51
CA ALA D 407 -19.23 27.72 30.88
C ALA D 407 -18.64 26.33 31.08
N ASP D 408 -19.43 25.31 30.76
CA ASP D 408 -18.97 23.93 30.82
C ASP D 408 -18.23 23.53 29.55
N THR D 409 -17.25 24.35 29.17
CA THR D 409 -16.51 24.12 27.95
C THR D 409 -15.65 22.86 28.07
N THR D 410 -15.53 22.13 26.97
CA THR D 410 -14.80 20.87 26.95
C THR D 410 -13.76 20.90 25.84
N LEU D 411 -12.56 20.44 26.13
CA LEU D 411 -11.49 20.29 25.15
C LEU D 411 -11.29 18.82 24.84
N PHE D 412 -11.41 18.46 23.57
CA PHE D 412 -11.26 17.08 23.13
C PHE D 412 -9.82 16.86 22.68
N LEU D 413 -9.07 16.09 23.46
CA LEU D 413 -7.68 15.74 23.11
C LEU D 413 -7.72 14.54 22.18
N THR D 414 -7.51 14.79 20.90
CA THR D 414 -7.62 13.78 19.87
C THR D 414 -6.24 13.33 19.41
N GLU D 415 -6.07 12.02 19.26
CA GLU D 415 -4.83 11.42 18.81
C GLU D 415 -4.78 11.48 17.27
N GLY D 416 -3.90 12.30 16.73
CA GLY D 416 -3.75 12.42 15.29
C GLY D 416 -4.73 13.41 14.68
N ASP D 417 -4.46 13.74 13.41
CA ASP D 417 -5.31 14.70 12.70
C ASP D 417 -6.43 14.02 11.91
N SER D 418 -6.24 12.76 11.53
CA SER D 418 -7.31 12.03 10.87
C SER D 418 -8.49 11.79 11.80
N ALA D 419 -8.25 11.75 13.10
CA ALA D 419 -9.30 11.58 14.09
C ALA D 419 -10.02 12.87 14.44
N ILE D 420 -9.42 14.03 14.16
CA ILE D 420 -10.09 15.30 14.42
C ILE D 420 -11.14 15.61 13.37
N GLY D 421 -11.09 14.96 12.21
CA GLY D 421 -12.13 15.14 11.23
C GLY D 421 -13.47 14.62 11.74
N TYR D 422 -14.54 15.26 11.27
CA TYR D 422 -15.93 15.05 11.68
C TYR D 422 -16.22 15.63 13.06
N LEU D 423 -15.21 16.07 13.81
CA LEU D 423 -15.48 16.68 15.10
C LEU D 423 -16.04 18.08 14.96
N ILE D 424 -15.47 18.86 14.03
CA ILE D 424 -15.94 20.22 13.80
C ILE D 424 -17.40 20.23 13.35
N ASP D 425 -17.85 19.14 12.74
CA ASP D 425 -19.22 19.09 12.23
C ASP D 425 -20.21 18.65 13.32
N VAL D 426 -19.81 17.73 14.19
CA VAL D 426 -20.74 17.12 15.14
C VAL D 426 -20.58 17.67 16.55
N ARG D 427 -19.68 18.61 16.76
CA ARG D 427 -19.44 19.15 18.10
C ARG D 427 -20.44 20.24 18.43
N ASP D 428 -20.69 20.41 19.73
CA ASP D 428 -21.39 21.59 20.22
C ASP D 428 -20.50 22.80 20.00
N LYS D 429 -20.92 23.71 19.10
CA LYS D 429 -20.04 24.80 18.70
C LYS D 429 -19.73 25.76 19.85
N GLU D 430 -20.68 25.93 20.78
CA GLU D 430 -20.48 26.84 21.90
C GLU D 430 -19.75 26.22 23.07
N LEU D 431 -19.57 24.89 23.10
CA LEU D 431 -19.07 24.23 24.28
C LEU D 431 -17.94 23.23 24.03
N HIS D 432 -17.64 22.87 22.78
CA HIS D 432 -16.68 21.83 22.48
C HIS D 432 -15.55 22.38 21.63
N GLY D 433 -14.31 22.17 22.08
CA GLY D 433 -13.14 22.47 21.29
C GLY D 433 -12.26 21.24 21.18
N GLY D 434 -11.39 21.25 20.18
CA GLY D 434 -10.57 20.08 19.89
C GLY D 434 -9.14 20.47 19.58
N TYR D 435 -8.25 19.50 19.81
CA TYR D 435 -6.84 19.65 19.46
C TYR D 435 -6.26 18.30 19.08
N PRO D 436 -5.68 18.16 17.90
CA PRO D 436 -5.07 16.88 17.51
C PRO D 436 -3.64 16.72 18.02
N LEU D 437 -3.38 15.62 18.71
CA LEU D 437 -2.03 15.30 19.14
C LEU D 437 -1.27 14.68 17.97
N ARG D 438 -0.06 14.18 18.24
CA ARG D 438 0.75 13.53 17.20
C ARG D 438 1.34 12.24 17.77
N GLY D 439 0.59 11.15 17.66
CA GLY D 439 1.12 9.85 18.02
C GLY D 439 1.37 9.70 19.51
N LYS D 440 2.44 8.99 19.84
CA LYS D 440 2.77 8.71 21.22
C LYS D 440 3.17 10.00 21.95
N VAL D 441 2.74 10.11 23.20
CA VAL D 441 3.03 11.28 24.02
C VAL D 441 4.33 11.04 24.76
N LEU D 442 5.11 12.11 24.90
CA LEU D 442 6.40 12.02 25.58
C LEU D 442 6.22 11.57 27.02
N ASN D 443 7.06 10.63 27.45
CA ASN D 443 7.04 10.16 28.83
C ASN D 443 7.56 11.26 29.73
N SER D 444 6.65 11.89 30.48
CA SER D 444 6.96 13.07 31.28
C SER D 444 7.16 12.75 32.75
N TRP D 445 7.19 11.47 33.13
CA TRP D 445 7.34 11.13 34.53
C TRP D 445 8.78 11.38 34.99
N GLY D 446 8.91 12.12 36.09
CA GLY D 446 10.23 12.43 36.61
C GLY D 446 10.99 13.47 35.81
N MET D 447 10.35 14.12 34.85
CA MET D 447 11.00 15.09 33.99
C MET D 447 10.94 16.48 34.61
N SER D 448 11.79 17.36 34.09
CA SER D 448 11.80 18.76 34.52
C SER D 448 10.84 19.57 33.67
N TYR D 449 10.34 20.67 34.26
CA TYR D 449 9.36 21.50 33.57
C TYR D 449 9.91 22.06 32.28
N ALA D 450 11.18 22.50 32.30
CA ALA D 450 11.82 23.01 31.09
C ALA D 450 11.97 21.93 30.03
N ASP D 451 11.95 20.66 30.42
CA ASP D 451 12.05 19.56 29.46
C ASP D 451 10.70 19.13 28.91
N MET D 452 9.63 19.21 29.72
CA MET D 452 8.31 18.92 29.20
C MET D 452 7.86 19.95 28.18
N LEU D 453 8.21 21.22 28.39
CA LEU D 453 7.80 22.28 27.49
C LEU D 453 8.51 22.24 26.15
N LYS D 454 9.58 21.45 26.01
CA LYS D 454 10.23 21.27 24.72
C LYS D 454 9.44 20.37 23.79
N ASN D 455 8.46 19.64 24.30
CA ASN D 455 7.59 18.84 23.46
C ASN D 455 6.47 19.71 22.91
N LYS D 456 6.32 19.73 21.59
CA LYS D 456 5.32 20.60 20.98
C LYS D 456 3.91 20.22 21.40
N GLU D 457 3.62 18.92 21.47
CA GLU D 457 2.28 18.48 21.84
C GLU D 457 1.96 18.84 23.28
N LEU D 458 2.92 18.67 24.19
CA LEU D 458 2.70 19.04 25.58
C LEU D 458 2.73 20.55 25.77
N PHE D 459 3.53 21.26 24.97
CA PHE D 459 3.53 22.72 25.03
C PHE D 459 2.20 23.29 24.60
N ASP D 460 1.59 22.73 23.56
CA ASP D 460 0.28 23.19 23.11
C ASP D 460 -0.85 22.42 23.79
N ILE D 461 -0.75 22.26 25.10
CA ILE D 461 -1.86 21.84 25.94
C ILE D 461 -1.89 22.83 27.11
N CYS D 462 -0.74 23.41 27.41
CA CYS D 462 -0.61 24.47 28.39
C CYS D 462 -0.85 25.85 27.79
N ALA D 463 -0.83 25.96 26.45
CA ALA D 463 -1.17 27.19 25.77
C ALA D 463 -2.67 27.25 25.44
N ILE D 464 -3.23 26.15 24.94
CA ILE D 464 -4.66 26.11 24.69
C ILE D 464 -5.44 26.26 25.98
N THR D 465 -5.01 25.57 27.03
CA THR D 465 -5.56 25.76 28.36
C THR D 465 -4.74 26.80 29.11
N GLY D 466 -5.18 27.15 30.31
CA GLY D 466 -4.46 28.12 31.11
C GLY D 466 -3.48 27.46 32.06
N LEU D 467 -3.14 26.21 31.78
CA LEU D 467 -2.34 25.42 32.69
C LEU D 467 -0.90 25.92 32.74
N VAL D 468 -0.37 26.09 33.94
CA VAL D 468 1.03 26.42 34.17
C VAL D 468 1.63 25.29 35.00
N LEU D 469 2.80 24.82 34.58
CA LEU D 469 3.36 23.59 35.17
C LEU D 469 3.64 23.75 36.65
N GLY D 470 4.18 24.89 37.05
CA GLY D 470 4.50 25.11 38.44
C GLY D 470 3.42 25.76 39.28
N GLU D 471 2.24 25.99 38.72
CA GLU D 471 1.18 26.71 39.40
C GLU D 471 -0.09 25.88 39.41
N LYS D 472 -1.00 26.25 40.32
CA LYS D 472 -2.29 25.59 40.41
C LYS D 472 -3.17 25.96 39.22
N ALA D 473 -4.23 25.18 39.02
CA ALA D 473 -5.17 25.40 37.92
C ALA D 473 -6.35 26.20 38.46
N GLU D 474 -6.26 27.52 38.34
CA GLU D 474 -7.30 28.41 38.85
C GLU D 474 -7.96 29.28 37.79
N ASN D 475 -7.33 29.48 36.62
CA ASN D 475 -7.90 30.27 35.54
C ASN D 475 -7.68 29.48 34.25
N LEU D 476 -8.65 28.66 33.88
CA LEU D 476 -8.54 27.73 32.77
C LEU D 476 -9.45 28.15 31.63
N ASN D 477 -8.93 28.08 30.40
CA ASN D 477 -9.74 28.40 29.24
C ASN D 477 -10.85 27.37 29.04
N TYR D 478 -10.55 26.10 29.27
CA TYR D 478 -11.52 25.02 29.15
C TYR D 478 -11.80 24.44 30.52
N HIS D 479 -13.07 24.20 30.82
CA HIS D 479 -13.44 23.64 32.11
C HIS D 479 -13.01 22.18 32.22
N ASN D 480 -13.31 21.38 31.20
CA ASN D 480 -13.01 19.96 31.20
C ASN D 480 -12.03 19.62 30.09
N ILE D 481 -11.24 18.58 30.32
CA ILE D 481 -10.32 18.04 29.33
C ILE D 481 -10.75 16.62 29.03
N ALA D 482 -11.23 16.38 27.82
CA ALA D 482 -11.74 15.08 27.41
C ALA D 482 -10.74 14.43 26.47
N ILE D 483 -10.02 13.43 26.98
CA ILE D 483 -9.10 12.65 26.17
C ILE D 483 -9.91 11.62 25.40
N MET D 484 -9.87 11.72 24.07
CA MET D 484 -10.56 10.77 23.20
C MET D 484 -9.55 10.22 22.21
N THR D 485 -9.24 8.93 22.33
CA THR D 485 -8.19 8.30 21.57
C THR D 485 -8.72 7.03 20.92
N ASP D 486 -7.98 6.53 19.94
CA ASP D 486 -8.35 5.28 19.31
C ASP D 486 -8.41 4.18 20.35
N ALA D 487 -9.44 3.35 20.25
CA ALA D 487 -9.70 2.33 21.26
C ALA D 487 -8.88 1.07 21.05
N ASP D 488 -7.93 1.08 20.12
CA ASP D 488 -7.03 -0.06 19.96
C ASP D 488 -6.05 -0.13 21.13
N HIS D 489 -5.21 -1.16 21.12
CA HIS D 489 -4.28 -1.35 22.23
C HIS D 489 -3.32 -0.18 22.36
N ASP D 490 -2.77 0.29 21.24
CA ASP D 490 -1.76 1.34 21.30
C ASP D 490 -2.30 2.61 21.95
N GLY D 491 -3.43 3.12 21.43
CA GLY D 491 -3.98 4.36 21.94
C GLY D 491 -4.31 4.30 23.42
N LEU D 492 -5.33 3.54 23.79
CA LEU D 492 -5.76 3.43 25.17
C LEU D 492 -4.80 2.65 26.05
N GLY D 493 -3.63 2.23 25.58
CA GLY D 493 -2.70 1.53 26.43
C GLY D 493 -1.41 2.29 26.66
N SER D 494 -1.06 3.19 25.75
CA SER D 494 0.12 4.01 25.91
C SER D 494 -0.19 5.51 25.93
N ILE D 495 -0.99 5.99 24.97
CA ILE D 495 -1.21 7.43 24.88
C ILE D 495 -2.08 7.91 26.05
N TYR D 496 -3.12 7.14 26.39
CA TYR D 496 -4.01 7.56 27.46
C TYR D 496 -3.32 7.60 28.83
N PRO D 497 -2.63 6.54 29.28
CA PRO D 497 -1.96 6.66 30.59
C PRO D 497 -0.79 7.63 30.59
N SER D 498 -0.12 7.82 29.46
CA SER D 498 0.91 8.85 29.40
C SER D 498 0.32 10.25 29.57
N LEU D 499 -0.83 10.49 28.94
CA LEU D 499 -1.51 11.78 29.12
C LEU D 499 -1.98 11.95 30.55
N LEU D 500 -2.45 10.87 31.17
CA LEU D 500 -2.81 10.93 32.58
C LEU D 500 -1.61 11.28 33.44
N GLY D 501 -0.45 10.67 33.15
CA GLY D 501 0.75 10.98 33.89
C GLY D 501 1.18 12.42 33.73
N PHE D 502 1.01 12.97 32.52
CA PHE D 502 1.31 14.39 32.32
C PHE D 502 0.36 15.28 33.11
N PHE D 503 -0.94 15.01 33.03
CA PHE D 503 -1.92 15.82 33.73
C PHE D 503 -1.88 15.62 35.24
N SER D 504 -1.15 14.62 35.72
CA SER D 504 -1.00 14.41 37.15
C SER D 504 -0.21 15.53 37.82
N ASN D 505 0.43 16.42 37.04
CA ASN D 505 1.05 17.61 37.61
C ASN D 505 0.04 18.51 38.30
N TRP D 506 -1.24 18.37 37.99
CA TRP D 506 -2.31 19.14 38.61
C TRP D 506 -3.36 18.17 39.14
N PRO D 507 -3.10 17.53 40.28
CA PRO D 507 -4.09 16.59 40.84
C PRO D 507 -5.41 17.24 41.21
N GLU D 508 -5.44 18.57 41.37
CA GLU D 508 -6.70 19.27 41.62
C GLU D 508 -7.66 19.12 40.45
N LEU D 509 -7.13 18.96 39.23
CA LEU D 509 -7.99 18.70 38.08
C LEU D 509 -8.72 17.37 38.23
N PHE D 510 -8.01 16.34 38.68
CA PHE D 510 -8.64 15.05 38.92
C PHE D 510 -9.61 15.14 40.09
N GLU D 511 -9.26 15.91 41.13
CA GLU D 511 -10.13 16.04 42.28
C GLU D 511 -11.46 16.71 41.93
N GLN D 512 -11.44 17.58 40.92
CA GLN D 512 -12.65 18.26 40.46
C GLN D 512 -13.37 17.52 39.34
N GLY D 513 -12.83 16.39 38.88
CA GLY D 513 -13.46 15.65 37.81
C GLY D 513 -13.34 16.29 36.44
N ARG D 514 -12.34 17.14 36.23
CA ARG D 514 -12.18 17.85 34.97
C ARG D 514 -11.38 17.06 33.93
N ILE D 515 -10.90 15.87 34.27
CA ILE D 515 -10.18 15.01 33.35
C ILE D 515 -11.08 13.81 33.05
N ARG D 516 -11.50 13.69 31.78
CA ARG D 516 -12.41 12.64 31.37
C ARG D 516 -11.83 11.88 30.19
N PHE D 517 -12.28 10.65 30.00
CA PHE D 517 -11.93 9.84 28.86
C PHE D 517 -13.20 9.50 28.09
N VAL D 518 -13.19 9.80 26.79
CA VAL D 518 -14.35 9.57 25.94
C VAL D 518 -14.26 8.16 25.36
N LYS D 519 -15.19 7.30 25.76
CA LYS D 519 -15.17 5.92 25.31
C LYS D 519 -15.63 5.82 23.87
N THR D 520 -14.86 5.10 23.06
CA THR D 520 -15.08 4.96 21.64
C THR D 520 -15.08 3.49 21.26
N PRO D 521 -15.99 3.06 20.39
CA PRO D 521 -16.02 1.65 20.00
C PRO D 521 -14.77 1.23 19.25
N VAL D 522 -14.22 0.07 19.62
CA VAL D 522 -13.14 -0.53 18.86
C VAL D 522 -13.64 -1.59 17.91
N ILE D 523 -14.78 -2.21 18.18
CA ILE D 523 -15.35 -3.22 17.30
C ILE D 523 -16.84 -2.93 17.14
N ILE D 524 -17.30 -2.87 15.89
CA ILE D 524 -18.72 -2.68 15.60
C ILE D 524 -19.21 -3.94 14.89
N ALA D 525 -20.08 -4.69 15.55
CA ALA D 525 -20.57 -5.96 15.03
C ALA D 525 -21.96 -5.75 14.43
N HIS D 526 -22.12 -6.13 13.17
CA HIS D 526 -23.41 -6.06 12.48
C HIS D 526 -24.16 -7.35 12.80
N VAL D 527 -24.94 -7.32 13.87
CA VAL D 527 -25.66 -8.50 14.35
C VAL D 527 -27.10 -8.38 13.88
N GLY D 528 -27.48 -9.22 12.94
CA GLY D 528 -28.82 -9.16 12.39
C GLY D 528 -29.08 -7.82 11.75
N LYS D 529 -30.09 -7.11 12.25
CA LYS D 529 -30.42 -5.78 11.78
C LYS D 529 -29.88 -4.67 12.67
N LYS D 530 -29.16 -5.01 13.73
CA LYS D 530 -28.66 -4.00 14.66
C LYS D 530 -27.14 -4.01 14.71
N GLN D 531 -26.59 -3.04 15.42
CA GLN D 531 -25.15 -2.89 15.60
C GLN D 531 -24.79 -2.96 17.07
N GLU D 532 -23.73 -3.70 17.37
CA GLU D 532 -23.20 -3.81 18.72
C GLU D 532 -21.86 -3.09 18.79
N TRP D 533 -21.69 -2.24 19.79
CA TRP D 533 -20.49 -1.42 19.96
C TRP D 533 -19.68 -1.98 21.12
N PHE D 534 -18.42 -2.34 20.85
CA PHE D 534 -17.50 -2.83 21.87
C PHE D 534 -16.33 -1.85 21.95
N TYR D 535 -16.07 -1.34 23.15
CA TYR D 535 -15.06 -0.31 23.33
C TYR D 535 -13.67 -0.89 23.53
N THR D 536 -13.56 -2.10 24.05
CA THR D 536 -12.29 -2.77 24.23
C THR D 536 -12.34 -4.15 23.58
N VAL D 537 -11.16 -4.63 23.15
CA VAL D 537 -11.09 -5.93 22.49
C VAL D 537 -11.49 -7.03 23.47
N ALA D 538 -11.06 -6.93 24.72
CA ALA D 538 -11.45 -7.92 25.73
C ALA D 538 -12.96 -7.97 25.91
N GLU D 539 -13.62 -6.81 25.82
CA GLU D 539 -15.07 -6.77 25.89
C GLU D 539 -15.71 -7.54 24.74
N TYR D 540 -15.13 -7.43 23.54
CA TYR D 540 -15.65 -8.19 22.41
C TYR D 540 -15.42 -9.68 22.60
N GLU D 541 -14.23 -10.07 23.06
CA GLU D 541 -13.95 -11.49 23.23
C GLU D 541 -14.80 -12.11 24.33
N SER D 542 -15.16 -11.34 25.35
CA SER D 542 -15.98 -11.88 26.43
C SER D 542 -17.39 -12.23 25.99
N ALA D 543 -17.90 -11.63 24.92
CA ALA D 543 -19.25 -11.87 24.44
C ALA D 543 -19.29 -12.40 23.01
N LYS D 544 -18.13 -12.70 22.42
CA LYS D 544 -18.09 -13.18 21.04
C LYS D 544 -18.72 -14.56 20.91
N ASP D 545 -18.49 -15.43 21.89
CA ASP D 545 -19.01 -16.80 21.81
C ASP D 545 -20.54 -16.82 21.82
N ALA D 546 -21.15 -16.01 22.69
CA ALA D 546 -22.60 -15.97 22.80
C ALA D 546 -23.26 -15.16 21.70
N LEU D 547 -22.50 -14.37 20.94
CA LEU D 547 -23.08 -13.56 19.89
C LEU D 547 -23.55 -14.45 18.74
N PRO D 548 -24.64 -14.11 18.08
CA PRO D 548 -25.07 -14.89 16.91
C PRO D 548 -24.22 -14.61 15.69
N LYS D 549 -24.59 -15.17 14.54
CA LYS D 549 -23.84 -14.94 13.31
C LYS D 549 -23.78 -13.44 13.01
N HIS D 550 -22.58 -12.96 12.72
CA HIS D 550 -22.36 -11.52 12.57
C HIS D 550 -21.06 -11.29 11.82
N SER D 551 -20.85 -10.04 11.42
CA SER D 551 -19.59 -9.59 10.84
C SER D 551 -19.12 -8.38 11.62
N ILE D 552 -17.86 -8.38 12.04
CA ILE D 552 -17.32 -7.32 12.88
C ILE D 552 -16.45 -6.41 12.01
N ARG D 553 -16.48 -5.12 12.33
CA ARG D 553 -15.60 -4.12 11.76
C ARG D 553 -14.68 -3.65 12.87
N TYR D 554 -13.37 -3.76 12.63
CA TYR D 554 -12.36 -3.34 13.59
C TYR D 554 -12.04 -1.87 13.35
N ILE D 555 -12.21 -1.04 14.37
CA ILE D 555 -12.03 0.40 14.27
C ILE D 555 -10.61 0.70 14.72
N LYS D 556 -9.71 0.88 13.76
CA LYS D 556 -8.32 1.19 14.07
C LYS D 556 -8.19 2.55 14.75
N GLY D 557 -8.95 3.52 14.29
CA GLY D 557 -8.93 4.85 14.87
C GLY D 557 -10.23 5.57 14.57
N LEU D 558 -10.31 6.83 15.02
CA LEU D 558 -11.52 7.61 14.79
C LEU D 558 -11.72 7.95 13.32
N GLY D 559 -10.68 7.82 12.50
CA GLY D 559 -10.81 8.02 11.08
C GLY D 559 -11.46 6.89 10.33
N SER D 560 -11.76 5.79 11.02
CA SER D 560 -12.42 4.63 10.44
C SER D 560 -13.92 4.61 10.72
N LEU D 561 -14.46 5.68 11.30
CA LEU D 561 -15.85 5.73 11.73
C LEU D 561 -16.67 6.58 10.77
N GLU D 562 -17.91 6.16 10.53
CA GLU D 562 -18.83 6.94 9.74
C GLU D 562 -19.25 8.20 10.50
N LYS D 563 -19.73 9.19 9.75
CA LYS D 563 -20.17 10.43 10.38
C LYS D 563 -21.33 10.18 11.34
N SER D 564 -22.19 9.21 11.03
CA SER D 564 -23.28 8.87 11.94
C SER D 564 -22.75 8.32 13.26
N GLU D 565 -21.77 7.41 13.19
CA GLU D 565 -21.21 6.84 14.41
C GLU D 565 -20.41 7.88 15.20
N TYR D 566 -19.67 8.74 14.50
CA TYR D 566 -18.95 9.82 15.16
C TYR D 566 -19.91 10.76 15.88
N ARG D 567 -21.00 11.12 15.21
CA ARG D 567 -22.00 11.98 15.83
C ARG D 567 -22.65 11.29 17.03
N GLU D 568 -22.94 10.00 16.91
CA GLU D 568 -23.54 9.28 18.02
C GLU D 568 -22.61 9.24 19.23
N MET D 569 -21.32 9.03 19.00
CA MET D 569 -20.38 8.95 20.11
C MET D 569 -20.05 10.32 20.68
N ILE D 570 -20.24 11.40 19.94
CA ILE D 570 -19.93 12.73 20.45
C ILE D 570 -21.13 13.37 21.14
N GLN D 571 -22.29 13.41 20.49
CA GLN D 571 -23.45 14.05 21.08
C GLN D 571 -24.16 13.20 22.12
N ASN D 572 -23.82 11.92 22.22
CA ASN D 572 -24.32 11.05 23.29
C ASN D 572 -23.12 10.36 23.93
N PRO D 573 -22.26 11.12 24.60
CA PRO D 573 -20.97 10.59 25.01
C PRO D 573 -21.04 9.75 26.27
N VAL D 574 -20.15 8.78 26.34
CA VAL D 574 -19.98 7.92 27.51
C VAL D 574 -18.61 8.27 28.09
N TYR D 575 -18.59 9.14 29.09
CA TYR D 575 -17.35 9.57 29.71
C TYR D 575 -16.97 8.65 30.86
N ASP D 576 -15.66 8.56 31.11
CA ASP D 576 -15.12 7.96 32.32
C ASP D 576 -14.30 9.03 33.01
N VAL D 577 -14.71 9.42 34.21
CA VAL D 577 -14.02 10.47 34.96
C VAL D 577 -12.86 9.85 35.73
N VAL D 578 -11.67 10.35 35.49
CA VAL D 578 -10.46 9.78 36.10
C VAL D 578 -10.31 10.33 37.51
N LYS D 579 -10.11 9.44 38.47
CA LYS D 579 -9.89 9.80 39.87
C LYS D 579 -8.58 9.19 40.34
N LEU D 580 -7.68 10.03 40.81
CA LEU D 580 -6.37 9.57 41.25
C LEU D 580 -6.49 8.85 42.59
N PRO D 581 -5.95 7.64 42.73
CA PRO D 581 -6.03 6.95 44.02
C PRO D 581 -5.05 7.54 45.02
N GLU D 582 -5.04 7.00 46.24
CA GLU D 582 -4.17 7.54 47.29
C GLU D 582 -2.70 7.34 46.98
N ASN D 583 -2.35 6.34 46.15
CA ASN D 583 -0.97 6.01 45.83
C ASN D 583 -0.72 6.10 44.33
N TRP D 584 -1.23 7.16 43.70
CA TRP D 584 -1.08 7.31 42.26
C TRP D 584 0.39 7.49 41.87
N LYS D 585 1.20 8.05 42.77
CA LYS D 585 2.60 8.25 42.46
C LYS D 585 3.32 6.92 42.27
N GLU D 586 3.03 5.94 43.12
CA GLU D 586 3.66 4.63 42.99
C GLU D 586 3.25 3.95 41.69
N LEU D 587 1.96 4.02 41.33
CA LEU D 587 1.51 3.43 40.08
C LEU D 587 2.16 4.09 38.88
N PHE D 588 2.27 5.42 38.89
CA PHE D 588 2.91 6.11 37.79
C PHE D 588 4.40 5.80 37.72
N GLU D 589 5.05 5.65 38.86
CA GLU D 589 6.45 5.25 38.87
C GLU D 589 6.63 3.86 38.32
N MET D 590 5.74 2.93 38.67
CA MET D 590 5.80 1.59 38.12
C MET D 590 5.61 1.60 36.61
N LEU D 591 4.63 2.35 36.12
CA LEU D 591 4.31 2.31 34.70
C LEU D 591 5.32 3.06 33.84
N MET D 592 5.87 4.15 34.37
CA MET D 592 6.68 5.05 33.57
C MET D 592 8.08 5.30 34.14
N GLY D 593 8.44 4.65 35.23
CA GLY D 593 9.75 4.83 35.81
C GLY D 593 10.83 4.12 35.01
N ASP D 594 12.08 4.40 35.38
CA ASP D 594 13.23 3.89 34.65
C ASP D 594 13.57 2.45 35.01
N ASN D 595 12.96 1.87 36.03
CA ASN D 595 13.23 0.50 36.45
C ASN D 595 12.22 -0.43 35.79
N ALA D 596 12.70 -1.30 34.91
CA ALA D 596 11.85 -2.25 34.21
C ALA D 596 11.53 -3.50 35.02
N ASP D 597 12.25 -3.74 36.11
CA ASP D 597 11.95 -4.89 36.96
C ASP D 597 10.59 -4.75 37.64
N LEU D 598 10.22 -3.53 38.01
CA LEU D 598 8.88 -3.29 38.53
C LEU D 598 7.82 -3.61 37.50
N ARG D 599 8.08 -3.24 36.23
CA ARG D 599 7.15 -3.59 35.16
C ARG D 599 7.06 -5.10 34.96
N LYS D 600 8.20 -5.80 35.05
CA LYS D 600 8.18 -7.25 34.93
C LYS D 600 7.37 -7.88 36.05
N GLU D 601 7.55 -7.40 37.29
CA GLU D 601 6.78 -7.94 38.41
C GLU D 601 5.30 -7.65 38.26
N TRP D 602 4.96 -6.46 37.77
CA TRP D 602 3.56 -6.09 37.54
C TRP D 602 2.93 -6.96 36.46
N MET D 603 3.68 -7.26 35.40
CA MET D 603 3.17 -8.03 34.29
C MET D 603 3.10 -9.52 34.59
N SER D 604 3.78 -9.99 35.64
CA SER D 604 3.86 -11.41 35.97
C SER D 604 2.84 -11.81 37.03
N GLN D 605 1.67 -11.16 37.04
CA GLN D 605 0.64 -11.49 38.01
C GLN D 605 -0.74 -11.10 37.49
#